data_8RN4
#
_entry.id   8RN4
#
_cell.length_a   1.00
_cell.length_b   1.00
_cell.length_c   1.00
_cell.angle_alpha   90.00
_cell.angle_beta   90.00
_cell.angle_gamma   90.00
#
_symmetry.space_group_name_H-M   'P 1'
#
loop_
_entity.id
_entity.type
_entity.pdbx_description
1 polymer 'Polymerase acidic protein'
2 polymer 'RNA-directed RNA polymerase catalytic subunit'
3 polymer 'Polymerase basic protein 2'
4 non-polymer 'MAGNESIUM ION'
#
loop_
_entity_poly.entity_id
_entity_poly.type
_entity_poly.pdbx_seq_one_letter_code
_entity_poly.pdbx_strand_id
1 'polypeptide(L)'
;MDTFITRNFQTTIIQKAKNTMAEFSEDPELQPAMLFNICVHLEVCYVISDMNFLDEEGKAYTALEGQGKEQNLRPQYEVI
EGMPRTIAWMVQRSLAQEHGIETPKYLADLFDYKTKRFIEVGITKGLADDYFWKKKEKLGNSMELMIFSYNQDYSLSNES
SLDEEGKGRVLSRLTELQAELSLKNLWQVLIGEEDVEKGIDFKLGQTISRLRDISVPAGFSNFEGMRSYIDNIDPKGAIE
RNLARMSPLVSVTPKKLTWEDLRPIGPHIYNHELPEVPYNAFLLMSDELGLANMTEGKSKKPKTLAKECLEKYSTLRDQT
DPILIMKSEKANENFLWKLWRDCVNTISNEEMSNELQKTNYAKWATGDGLTYQKIMKEVAIDDETMCQEEPKIPNKCRVA
AWVQTEMNLLSTLTSKRALDLPEIGPDVAPVEHVGSERRKYFVNEINYCKASTVMMKYVLFHTSLLNESNASMGKYKVIP
ITNRVVNEKGESFDMLYGLAVKGQSHLRGDTDVVTVVTFEFSSTDPRVDSGKWPKYTVFRIGSLFVSGREKSVYLYCRVN
GTNKIQMKWGMEARRCLLQSMQQMEAIVEQESSIQGYDMTKACFKGDRVNSPKTFSIGTQEGKLVKGSFGKALRVIFTKC
LMHYVFGNAQLEGFSAESRRLLLLIQALKDRKGPWVFDLEGMYSGIEECISNNPWVIQSAYWFNEWLGFEKEGSKVLESV
DEIMDE
;
A,D
2 'polypeptide(L)'
;MNINPYFLFIDVPIQAAISTTFPYTGVPPYSHGTGTGYTIDTVIRTHEYSNKGKQYISDVTGCTMVDPTNGPLPEDNEPS
AYAQLDCVLEALDRMDEEHPGLFQAASQNAMETLMVTTVDKLTQGRQTFDWTVCRNQPAATALNTTITSFRLNDLNGADK
GGLIPFCQDIIDSLDRPEMTFFSVKNIKKKLPAKNRKGFLIKRIPMKVKDKITKVEYIKRALSLNTMTKDAERGKLKRRA
IATAGIQIRGFVLVVENLAKNICENLEQSGLPVGGNEKKAKLSNAVAKMLSNCPPGGISMTVTGDNTKWNECLNPRIFLA
MTERITRDSPIWFRDFCSIAPVLFSNKIARLGKGFMITSKTKRLKAQIPCPDLFSIPLERYNEETRAKLKKLKPFFNEEG
TASLSPGMMMGMFNMLSTVLGVAALGIKNIGNKEYLWDGLQSSDDFALFVNAKDEETCMEGINDFYRTCKLLGINMSKKK
SYCNETGMFEFTSMFYRDGFVSNFAMELPSFGVAGVNESADMAIGMTIIKNNMINNGMGPATAQTAIQLFIADYRYTYKC
HRGDSKVEGKRMKIIKELWENTKGRDGLLVADGGPNIYNLRNLHIPEIVLKYNLMDPEYKGRLLHPQNPFVGHLSIEGIK
EADITPAHGPVKKMDYDAVSGTHSWRTKRNRSILNTDQRNMILEEQCYAKCCNLFEACFNSASYRKPVGQHSMLEAMAHR
LRMDARLDYESGRMSKDDFEKAMAHLGEIGYI
;
B,E
3 'polypeptide(L)'
;MTLAKIELLKQLLRDNEAKTVLKQTTVDQYNIIRKFNTSRIEKNPSLRMKWAMCSNFPLALTKGDMANRIPLEYKGIQLK
TNAEDIGTKGQMCSIAAVTWWNTYGPIGDTEGFERVYESFFLRKMRLDNATWGRITFGPVERVRKRVLLNPLTKEMPPDE
ASNVIMEILFPKEAGIPRESTWIHRELIKEKREKLKGTMITPIVLAYMLERELVARRRFLPVAGATSAEFIEMLHCLQGE
NWRQIYHPGGNKLTESRSQSMIVACRKIIRRSIVASNPLELAVEIANKTVIDTEPLKSCLAAIDGGDVACDIIRAALGLK
IRQRQRFGRLELKRISGRGFKNDEEILIGNGTIQKIGIWDGEEEFHVRCGECRGILKKSKMKLEKLLINSAKKEDMRDLI
ILCMVFSQDTRMFQGVRGEINFLNRAGQLLSPMYQLQRYFLNRSNDLFDQWGYEESPKASELHGINESMNASDYTLKGVV
VTRNVIDDFSSTETEKVSITKNLSLIKRTGEVIMGANDVSELESQAQLMITYDTPKMWEMGTTKELVQNTYQWVLKNLVT
LKAQFLLGKEDMFQWDAFEAFESIIPQKMAGQYSGFARAVLKQMRDQEVMKTDQFIKLLPFCFSPPKLRSNGEPYQFLKL
VLKGGGENFIEVRKGSPLFSYNPQTEVLTICGRMMSLKGKIEDEERNRSMGNAVLAGFLVSGKYDPDLGDFKTIEELEKL
KPGEKANILLYQGKPVKVVKRKRYSALSNDISQGIKRQRMTVESMGWALSGWSHPQFEKGGGSGGGSGGSAWSHPQFEK
;
C
#
loop_
_chem_comp.id
_chem_comp.type
_chem_comp.name
_chem_comp.formula
MG non-polymer 'MAGNESIUM ION' 'Mg 2'
#
# COMPACT_ATOMS: atom_id res chain seq x y z
N MET A 1 37.50 -42.72 -7.48
CA MET A 1 38.15 -41.48 -8.00
C MET A 1 38.30 -40.44 -6.89
N ASP A 2 37.29 -40.33 -6.03
CA ASP A 2 37.32 -39.35 -4.97
C ASP A 2 38.58 -39.47 -4.13
N THR A 3 38.99 -40.71 -3.83
CA THR A 3 40.23 -40.91 -3.09
C THR A 3 41.42 -40.38 -3.86
N PHE A 4 41.45 -40.61 -5.18
CA PHE A 4 42.54 -40.10 -6.01
C PHE A 4 42.61 -38.57 -5.95
N ILE A 5 41.45 -37.91 -6.05
CA ILE A 5 41.43 -36.45 -6.01
C ILE A 5 41.89 -35.95 -4.65
N THR A 6 41.41 -36.58 -3.58
CA THR A 6 41.79 -36.16 -2.24
C THR A 6 43.28 -36.32 -2.02
N ARG A 7 43.86 -37.43 -2.49
CA ARG A 7 45.29 -37.68 -2.29
C ARG A 7 46.13 -36.73 -3.12
N ASN A 8 45.79 -36.57 -4.40
CA ASN A 8 46.66 -35.88 -5.35
C ASN A 8 46.41 -34.38 -5.42
N PHE A 9 45.40 -33.86 -4.73
CA PHE A 9 45.09 -32.44 -4.78
C PHE A 9 44.76 -31.93 -3.38
N GLN A 10 45.06 -30.66 -3.15
CA GLN A 10 44.82 -30.04 -1.86
C GLN A 10 43.33 -29.80 -1.66
N THR A 11 42.96 -29.53 -0.40
CA THR A 11 41.56 -29.26 -0.09
C THR A 11 41.07 -28.00 -0.78
N THR A 12 41.92 -26.97 -0.85
CA THR A 12 41.50 -25.71 -1.46
C THR A 12 41.17 -25.92 -2.94
N ILE A 13 42.01 -26.68 -3.65
CA ILE A 13 41.77 -26.91 -5.07
C ILE A 13 40.46 -27.66 -5.28
N ILE A 14 40.21 -28.69 -4.45
CA ILE A 14 38.97 -29.44 -4.56
C ILE A 14 37.77 -28.55 -4.30
N GLN A 15 37.86 -27.71 -3.26
CA GLN A 15 36.76 -26.79 -2.96
C GLN A 15 36.51 -25.84 -4.12
N LYS A 16 37.57 -25.29 -4.70
CA LYS A 16 37.41 -24.37 -5.82
C LYS A 16 36.79 -25.08 -7.02
N ALA A 17 37.23 -26.31 -7.31
CA ALA A 17 36.65 -27.05 -8.41
C ALA A 17 35.16 -27.33 -8.18
N LYS A 18 34.81 -27.70 -6.94
CA LYS A 18 33.40 -27.96 -6.63
C LYS A 18 32.58 -26.69 -6.78
N ASN A 19 33.10 -25.54 -6.33
CA ASN A 19 32.39 -24.28 -6.50
C ASN A 19 32.22 -23.94 -7.97
N THR A 20 33.27 -24.13 -8.76
CA THR A 20 33.19 -23.85 -10.19
C THR A 20 32.13 -24.72 -10.85
N MET A 21 32.09 -26.00 -10.49
CA MET A 21 31.07 -26.88 -11.05
C MET A 21 29.67 -26.46 -10.62
N ALA A 22 29.53 -26.04 -9.36
CA ALA A 22 28.23 -25.56 -8.90
C ALA A 22 27.78 -24.34 -9.71
N GLU A 23 28.72 -23.46 -10.05
CA GLU A 23 28.38 -22.31 -10.90
C GLU A 23 27.80 -22.77 -12.23
N PHE A 24 28.25 -23.91 -12.74
CA PHE A 24 27.78 -24.45 -14.01
C PHE A 24 26.64 -25.45 -13.86
N SER A 25 26.16 -25.65 -12.63
CA SER A 25 25.03 -26.55 -12.38
C SER A 25 25.36 -27.98 -12.80
N GLU A 26 26.60 -28.39 -12.56
CA GLU A 26 27.05 -29.74 -12.85
C GLU A 26 27.42 -30.44 -11.55
N ASP A 27 26.91 -31.66 -11.37
CA ASP A 27 27.14 -32.38 -10.13
C ASP A 27 28.55 -32.97 -10.12
N PRO A 28 29.40 -32.63 -9.14
CA PRO A 28 30.73 -33.25 -9.10
C PRO A 28 30.69 -34.76 -8.92
N GLU A 29 29.72 -35.29 -8.18
CA GLU A 29 29.66 -36.72 -7.94
C GLU A 29 29.41 -37.50 -9.22
N LEU A 30 28.56 -36.98 -10.12
CA LEU A 30 28.20 -37.68 -11.33
C LEU A 30 29.21 -37.50 -12.46
N GLN A 31 30.13 -36.54 -12.35
CA GLN A 31 31.13 -36.27 -13.39
C GLN A 31 32.51 -36.12 -12.73
N PRO A 32 33.04 -37.21 -12.17
CA PRO A 32 34.39 -37.12 -11.58
C PRO A 32 35.46 -36.71 -12.57
N ALA A 33 35.31 -37.08 -13.85
CA ALA A 33 36.33 -36.76 -14.84
C ALA A 33 36.50 -35.24 -14.98
N MET A 34 35.39 -34.52 -15.08
CA MET A 34 35.48 -33.06 -15.19
C MET A 34 35.99 -32.45 -13.89
N LEU A 35 35.64 -33.04 -12.75
CA LEU A 35 36.20 -32.58 -11.48
C LEU A 35 37.72 -32.66 -11.51
N PHE A 36 38.24 -33.81 -11.94
CA PHE A 36 39.70 -33.98 -12.01
C PHE A 36 40.31 -33.00 -13.01
N ASN A 37 39.66 -32.81 -14.15
CA ASN A 37 40.20 -31.89 -15.15
C ASN A 37 40.29 -30.48 -14.59
N ILE A 38 39.24 -30.02 -13.93
CA ILE A 38 39.24 -28.67 -13.36
C ILE A 38 40.29 -28.56 -12.26
N CYS A 39 40.41 -29.59 -11.43
CA CYS A 39 41.42 -29.56 -10.37
C CYS A 39 42.82 -29.48 -10.96
N VAL A 40 43.09 -30.25 -12.00
CA VAL A 40 44.41 -30.22 -12.62
C VAL A 40 44.68 -28.85 -13.23
N HIS A 41 43.69 -28.28 -13.93
CA HIS A 41 43.88 -26.97 -14.52
C HIS A 41 44.16 -25.92 -13.46
N LEU A 42 43.41 -25.94 -12.36
CA LEU A 42 43.61 -24.96 -11.30
C LEU A 42 44.97 -25.14 -10.65
N GLU A 43 45.38 -26.39 -10.41
CA GLU A 43 46.68 -26.64 -9.79
C GLU A 43 47.81 -26.15 -10.68
N VAL A 44 47.74 -26.44 -11.98
CA VAL A 44 48.80 -25.98 -12.87
C VAL A 44 48.80 -24.46 -12.94
N CYS A 45 47.62 -23.84 -12.93
CA CYS A 45 47.57 -22.39 -12.97
C CYS A 45 48.25 -21.78 -11.75
N TYR A 46 47.98 -22.32 -10.56
CA TYR A 46 48.69 -21.85 -9.37
C TYR A 46 50.19 -22.10 -9.50
N VAL A 47 50.57 -23.25 -10.07
CA VAL A 47 51.98 -23.57 -10.22
C VAL A 47 52.68 -22.50 -11.05
N ILE A 48 52.06 -22.09 -12.17
CA ILE A 48 52.64 -21.02 -12.97
C ILE A 48 52.65 -19.72 -12.18
N SER A 49 51.56 -19.42 -11.48
CA SER A 49 51.49 -18.18 -10.72
C SER A 49 52.55 -18.13 -9.62
N ASP A 50 52.73 -19.24 -8.90
CA ASP A 50 53.61 -19.26 -7.76
C ASP A 50 55.08 -19.14 -8.20
N MET A 51 55.93 -18.84 -7.23
CA MET A 51 57.38 -18.74 -7.45
C MET A 51 57.73 -17.63 -8.44
N ASN A 52 56.94 -16.56 -8.44
CA ASN A 52 57.20 -15.41 -9.30
C ASN A 52 56.75 -14.15 -8.60
N PHE A 53 57.64 -13.16 -8.52
CA PHE A 53 57.34 -11.88 -7.88
C PHE A 53 58.05 -10.77 -8.64
N LEU A 54 57.53 -9.55 -8.47
CA LEU A 54 58.06 -8.37 -9.13
C LEU A 54 58.80 -7.51 -8.11
N ASP A 55 60.06 -7.17 -8.42
CA ASP A 55 60.84 -6.31 -7.57
C ASP A 55 60.42 -4.86 -7.74
N GLU A 56 61.07 -3.96 -7.00
CA GLU A 56 60.74 -2.54 -7.10
C GLU A 56 60.95 -2.02 -8.52
N GLU A 57 61.90 -2.60 -9.25
CA GLU A 57 62.18 -2.17 -10.62
C GLU A 57 61.20 -2.74 -11.64
N GLY A 58 60.31 -3.63 -11.22
CA GLY A 58 59.36 -4.23 -12.15
C GLY A 58 59.88 -5.42 -12.91
N LYS A 59 61.05 -5.95 -12.54
CA LYS A 59 61.63 -7.10 -13.21
C LYS A 59 61.26 -8.38 -12.48
N ALA A 60 60.95 -9.42 -13.24
CA ALA A 60 60.57 -10.70 -12.65
C ALA A 60 61.69 -11.23 -11.76
N TYR A 61 61.30 -11.75 -10.60
CA TYR A 61 62.27 -12.27 -9.64
C TYR A 61 61.58 -13.31 -8.77
N THR A 62 62.39 -14.12 -8.11
CA THR A 62 61.91 -15.18 -7.22
C THR A 62 62.10 -14.77 -5.78
N ALA A 63 61.03 -14.87 -5.00
CA ALA A 63 61.07 -14.49 -3.58
C ALA A 63 60.97 -15.73 -2.70
N LEU A 73 55.26 -7.04 -1.58
CA LEU A 73 55.57 -8.11 -2.52
C LEU A 73 54.51 -8.19 -3.60
N ARG A 74 54.93 -8.04 -4.86
CA ARG A 74 54.03 -8.08 -6.00
C ARG A 74 54.22 -9.38 -6.77
N PRO A 75 53.28 -10.33 -6.73
CA PRO A 75 53.41 -11.51 -7.58
C PRO A 75 53.44 -11.13 -9.05
N GLN A 76 54.29 -11.82 -9.81
CA GLN A 76 54.40 -11.54 -11.24
C GLN A 76 53.15 -11.95 -12.01
N TYR A 77 52.30 -12.79 -11.42
CA TYR A 77 51.09 -13.25 -12.08
C TYR A 77 49.90 -13.08 -11.14
N GLU A 78 48.75 -12.78 -11.74
CA GLU A 78 47.48 -12.70 -11.04
C GLU A 78 46.59 -13.84 -11.53
N VAL A 79 46.09 -14.65 -10.61
CA VAL A 79 45.30 -15.81 -10.95
C VAL A 79 43.84 -15.40 -11.06
N ILE A 80 43.22 -15.74 -12.19
CA ILE A 80 41.80 -15.48 -12.40
C ILE A 80 40.97 -16.76 -12.36
N GLU A 81 41.55 -17.91 -12.71
CA GLU A 81 40.82 -19.16 -12.62
C GLU A 81 40.67 -19.57 -11.16
N GLY A 82 39.51 -20.15 -10.85
CA GLY A 82 39.19 -20.59 -9.51
C GLY A 82 38.36 -19.61 -8.71
N MET A 83 38.35 -18.34 -9.09
CA MET A 83 37.54 -17.34 -8.41
C MET A 83 36.09 -17.42 -8.91
N PRO A 84 35.15 -16.90 -8.13
CA PRO A 84 33.76 -16.87 -8.60
C PRO A 84 33.62 -16.05 -9.88
N ARG A 85 32.65 -16.44 -10.71
CA ARG A 85 32.50 -15.79 -12.00
C ARG A 85 32.36 -14.29 -11.87
N THR A 86 31.58 -13.81 -10.90
CA THR A 86 31.42 -12.38 -10.71
C THR A 86 32.72 -11.74 -10.27
N ILE A 87 33.37 -12.33 -9.26
CA ILE A 87 34.64 -11.79 -8.78
C ILE A 87 35.70 -11.87 -9.87
N ALA A 88 35.75 -12.99 -10.59
CA ALA A 88 36.72 -13.15 -11.66
C ALA A 88 36.52 -12.09 -12.74
N TRP A 89 35.27 -11.87 -13.13
CA TRP A 89 34.98 -10.85 -14.15
C TRP A 89 35.33 -9.46 -13.64
N MET A 90 35.05 -9.18 -12.36
CA MET A 90 35.38 -7.88 -11.81
C MET A 90 36.88 -7.64 -11.82
N VAL A 91 37.66 -8.64 -11.40
CA VAL A 91 39.11 -8.47 -11.36
C VAL A 91 39.66 -8.34 -12.77
N GLN A 92 39.14 -9.11 -13.72
CA GLN A 92 39.61 -9.01 -15.10
C GLN A 92 39.30 -7.64 -15.68
N ARG A 93 38.08 -7.13 -15.45
CA ARG A 93 37.72 -5.82 -15.97
C ARG A 93 38.57 -4.73 -15.33
N SER A 94 38.80 -4.81 -14.02
CA SER A 94 39.63 -3.81 -13.36
C SER A 94 41.06 -3.85 -13.89
N LEU A 95 41.61 -5.05 -14.08
CA LEU A 95 42.96 -5.15 -14.63
C LEU A 95 43.02 -4.55 -16.02
N ALA A 96 42.02 -4.82 -16.85
CA ALA A 96 41.98 -4.25 -18.20
C ALA A 96 41.93 -2.73 -18.15
N GLN A 97 41.06 -2.19 -17.29
CA GLN A 97 40.90 -0.74 -17.21
C GLN A 97 42.18 -0.06 -16.71
N GLU A 98 42.80 -0.63 -15.68
CA GLU A 98 43.99 0.01 -15.10
C GLU A 98 45.11 0.14 -16.12
N HIS A 99 45.35 -0.92 -16.89
CA HIS A 99 46.46 -0.96 -17.83
C HIS A 99 46.09 -0.47 -19.22
N GLY A 100 44.85 -0.05 -19.43
CA GLY A 100 44.43 0.40 -20.74
C GLY A 100 44.50 -0.70 -21.80
N ILE A 101 44.10 -1.91 -21.43
CA ILE A 101 44.12 -3.06 -22.32
C ILE A 101 42.67 -3.45 -22.64
N GLU A 102 42.42 -3.83 -23.89
CA GLU A 102 41.10 -4.28 -24.28
C GLU A 102 40.67 -5.46 -23.41
N THR A 103 39.45 -5.41 -22.91
CA THR A 103 38.94 -6.47 -22.06
C THR A 103 38.60 -7.69 -22.94
N PRO A 104 39.23 -8.84 -22.74
CA PRO A 104 38.91 -10.00 -23.57
C PRO A 104 37.47 -10.45 -23.37
N LYS A 105 36.87 -10.94 -24.45
CA LYS A 105 35.49 -11.40 -24.38
C LYS A 105 35.35 -12.57 -23.42
N TYR A 106 36.28 -13.51 -23.47
CA TYR A 106 36.21 -14.73 -22.68
C TYR A 106 37.07 -14.60 -21.43
N LEU A 107 36.59 -15.17 -20.33
CA LEU A 107 37.28 -15.05 -19.06
C LEU A 107 38.66 -15.69 -19.13
N ALA A 108 39.69 -14.92 -18.77
CA ALA A 108 41.05 -15.40 -18.80
C ALA A 108 41.33 -16.30 -17.60
N ASP A 109 42.47 -16.99 -17.65
CA ASP A 109 42.92 -17.84 -16.56
C ASP A 109 44.10 -17.29 -15.80
N LEU A 110 44.83 -16.33 -16.36
CA LEU A 110 45.99 -15.74 -15.70
C LEU A 110 46.24 -14.36 -16.30
N PHE A 111 46.96 -13.53 -15.55
CA PHE A 111 47.35 -12.22 -16.02
C PHE A 111 48.80 -11.96 -15.66
N ASP A 112 49.57 -11.44 -16.61
CA ASP A 112 50.98 -11.14 -16.43
C ASP A 112 51.16 -9.63 -16.39
N TYR A 113 51.67 -9.13 -15.26
CA TYR A 113 51.94 -7.70 -15.13
C TYR A 113 53.19 -7.29 -15.89
N LYS A 114 54.18 -8.18 -16.02
CA LYS A 114 55.40 -7.84 -16.74
C LYS A 114 55.08 -7.39 -18.16
N THR A 115 54.31 -8.19 -18.89
CA THR A 115 53.83 -7.82 -20.21
C THR A 115 52.43 -7.21 -20.19
N LYS A 116 51.76 -7.23 -19.03
CA LYS A 116 50.41 -6.68 -18.91
C LYS A 116 49.46 -7.35 -19.92
N ARG A 117 49.51 -8.68 -19.96
CA ARG A 117 48.76 -9.46 -20.94
C ARG A 117 48.00 -10.58 -20.25
N PHE A 118 46.81 -10.88 -20.78
CA PHE A 118 46.00 -11.98 -20.29
C PHE A 118 46.44 -13.28 -20.96
N ILE A 119 46.50 -14.35 -20.17
CA ILE A 119 46.96 -15.65 -20.63
C ILE A 119 45.92 -16.70 -20.29
N GLU A 120 45.68 -17.61 -21.24
CA GLU A 120 44.74 -18.72 -21.05
C GLU A 120 45.52 -20.02 -20.97
N VAL A 121 45.23 -20.82 -19.95
CA VAL A 121 45.92 -22.07 -19.69
C VAL A 121 44.99 -23.23 -20.08
N GLY A 122 45.49 -24.13 -20.91
CA GLY A 122 44.72 -25.27 -21.36
C GLY A 122 45.54 -26.54 -21.30
N ILE A 123 44.83 -27.65 -21.09
CA ILE A 123 45.45 -28.97 -21.01
C ILE A 123 44.68 -29.91 -21.93
N THR A 124 45.41 -30.73 -22.69
CA THR A 124 44.80 -31.64 -23.65
C THR A 124 45.59 -32.95 -23.66
N LYS A 125 44.90 -34.02 -24.06
CA LYS A 125 45.55 -35.32 -24.20
C LYS A 125 46.23 -35.47 -25.55
N GLY A 126 45.72 -34.80 -26.58
CA GLY A 126 46.27 -34.91 -27.91
C GLY A 126 47.45 -33.98 -28.13
N LEU A 127 47.82 -33.82 -29.40
CA LEU A 127 48.95 -32.97 -29.74
C LEU A 127 48.69 -31.54 -29.31
N ALA A 128 49.73 -30.91 -28.74
CA ALA A 128 49.58 -29.56 -28.22
C ALA A 128 49.24 -28.56 -29.31
N ASP A 129 49.80 -28.75 -30.52
CA ASP A 129 49.58 -27.78 -31.58
C ASP A 129 48.11 -27.72 -32.00
N ASP A 130 47.45 -28.89 -32.07
CA ASP A 130 46.05 -28.91 -32.49
C ASP A 130 45.18 -28.13 -31.52
N TYR A 131 45.34 -28.39 -30.22
CA TYR A 131 44.56 -27.66 -29.22
C TYR A 131 44.94 -26.18 -29.21
N PHE A 132 46.22 -25.86 -29.42
CA PHE A 132 46.63 -24.47 -29.47
C PHE A 132 45.93 -23.73 -30.59
N TRP A 133 45.88 -24.35 -31.78
CA TRP A 133 45.21 -23.72 -32.91
C TRP A 133 43.71 -23.62 -32.68
N LYS A 134 43.10 -24.66 -32.09
CA LYS A 134 41.68 -24.60 -31.78
C LYS A 134 41.37 -23.44 -30.84
N LYS A 135 42.17 -23.30 -29.78
CA LYS A 135 41.96 -22.23 -28.82
C LYS A 135 42.19 -20.87 -29.45
N LYS A 136 43.21 -20.75 -30.31
CA LYS A 136 43.44 -19.49 -31.00
C LYS A 136 42.27 -19.12 -31.89
N GLU A 137 41.71 -20.10 -32.60
CA GLU A 137 40.54 -19.84 -33.42
C GLU A 137 39.36 -19.40 -32.57
N LYS A 138 39.14 -20.07 -31.44
CA LYS A 138 38.01 -19.73 -30.58
C LYS A 138 38.17 -18.33 -29.98
N LEU A 139 39.37 -17.98 -29.55
CA LEU A 139 39.62 -16.73 -28.82
C LEU A 139 40.28 -15.66 -29.68
N GLY A 140 41.18 -16.05 -30.57
CA GLY A 140 41.93 -15.08 -31.35
C GLY A 140 43.26 -14.74 -30.71
N ASN A 141 43.84 -13.62 -31.17
CA ASN A 141 45.13 -13.17 -30.71
C ASN A 141 45.05 -12.21 -29.53
N SER A 142 43.85 -11.95 -29.01
CA SER A 142 43.71 -11.03 -27.89
C SER A 142 44.42 -11.56 -26.65
N MET A 143 44.31 -12.86 -26.39
CA MET A 143 44.84 -13.48 -25.18
C MET A 143 45.99 -14.40 -25.55
N GLU A 144 47.09 -14.31 -24.78
CA GLU A 144 48.20 -15.22 -24.97
C GLU A 144 47.78 -16.65 -24.63
N LEU A 145 48.28 -17.60 -25.41
CA LEU A 145 47.89 -19.00 -25.29
C LEU A 145 49.09 -19.83 -24.83
N MET A 146 48.83 -20.73 -23.88
CA MET A 146 49.81 -21.72 -23.45
C MET A 146 49.07 -23.00 -23.13
N ILE A 147 49.43 -24.09 -23.81
CA ILE A 147 48.76 -25.37 -23.70
C ILE A 147 49.79 -26.43 -23.34
N PHE A 148 49.45 -27.26 -22.35
CA PHE A 148 50.31 -28.34 -21.91
C PHE A 148 49.63 -29.68 -22.18
N SER A 149 50.44 -30.71 -22.42
CA SER A 149 49.95 -32.05 -22.66
C SER A 149 50.71 -33.03 -21.79
N TYR A 150 50.02 -34.13 -21.45
CA TYR A 150 50.62 -35.15 -20.59
C TYR A 150 51.72 -35.94 -21.29
N ASN A 151 51.88 -35.77 -22.60
CA ASN A 151 52.95 -36.43 -23.35
C ASN A 151 54.22 -35.58 -23.41
N GLN A 152 54.42 -34.70 -22.42
CA GLN A 152 55.64 -33.89 -22.33
C GLN A 152 55.84 -33.05 -23.58
N ASP A 153 54.75 -32.51 -24.12
CA ASP A 153 54.80 -31.57 -25.23
C ASP A 153 53.93 -30.38 -24.89
N TYR A 154 54.45 -29.17 -25.14
CA TYR A 154 53.75 -27.93 -24.81
C TYR A 154 53.80 -26.98 -25.99
N SER A 155 52.80 -26.11 -26.07
CA SER A 155 52.71 -25.09 -27.11
C SER A 155 52.48 -23.75 -26.43
N LEU A 156 53.46 -22.86 -26.52
CA LEU A 156 53.40 -21.54 -25.89
C LEU A 156 53.44 -20.47 -26.97
N SER A 157 52.51 -19.52 -26.89
CA SER A 157 52.50 -18.42 -27.84
C SER A 157 53.76 -17.58 -27.71
N ASN A 158 54.21 -17.33 -26.49
CA ASN A 158 55.45 -16.62 -26.22
C ASN A 158 56.37 -17.53 -25.42
N GLU A 159 57.59 -17.71 -25.92
CA GLU A 159 58.53 -18.63 -25.28
C GLU A 159 59.27 -18.02 -24.11
N SER A 160 59.23 -16.69 -23.96
CA SER A 160 59.91 -16.01 -22.87
C SER A 160 59.03 -15.85 -21.63
N SER A 161 57.76 -16.23 -21.72
CA SER A 161 56.86 -16.07 -20.57
C SER A 161 57.31 -16.91 -19.39
N LEU A 162 57.73 -18.15 -19.64
CA LEU A 162 58.11 -19.09 -18.61
C LEU A 162 59.55 -19.55 -18.80
N ASP A 163 60.24 -19.76 -17.69
CA ASP A 163 61.60 -20.27 -17.72
C ASP A 163 61.59 -21.80 -17.74
N GLU A 164 62.78 -22.40 -17.79
CA GLU A 164 62.88 -23.85 -17.87
C GLU A 164 62.31 -24.51 -16.61
N GLU A 165 62.55 -23.91 -15.44
CA GLU A 165 62.15 -24.53 -14.18
C GLU A 165 60.65 -24.73 -14.12
N GLY A 166 59.88 -23.70 -14.42
CA GLY A 166 58.43 -23.80 -14.30
C GLY A 166 57.83 -24.81 -15.26
N LYS A 167 58.27 -24.75 -16.53
CA LYS A 167 57.75 -25.69 -17.52
C LYS A 167 58.12 -27.12 -17.15
N GLY A 168 59.36 -27.33 -16.70
CA GLY A 168 59.75 -28.66 -16.27
C GLY A 168 58.93 -29.15 -15.11
N ARG A 169 58.67 -28.29 -14.12
CA ARG A 169 57.88 -28.69 -12.96
C ARG A 169 56.46 -29.05 -13.35
N VAL A 170 55.82 -28.24 -14.19
CA VAL A 170 54.45 -28.53 -14.58
C VAL A 170 54.38 -29.80 -15.41
N LEU A 171 55.34 -29.99 -16.32
CA LEU A 171 55.36 -31.21 -17.12
C LEU A 171 55.58 -32.43 -16.24
N SER A 172 56.45 -32.32 -15.24
CA SER A 172 56.68 -33.43 -14.32
C SER A 172 55.42 -33.76 -13.53
N ARG A 173 54.70 -32.73 -13.06
CA ARG A 173 53.47 -32.97 -12.34
C ARG A 173 52.44 -33.66 -13.24
N LEU A 174 52.32 -33.22 -14.48
CA LEU A 174 51.38 -33.85 -15.41
C LEU A 174 51.77 -35.30 -15.66
N THR A 175 53.07 -35.56 -15.83
CA THR A 175 53.53 -36.93 -16.04
C THR A 175 53.22 -37.81 -14.84
N GLU A 176 53.44 -37.29 -13.62
CA GLU A 176 53.12 -38.05 -12.42
C GLU A 176 51.63 -38.35 -12.34
N LEU A 177 50.79 -37.36 -12.66
CA LEU A 177 49.35 -37.60 -12.64
C LEU A 177 48.96 -38.66 -13.66
N GLN A 178 49.52 -38.60 -14.87
CA GLN A 178 49.20 -39.60 -15.88
C GLN A 178 49.65 -40.98 -15.43
N ALA A 179 50.85 -41.08 -14.85
CA ALA A 179 51.35 -42.37 -14.39
C ALA A 179 50.46 -42.94 -13.29
N GLU A 180 50.05 -42.10 -12.34
CA GLU A 180 49.17 -42.58 -11.28
C GLU A 180 47.83 -43.03 -11.84
N LEU A 181 47.28 -42.28 -12.79
CA LEU A 181 46.02 -42.69 -13.40
C LEU A 181 46.17 -44.03 -14.11
N SER A 182 47.27 -44.22 -14.83
CA SER A 182 47.51 -45.49 -15.51
C SER A 182 47.64 -46.63 -14.51
N LEU A 183 48.30 -46.37 -13.38
CA LEU A 183 48.49 -47.41 -12.37
C LEU A 183 47.15 -47.90 -11.85
N LYS A 184 46.19 -46.99 -11.65
CA LYS A 184 44.86 -47.34 -11.16
C LYS A 184 43.90 -47.70 -12.29
N ASN A 185 44.39 -47.77 -13.53
CA ASN A 185 43.55 -48.10 -14.68
C ASN A 185 42.41 -47.09 -14.82
N LEU A 186 42.72 -45.82 -14.57
CA LEU A 186 41.74 -44.74 -14.69
C LEU A 186 41.93 -43.90 -15.93
N TRP A 187 43.15 -43.82 -16.46
CA TRP A 187 43.41 -42.95 -17.60
C TRP A 187 42.56 -43.34 -18.80
N GLN A 188 42.48 -44.64 -19.09
CA GLN A 188 41.60 -45.10 -20.17
C GLN A 188 40.14 -44.82 -19.85
N VAL A 189 39.74 -45.03 -18.59
CA VAL A 189 38.35 -44.77 -18.20
C VAL A 189 38.03 -43.29 -18.35
N LEU A 190 39.04 -42.43 -18.24
CA LEU A 190 38.83 -40.99 -18.36
C LEU A 190 38.34 -40.65 -19.77
N ILE A 191 37.08 -40.27 -19.90
CA ILE A 191 36.50 -39.95 -21.19
C ILE A 191 36.25 -38.45 -21.29
N LYS A 198 20.08 -33.48 -16.75
CA LYS A 198 19.55 -33.75 -15.43
C LYS A 198 18.43 -32.76 -15.10
N GLY A 199 18.75 -31.47 -15.15
CA GLY A 199 17.73 -30.46 -14.93
C GLY A 199 17.26 -30.41 -13.50
N ILE A 200 15.98 -30.07 -13.33
CA ILE A 200 15.38 -29.86 -12.02
C ILE A 200 14.74 -31.15 -11.53
N ASP A 201 15.00 -31.49 -10.28
CA ASP A 201 14.42 -32.67 -9.62
C ASP A 201 13.78 -32.20 -8.32
N PHE A 202 12.53 -31.77 -8.39
CA PHE A 202 11.80 -31.27 -7.22
C PHE A 202 11.07 -32.46 -6.59
N LYS A 203 11.77 -33.13 -5.67
CA LYS A 203 11.20 -34.29 -5.00
C LYS A 203 10.27 -33.86 -3.88
N LEU A 204 9.16 -34.59 -3.73
CA LEU A 204 8.22 -34.35 -2.65
C LEU A 204 8.57 -35.24 -1.46
N GLY A 205 8.34 -34.72 -0.26
CA GLY A 205 8.65 -35.40 0.96
C GLY A 205 7.56 -36.37 1.38
N GLN A 206 7.60 -36.73 2.66
CA GLN A 206 6.60 -37.64 3.23
C GLN A 206 5.40 -36.88 3.80
N THR A 207 5.63 -35.75 4.46
CA THR A 207 4.53 -34.99 5.04
C THR A 207 3.69 -34.33 3.94
N ILE A 208 4.34 -33.67 2.99
CA ILE A 208 3.62 -32.97 1.94
C ILE A 208 2.84 -33.96 1.09
N SER A 209 3.44 -35.11 0.79
CA SER A 209 2.73 -36.13 0.02
C SER A 209 1.52 -36.63 0.78
N ARG A 210 1.64 -36.83 2.09
CA ARG A 210 0.50 -37.29 2.87
C ARG A 210 -0.60 -36.25 2.91
N LEU A 211 -0.24 -34.97 3.03
CA LEU A 211 -1.25 -33.92 2.96
C LEU A 211 -1.93 -33.91 1.59
N ARG A 212 -1.15 -34.12 0.53
CA ARG A 212 -1.72 -34.19 -0.82
C ARG A 212 -2.72 -35.33 -0.94
N ASP A 213 -2.39 -36.49 -0.37
CA ASP A 213 -3.28 -37.65 -0.49
C ASP A 213 -4.62 -37.40 0.17
N ILE A 214 -4.65 -36.59 1.23
CA ILE A 214 -5.86 -36.35 2.00
C ILE A 214 -6.47 -34.99 1.68
N SER A 215 -6.12 -34.40 0.54
CA SER A 215 -6.70 -33.14 0.10
C SER A 215 -7.39 -33.29 -1.26
N VAL A 216 -7.85 -34.50 -1.57
CA VAL A 216 -8.46 -34.81 -2.86
C VAL A 216 -9.98 -34.76 -2.70
N PRO A 217 -10.74 -34.51 -3.77
CA PRO A 217 -12.20 -34.48 -3.64
C PRO A 217 -12.74 -35.85 -3.25
N ALA A 218 -14.01 -35.85 -2.84
CA ALA A 218 -14.66 -37.10 -2.47
C ALA A 218 -14.70 -38.06 -3.66
N GLY A 219 -14.37 -39.32 -3.41
CA GLY A 219 -14.35 -40.35 -4.44
C GLY A 219 -12.97 -40.78 -4.87
N PHE A 220 -11.92 -40.14 -4.36
CA PHE A 220 -10.54 -40.48 -4.69
C PHE A 220 -9.81 -40.92 -3.43
N SER A 221 -9.20 -42.10 -3.47
CA SER A 221 -8.49 -42.61 -2.30
C SER A 221 -7.15 -41.92 -2.10
N ASN A 222 -6.43 -41.60 -3.19
CA ASN A 222 -5.15 -40.93 -3.09
C ASN A 222 -5.02 -39.96 -4.25
N PHE A 223 -3.95 -39.16 -4.22
CA PHE A 223 -3.76 -38.14 -5.24
C PHE A 223 -3.46 -38.74 -6.60
N GLU A 224 -2.87 -39.94 -6.65
CA GLU A 224 -2.60 -40.57 -7.94
C GLU A 224 -3.89 -40.92 -8.67
N GLY A 225 -4.90 -41.38 -7.93
CA GLY A 225 -6.19 -41.64 -8.56
C GLY A 225 -6.81 -40.39 -9.13
N MET A 226 -6.76 -39.28 -8.39
CA MET A 226 -7.27 -38.02 -8.90
C MET A 226 -6.50 -37.57 -10.12
N ARG A 227 -5.16 -37.71 -10.09
CA ARG A 227 -4.34 -37.34 -11.24
C ARG A 227 -4.77 -38.12 -12.48
N SER A 228 -4.89 -39.44 -12.34
CA SER A 228 -5.27 -40.27 -13.49
C SER A 228 -6.67 -39.91 -13.98
N TYR A 229 -7.61 -39.72 -13.05
CA TYR A 229 -8.98 -39.40 -13.45
C TYR A 229 -9.05 -38.09 -14.21
N ILE A 230 -8.35 -37.07 -13.73
CA ILE A 230 -8.38 -35.78 -14.44
C ILE A 230 -7.63 -35.87 -15.76
N ASP A 231 -6.57 -36.68 -15.82
CA ASP A 231 -5.77 -36.76 -17.04
C ASP A 231 -6.45 -37.57 -18.13
N ASN A 232 -7.31 -38.53 -17.76
CA ASN A 232 -7.88 -39.45 -18.72
C ASN A 232 -9.38 -39.23 -18.94
N ILE A 233 -10.17 -39.25 -17.87
CA ILE A 233 -11.62 -39.18 -18.03
C ILE A 233 -12.01 -37.84 -18.63
N ASP A 234 -12.84 -37.89 -19.68
CA ASP A 234 -13.31 -36.70 -20.36
C ASP A 234 -14.81 -36.53 -20.10
N PRO A 235 -15.26 -35.42 -19.51
CA PRO A 235 -16.70 -35.22 -19.34
C PRO A 235 -17.33 -34.57 -20.56
N LYS A 236 -18.48 -35.09 -21.00
CA LYS A 236 -19.13 -34.68 -22.23
C LYS A 236 -20.62 -34.43 -21.98
N GLY A 237 -20.92 -33.61 -20.98
CA GLY A 237 -22.29 -33.30 -20.64
C GLY A 237 -22.62 -33.56 -19.19
N ALA A 238 -21.59 -33.51 -18.32
CA ALA A 238 -21.83 -33.64 -16.89
C ALA A 238 -22.69 -32.50 -16.37
N ILE A 239 -22.52 -31.30 -16.93
CA ILE A 239 -23.30 -30.15 -16.49
C ILE A 239 -24.78 -30.36 -16.81
N GLU A 240 -25.08 -30.85 -18.01
CA GLU A 240 -26.47 -31.12 -18.37
C GLU A 240 -27.07 -32.18 -17.47
N ARG A 241 -26.32 -33.26 -17.21
CA ARG A 241 -26.82 -34.31 -16.34
C ARG A 241 -27.12 -33.79 -14.95
N ASN A 242 -26.22 -32.97 -14.40
CA ASN A 242 -26.41 -32.44 -13.06
C ASN A 242 -27.58 -31.45 -13.01
N LEU A 243 -27.72 -30.62 -14.04
CA LEU A 243 -28.84 -29.68 -14.07
C LEU A 243 -30.17 -30.41 -14.16
N ALA A 244 -30.24 -31.47 -14.98
CA ALA A 244 -31.46 -32.27 -15.05
C ALA A 244 -31.73 -32.96 -13.72
N ARG A 245 -30.68 -33.46 -13.07
CA ARG A 245 -30.83 -34.16 -11.80
C ARG A 245 -31.07 -33.21 -10.63
N MET A 246 -30.72 -31.94 -10.78
CA MET A 246 -30.86 -30.99 -9.68
C MET A 246 -32.33 -30.60 -9.48
N SER A 247 -32.66 -30.28 -8.23
CA SER A 247 -34.04 -29.94 -7.90
C SER A 247 -34.44 -28.63 -8.57
N PRO A 248 -35.71 -28.47 -8.95
CA PRO A 248 -36.16 -27.21 -9.54
C PRO A 248 -36.40 -26.10 -8.53
N LEU A 249 -36.34 -26.40 -7.23
CA LEU A 249 -36.58 -25.38 -6.22
C LEU A 249 -35.49 -24.32 -6.18
N VAL A 250 -34.31 -24.61 -6.75
CA VAL A 250 -33.23 -23.64 -6.80
C VAL A 250 -33.29 -22.92 -8.15
N SER A 251 -33.39 -21.60 -8.10
CA SER A 251 -33.52 -20.80 -9.31
C SER A 251 -33.49 -19.33 -8.91
N VAL A 252 -33.16 -18.49 -9.90
CA VAL A 252 -33.16 -17.04 -9.66
C VAL A 252 -34.56 -16.51 -9.37
N THR A 253 -35.60 -17.29 -9.66
CA THR A 253 -36.99 -16.91 -9.47
C THR A 253 -37.20 -15.43 -9.85
N PRO A 254 -37.00 -15.08 -11.11
CA PRO A 254 -37.07 -13.66 -11.49
C PRO A 254 -38.49 -13.17 -11.63
N LYS A 255 -38.67 -11.87 -11.36
CA LYS A 255 -39.96 -11.23 -11.49
C LYS A 255 -39.76 -9.86 -12.14
N LYS A 256 -40.60 -9.54 -13.12
CA LYS A 256 -40.51 -8.25 -13.78
C LYS A 256 -40.76 -7.13 -12.79
N LEU A 257 -39.89 -6.12 -12.80
CA LEU A 257 -40.04 -5.00 -11.89
C LEU A 257 -41.00 -3.96 -12.46
N THR A 258 -41.86 -3.46 -11.60
CA THR A 258 -42.84 -2.44 -11.99
C THR A 258 -42.87 -1.35 -10.93
N TRP A 259 -43.44 -0.21 -11.28
CA TRP A 259 -43.55 0.89 -10.35
C TRP A 259 -44.32 0.49 -9.10
N GLU A 260 -45.27 -0.44 -9.23
CA GLU A 260 -46.03 -0.90 -8.06
C GLU A 260 -45.18 -1.77 -7.15
N ASP A 261 -44.21 -2.51 -7.71
CA ASP A 261 -43.34 -3.33 -6.89
C ASP A 261 -42.50 -2.46 -5.95
N LEU A 262 -42.00 -1.33 -6.45
CA LEU A 262 -41.22 -0.43 -5.62
C LEU A 262 -42.10 0.18 -4.54
N ARG A 263 -41.62 0.13 -3.31
CA ARG A 263 -42.37 0.59 -2.14
C ARG A 263 -41.45 1.44 -1.27
N PRO A 264 -42.02 2.23 -0.36
CA PRO A 264 -41.18 3.07 0.50
C PRO A 264 -40.18 2.23 1.28
N ILE A 265 -38.98 2.77 1.44
CA ILE A 265 -37.91 2.09 2.16
C ILE A 265 -37.96 2.53 3.62
N GLY A 266 -37.92 1.56 4.53
CA GLY A 266 -37.92 1.83 5.94
C GLY A 266 -39.16 2.56 6.40
N PRO A 267 -40.32 1.88 6.32
CA PRO A 267 -41.55 2.51 6.80
C PRO A 267 -41.54 2.84 8.28
N HIS A 268 -40.71 2.14 9.07
CA HIS A 268 -40.68 2.37 10.50
C HIS A 268 -40.28 3.80 10.85
N ILE A 269 -39.61 4.51 9.93
CA ILE A 269 -39.23 5.89 10.21
C ILE A 269 -40.45 6.79 10.30
N TYR A 270 -41.60 6.35 9.79
CA TYR A 270 -42.84 7.10 9.90
C TYR A 270 -43.61 6.77 11.17
N ASN A 271 -43.16 5.81 11.96
CA ASN A 271 -43.81 5.50 13.22
C ASN A 271 -43.59 6.63 14.22
N HIS A 272 -44.66 7.08 14.85
CA HIS A 272 -44.58 8.17 15.81
C HIS A 272 -44.28 7.69 17.24
N GLU A 273 -44.28 6.38 17.48
CA GLU A 273 -43.92 5.86 18.79
C GLU A 273 -42.42 5.91 19.01
N LEU A 274 -41.62 5.75 17.95
CA LEU A 274 -40.18 5.78 18.10
C LEU A 274 -39.71 7.19 18.45
N PRO A 275 -38.58 7.32 19.15
CA PRO A 275 -38.07 8.64 19.50
C PRO A 275 -37.54 9.37 18.28
N GLU A 276 -37.62 10.69 18.33
CA GLU A 276 -37.03 11.53 17.29
C GLU A 276 -35.52 11.33 17.28
N VAL A 277 -34.96 11.19 16.08
CA VAL A 277 -33.51 10.94 15.98
C VAL A 277 -32.77 12.16 16.52
N PRO A 278 -31.79 11.99 17.41
CA PRO A 278 -31.13 13.15 18.02
C PRO A 278 -29.96 13.66 17.19
N TYR A 279 -29.43 14.80 17.64
CA TYR A 279 -28.29 15.42 17.00
C TYR A 279 -27.01 14.81 17.56
N ASN A 280 -26.25 14.11 16.71
CA ASN A 280 -25.06 13.39 17.14
C ASN A 280 -23.81 13.82 16.37
N ALA A 281 -23.83 15.01 15.76
CA ALA A 281 -22.64 15.50 15.08
C ALA A 281 -21.62 15.99 16.11
N PHE A 282 -20.35 16.03 15.70
CA PHE A 282 -19.29 16.44 16.61
C PHE A 282 -19.45 17.89 17.03
N LEU A 283 -19.77 18.77 16.09
CA LEU A 283 -19.92 20.20 16.35
C LEU A 283 -21.22 20.70 15.76
N LEU A 284 -21.77 21.74 16.40
CA LEU A 284 -22.97 22.37 15.88
C LEU A 284 -22.70 22.92 14.49
N MET A 285 -23.61 22.65 13.55
CA MET A 285 -23.42 23.03 12.16
C MET A 285 -24.24 24.27 11.78
N SER A 286 -25.55 24.23 11.99
CA SER A 286 -26.42 25.35 11.67
C SER A 286 -26.71 26.24 12.87
N ASP A 287 -26.67 25.69 14.08
CA ASP A 287 -26.88 26.45 15.31
C ASP A 287 -25.60 27.06 15.85
N GLU A 288 -24.48 26.89 15.16
CA GLU A 288 -23.20 27.39 15.64
C GLU A 288 -23.24 28.91 15.79
N LEU A 289 -22.58 29.41 16.82
CA LEU A 289 -22.41 30.84 17.04
C LEU A 289 -20.91 31.11 17.17
N GLY A 290 -20.42 32.07 16.39
CA GLY A 290 -19.00 32.38 16.40
C GLY A 290 -18.70 33.79 16.85
N LEU A 291 -18.00 33.92 17.98
CA LEU A 291 -17.57 35.23 18.44
C LEU A 291 -16.50 35.76 17.49
N ALA A 292 -16.78 36.93 16.90
CA ALA A 292 -15.95 37.47 15.82
C ALA A 292 -15.04 38.57 16.35
N ASN A 293 -13.76 38.48 16.00
CA ASN A 293 -12.78 39.51 16.34
C ASN A 293 -12.04 39.89 15.07
N MET A 294 -12.23 41.13 14.61
CA MET A 294 -11.57 41.57 13.39
C MET A 294 -10.07 41.65 13.60
N THR A 295 -9.31 41.20 12.60
CA THR A 295 -7.86 41.18 12.68
C THR A 295 -7.26 41.72 11.39
N GLU A 296 -6.03 42.24 11.50
CA GLU A 296 -5.34 42.76 10.33
C GLU A 296 -5.04 41.67 9.31
N GLY A 297 -4.89 40.42 9.76
CA GLY A 297 -4.62 39.33 8.86
C GLY A 297 -3.47 38.45 9.30
N LYS A 298 -2.69 38.92 10.27
CA LYS A 298 -1.56 38.15 10.76
C LYS A 298 -2.02 36.83 11.36
N SER A 299 -1.22 35.79 11.15
CA SER A 299 -1.52 34.46 11.69
C SER A 299 -0.94 34.36 13.10
N LYS A 300 -1.79 33.93 14.04
CA LYS A 300 -1.40 33.80 15.43
C LYS A 300 -1.83 32.44 15.96
N LYS A 301 -1.21 32.03 17.06
CA LYS A 301 -1.50 30.74 17.63
C LYS A 301 -2.94 30.69 18.11
N PRO A 302 -3.56 29.50 18.11
CA PRO A 302 -4.98 29.43 18.53
C PRO A 302 -5.22 29.91 19.94
N LYS A 303 -4.26 29.72 20.84
CA LYS A 303 -4.44 30.16 22.22
C LYS A 303 -4.60 31.67 22.31
N THR A 304 -3.74 32.41 21.60
CA THR A 304 -3.84 33.86 21.60
C THR A 304 -5.12 34.33 20.90
N LEU A 305 -5.50 33.66 19.82
CA LEU A 305 -6.76 33.97 19.15
C LEU A 305 -7.92 33.85 20.13
N ALA A 306 -7.99 32.73 20.84
CA ALA A 306 -9.08 32.52 21.79
C ALA A 306 -9.03 33.54 22.91
N LYS A 307 -7.83 33.85 23.40
CA LYS A 307 -7.70 34.83 24.48
C LYS A 307 -8.23 36.19 24.04
N GLU A 308 -7.83 36.65 22.85
CA GLU A 308 -8.30 37.94 22.37
C GLU A 308 -9.80 37.94 22.11
N CYS A 309 -10.32 36.86 21.52
CA CYS A 309 -11.75 36.79 21.25
C CYS A 309 -12.55 36.84 22.55
N LEU A 310 -12.12 36.11 23.58
CA LEU A 310 -12.81 36.15 24.86
C LEU A 310 -12.67 37.50 25.52
N GLU A 311 -11.51 38.15 25.37
CA GLU A 311 -11.33 39.49 25.91
C GLU A 311 -12.31 40.46 25.27
N LYS A 312 -12.59 40.30 23.98
CA LYS A 312 -13.57 41.15 23.33
C LYS A 312 -14.94 41.01 23.97
N TYR A 313 -15.34 39.77 24.26
CA TYR A 313 -16.60 39.50 24.95
C TYR A 313 -16.28 39.20 26.42
N SER A 314 -16.14 40.26 27.20
CA SER A 314 -15.75 40.10 28.60
C SER A 314 -16.89 39.54 29.44
N THR A 315 -18.14 39.88 29.11
CA THR A 315 -19.26 39.41 29.92
C THR A 315 -19.37 37.89 29.87
N LEU A 316 -19.23 37.30 28.69
CA LEU A 316 -19.32 35.84 28.59
C LEU A 316 -18.15 35.17 29.31
N ARG A 317 -16.95 35.73 29.16
CA ARG A 317 -15.79 35.13 29.83
C ARG A 317 -15.92 35.19 31.33
N ASP A 318 -16.43 36.31 31.86
CA ASP A 318 -16.51 36.52 33.29
C ASP A 318 -17.76 35.92 33.92
N GLN A 319 -18.64 35.30 33.13
CA GLN A 319 -19.83 34.66 33.66
C GLN A 319 -19.41 33.39 34.42
N THR A 320 -19.43 33.47 35.75
CA THR A 320 -19.10 32.34 36.60
C THR A 320 -20.33 31.64 37.17
N ASP A 321 -21.51 32.25 37.06
CA ASP A 321 -22.73 31.65 37.58
C ASP A 321 -23.46 30.95 36.44
N PRO A 322 -23.57 29.61 36.45
CA PRO A 322 -24.27 28.93 35.36
C PRO A 322 -25.77 28.86 35.57
N ILE A 323 -26.50 29.06 34.49
CA ILE A 323 -27.95 28.87 34.48
C ILE A 323 -28.25 27.64 33.64
N LEU A 324 -28.33 26.48 34.29
CA LEU A 324 -28.55 25.23 33.56
C LEU A 324 -29.91 25.27 32.87
N ILE A 325 -29.93 24.92 31.59
CA ILE A 325 -31.15 24.85 30.81
C ILE A 325 -31.67 23.41 30.72
N MET A 326 -30.76 22.46 30.54
CA MET A 326 -31.14 21.04 30.53
C MET A 326 -29.88 20.20 30.58
N LYS A 327 -29.90 19.16 31.41
CA LYS A 327 -28.84 18.16 31.48
C LYS A 327 -29.36 16.87 30.86
N SER A 328 -28.52 16.23 30.04
CA SER A 328 -29.05 15.24 29.11
C SER A 328 -29.71 14.05 29.81
N GLU A 329 -28.92 13.15 30.38
CA GLU A 329 -29.45 12.10 31.24
C GLU A 329 -28.58 11.88 32.46
N LYS A 330 -27.27 11.94 32.27
CA LYS A 330 -26.31 11.61 33.32
C LYS A 330 -25.18 12.62 33.43
N ALA A 331 -25.01 13.50 32.45
CA ALA A 331 -23.93 14.48 32.52
C ALA A 331 -24.04 15.30 33.79
N ASN A 332 -22.91 15.44 34.49
CA ASN A 332 -22.88 16.21 35.73
C ASN A 332 -22.76 17.69 35.38
N GLU A 333 -23.74 18.48 35.81
CA GLU A 333 -23.69 19.92 35.56
C GLU A 333 -22.45 20.52 36.21
N ASN A 334 -22.16 20.12 37.45
CA ASN A 334 -21.00 20.66 38.15
C ASN A 334 -19.72 20.32 37.42
N PHE A 335 -19.56 19.06 37.00
CA PHE A 335 -18.34 18.67 36.28
C PHE A 335 -18.16 19.49 35.02
N LEU A 336 -19.21 19.58 34.20
CA LEU A 336 -19.10 20.27 32.92
C LEU A 336 -18.82 21.75 33.12
N TRP A 337 -19.52 22.40 34.06
CA TRP A 337 -19.29 23.82 34.27
C TRP A 337 -17.89 24.08 34.82
N LYS A 338 -17.43 23.25 35.76
CA LYS A 338 -16.08 23.43 36.29
C LYS A 338 -15.04 23.24 35.19
N LEU A 339 -15.26 22.26 34.31
CA LEU A 339 -14.34 22.05 33.20
C LEU A 339 -14.34 23.24 32.25
N TRP A 340 -15.51 23.80 31.96
CA TRP A 340 -15.58 24.97 31.09
C TRP A 340 -14.85 26.16 31.72
N ARG A 341 -15.06 26.38 33.01
CA ARG A 341 -14.36 27.46 33.69
C ARG A 341 -12.85 27.23 33.69
N ASP A 342 -12.43 25.97 33.84
CA ASP A 342 -11.02 25.66 33.76
C ASP A 342 -10.46 25.98 32.38
N CYS A 343 -11.23 25.66 31.33
CA CYS A 343 -10.81 26.02 29.97
C CYS A 343 -10.65 27.53 29.83
N VAL A 344 -11.63 28.28 30.32
CA VAL A 344 -11.57 29.74 30.19
C VAL A 344 -10.36 30.28 30.93
N ASN A 345 -10.11 29.79 32.14
CA ASN A 345 -8.98 30.27 32.92
C ASN A 345 -7.66 29.91 32.24
N THR A 346 -7.55 28.68 31.72
CA THR A 346 -6.33 28.26 31.05
C THR A 346 -6.07 29.10 29.81
N ILE A 347 -7.10 29.36 29.01
CA ILE A 347 -6.92 30.11 27.78
C ILE A 347 -6.59 31.57 28.09
N SER A 348 -7.17 32.11 29.16
CA SER A 348 -7.00 33.51 29.50
C SER A 348 -5.80 33.78 30.41
N ASN A 349 -5.04 32.75 30.77
CA ASN A 349 -3.89 32.94 31.64
C ASN A 349 -2.73 33.53 30.85
N GLU A 350 -1.73 34.04 31.60
CA GLU A 350 -0.59 34.67 30.96
C GLU A 350 0.35 33.65 30.33
N GLU A 351 0.31 32.40 30.79
CA GLU A 351 1.21 31.39 30.26
C GLU A 351 0.92 31.13 28.78
N MET A 352 1.92 30.59 28.09
CA MET A 352 1.79 30.24 26.69
C MET A 352 1.34 28.80 26.47
N SER A 353 1.03 28.08 27.55
CA SER A 353 0.57 26.70 27.45
C SER A 353 -0.95 26.64 27.63
N ASN A 354 -1.60 25.87 26.76
CA ASN A 354 -3.04 25.66 26.82
C ASN A 354 -3.42 24.50 27.73
N GLU A 355 -2.49 23.99 28.52
CA GLU A 355 -2.77 22.88 29.42
C GLU A 355 -3.73 23.31 30.52
N LEU A 356 -4.65 22.41 30.87
CA LEU A 356 -5.54 22.67 31.99
C LEU A 356 -4.76 22.74 33.29
N GLN A 357 -5.23 23.59 34.21
CA GLN A 357 -4.52 23.87 35.45
C GLN A 357 -4.94 22.97 36.60
N LYS A 358 -5.92 22.09 36.40
CA LYS A 358 -6.34 21.16 37.45
C LYS A 358 -5.75 19.77 37.25
N THR A 359 -6.08 19.12 36.13
CA THR A 359 -5.48 17.85 35.76
C THR A 359 -5.84 16.72 36.72
N ASN A 360 -6.62 17.02 37.74
CA ASN A 360 -7.11 16.00 38.67
C ASN A 360 -8.63 16.05 38.80
N TYR A 361 -9.21 17.24 38.85
CA TYR A 361 -10.66 17.36 38.70
C TYR A 361 -11.08 16.94 37.30
N ALA A 362 -10.29 17.31 36.29
CA ALA A 362 -10.59 16.92 34.91
C ALA A 362 -10.48 15.43 34.70
N LYS A 363 -9.76 14.72 35.58
CA LYS A 363 -9.68 13.26 35.46
C LYS A 363 -11.04 12.62 35.66
N TRP A 364 -11.89 13.24 36.50
CA TRP A 364 -13.24 12.74 36.75
C TRP A 364 -14.30 13.54 36.02
N ALA A 365 -14.07 14.81 35.75
CA ALA A 365 -15.04 15.60 35.00
C ALA A 365 -15.22 15.04 33.60
N THR A 366 -14.14 14.60 32.97
CA THR A 366 -14.20 14.01 31.64
C THR A 366 -14.58 12.53 31.67
N GLY A 367 -14.69 11.93 32.85
CA GLY A 367 -15.04 10.53 32.95
C GLY A 367 -13.90 9.57 32.71
N ASP A 368 -12.67 10.07 32.59
CA ASP A 368 -11.53 9.20 32.35
C ASP A 368 -11.29 8.26 33.52
N GLY A 369 -11.45 8.76 34.75
CA GLY A 369 -11.19 7.95 35.92
C GLY A 369 -12.14 6.78 36.11
N LEU A 370 -13.28 6.81 35.44
CA LEU A 370 -14.28 5.74 35.56
C LEU A 370 -14.04 4.68 34.50
N THR A 371 -12.83 4.12 34.52
CA THR A 371 -12.41 3.08 33.58
C THR A 371 -12.20 1.78 34.31
N TYR A 372 -12.63 0.68 33.71
CA TYR A 372 -12.48 -0.64 34.31
C TYR A 372 -11.00 -1.00 34.40
N GLN A 373 -10.67 -1.77 35.44
CA GLN A 373 -9.30 -2.18 35.70
C GLN A 373 -9.07 -3.58 35.13
N LYS A 374 -8.01 -3.72 34.34
CA LYS A 374 -7.68 -5.01 33.75
C LYS A 374 -7.01 -5.92 34.77
N ILE A 375 -7.35 -7.21 34.73
CA ILE A 375 -6.78 -8.20 35.62
C ILE A 375 -6.29 -9.38 34.78
N MET A 376 -5.39 -10.16 35.37
CA MET A 376 -4.85 -11.31 34.65
C MET A 376 -5.95 -12.35 34.42
N LYS A 377 -5.74 -13.17 33.38
CA LYS A 377 -6.82 -14.03 32.90
C LYS A 377 -7.31 -14.98 34.00
N GLU A 378 -6.40 -15.56 34.79
CA GLU A 378 -6.78 -16.63 35.70
C GLU A 378 -7.88 -16.19 36.66
N VAL A 379 -7.76 -14.99 37.22
CA VAL A 379 -8.79 -14.51 38.15
C VAL A 379 -10.13 -14.39 37.44
N ALA A 380 -10.13 -13.82 36.24
CA ALA A 380 -11.38 -13.67 35.50
C ALA A 380 -12.02 -15.02 35.20
N ILE A 381 -11.20 -16.00 34.82
CA ILE A 381 -11.72 -17.34 34.57
C ILE A 381 -12.35 -17.91 35.84
N ASP A 382 -11.67 -17.75 36.97
CA ASP A 382 -12.20 -18.27 38.22
C ASP A 382 -13.42 -17.48 38.69
N ASP A 383 -13.45 -16.17 38.44
CA ASP A 383 -14.56 -15.34 38.88
C ASP A 383 -15.78 -15.63 38.00
N GLU A 384 -16.82 -16.21 38.61
CA GLU A 384 -18.03 -16.54 37.87
C GLU A 384 -18.82 -15.31 37.46
N THR A 385 -18.78 -14.24 38.25
CA THR A 385 -19.58 -13.06 37.97
C THR A 385 -19.14 -12.31 36.72
N MET A 386 -17.97 -12.63 36.16
CA MET A 386 -17.46 -11.96 34.98
C MET A 386 -18.05 -12.61 33.74
N CYS A 387 -18.73 -11.83 32.91
CA CYS A 387 -19.39 -12.31 31.72
C CYS A 387 -19.18 -11.33 30.58
N GLN A 388 -19.33 -11.83 29.36
CA GLN A 388 -19.22 -11.00 28.16
C GLN A 388 -20.47 -10.11 28.06
N GLU A 389 -20.26 -8.84 27.76
CA GLU A 389 -21.35 -7.88 27.71
C GLU A 389 -22.13 -8.00 26.40
N GLU A 390 -23.43 -7.80 26.49
CA GLU A 390 -24.28 -7.85 25.31
C GLU A 390 -23.94 -6.69 24.38
N PRO A 391 -24.01 -6.87 23.07
CA PRO A 391 -23.73 -5.75 22.16
C PRO A 391 -24.75 -4.64 22.32
N LYS A 392 -24.31 -3.42 22.06
CA LYS A 392 -25.16 -2.24 22.17
C LYS A 392 -25.80 -1.97 20.81
N ILE A 393 -27.06 -2.35 20.67
CA ILE A 393 -27.80 -2.17 19.42
C ILE A 393 -28.11 -0.69 19.25
N PRO A 394 -28.09 -0.15 18.02
CA PRO A 394 -28.50 1.25 17.83
C PRO A 394 -30.03 1.36 17.84
N ASN A 395 -30.53 2.37 18.55
CA ASN A 395 -31.96 2.54 18.69
C ASN A 395 -32.60 2.87 17.35
N LYS A 396 -33.83 2.41 17.18
CA LYS A 396 -34.62 2.73 15.99
C LYS A 396 -35.37 4.03 16.24
N CYS A 397 -35.07 5.04 15.44
CA CYS A 397 -35.68 6.36 15.55
C CYS A 397 -36.52 6.66 14.32
N ARG A 398 -37.26 7.76 14.39
CA ARG A 398 -38.11 8.22 13.30
C ARG A 398 -37.57 9.54 12.75
N VAL A 399 -38.15 9.96 11.64
CA VAL A 399 -37.69 11.17 10.96
C VAL A 399 -37.79 12.37 11.91
N ALA A 400 -36.83 13.28 11.78
CA ALA A 400 -36.80 14.51 12.56
C ALA A 400 -36.72 15.70 11.63
N ALA A 401 -37.42 16.79 11.99
CA ALA A 401 -37.44 17.98 11.16
C ALA A 401 -36.12 18.75 11.20
N TRP A 402 -35.30 18.53 12.23
CA TRP A 402 -34.06 19.29 12.34
C TRP A 402 -33.09 18.94 11.22
N VAL A 403 -33.12 17.70 10.73
CA VAL A 403 -32.26 17.34 9.60
C VAL A 403 -32.66 18.13 8.35
N GLN A 404 -33.96 18.21 8.09
CA GLN A 404 -34.43 19.00 6.95
C GLN A 404 -34.08 20.47 7.12
N THR A 405 -34.24 21.00 8.32
CA THR A 405 -33.90 22.40 8.56
C THR A 405 -32.41 22.64 8.33
N GLU A 406 -31.56 21.72 8.80
CA GLU A 406 -30.12 21.87 8.58
C GLU A 406 -29.78 21.81 7.10
N MET A 407 -30.42 20.90 6.36
CA MET A 407 -30.19 20.84 4.92
C MET A 407 -30.59 22.16 4.25
N ASN A 408 -31.73 22.71 4.65
CA ASN A 408 -32.18 23.98 4.07
C ASN A 408 -31.20 25.10 4.38
N LEU A 409 -30.72 25.17 5.62
CA LEU A 409 -29.90 26.30 6.06
C LEU A 409 -28.47 26.21 5.54
N LEU A 410 -27.90 25.01 5.48
CA LEU A 410 -26.49 24.87 5.14
C LEU A 410 -26.22 25.14 3.67
N SER A 411 -27.24 25.15 2.82
CA SER A 411 -27.08 25.35 1.39
C SER A 411 -27.40 26.78 0.97
N THR A 412 -27.54 27.71 1.91
CA THR A 412 -27.84 29.10 1.61
C THR A 412 -26.57 29.93 1.62
N LEU A 413 -26.59 31.02 0.86
CA LEU A 413 -25.46 31.93 0.80
C LEU A 413 -25.44 32.82 2.04
N THR A 414 -24.24 33.03 2.59
CA THR A 414 -24.02 33.92 3.72
C THR A 414 -23.17 35.09 3.28
N SER A 415 -22.93 36.01 4.21
CA SER A 415 -22.08 37.16 3.96
C SER A 415 -20.60 36.88 4.22
N LYS A 416 -20.28 35.71 4.76
CA LYS A 416 -18.92 35.38 5.17
C LYS A 416 -18.42 34.19 4.36
N ARG A 417 -17.23 34.31 3.79
CA ARG A 417 -16.58 33.23 3.07
C ARG A 417 -15.32 32.83 3.83
N ALA A 418 -15.19 31.53 4.12
CA ALA A 418 -14.06 31.01 4.86
C ALA A 418 -13.10 30.19 4.02
N LEU A 419 -13.44 29.91 2.76
CA LEU A 419 -12.62 29.07 1.90
C LEU A 419 -11.62 29.96 1.16
N ASP A 420 -10.34 29.79 1.48
CA ASP A 420 -9.25 30.48 0.80
C ASP A 420 -8.26 29.44 0.28
N LEU A 421 -7.89 29.55 -0.99
CA LEU A 421 -7.07 28.55 -1.63
C LEU A 421 -5.79 29.17 -2.17
N PRO A 422 -4.71 28.39 -2.30
CA PRO A 422 -3.47 28.94 -2.86
C PRO A 422 -3.60 29.25 -4.34
N GLU A 423 -2.68 30.08 -4.81
CA GLU A 423 -2.65 30.47 -6.21
C GLU A 423 -2.02 29.36 -7.06
N ILE A 424 -2.12 29.54 -8.38
CA ILE A 424 -1.50 28.65 -9.35
C ILE A 424 -0.81 29.50 -10.41
N GLY A 425 -0.07 28.83 -11.28
CA GLY A 425 0.72 29.50 -12.29
C GLY A 425 -0.15 30.23 -13.29
N PRO A 426 0.44 31.13 -14.07
CA PRO A 426 -0.34 31.86 -15.08
C PRO A 426 -0.87 30.92 -16.15
N ASP A 427 -1.97 31.34 -16.76
CA ASP A 427 -2.63 30.58 -17.82
C ASP A 427 -2.15 31.08 -19.18
N VAL A 428 -1.65 30.17 -20.01
CA VAL A 428 -1.20 30.50 -21.35
C VAL A 428 -1.94 29.72 -22.42
N ALA A 429 -2.76 28.74 -22.05
CA ALA A 429 -3.50 27.93 -23.01
C ALA A 429 -5.00 28.14 -22.86
N PRO A 430 -5.77 28.03 -23.95
CA PRO A 430 -7.24 28.14 -23.81
C PRO A 430 -7.82 27.18 -22.79
N VAL A 431 -7.30 25.96 -22.70
CA VAL A 431 -7.82 25.01 -21.71
C VAL A 431 -7.64 25.55 -20.31
N GLU A 432 -6.47 26.13 -20.02
CA GLU A 432 -6.26 26.72 -18.69
C GLU A 432 -7.25 27.86 -18.44
N HIS A 433 -7.55 28.65 -19.47
CA HIS A 433 -8.46 29.78 -19.30
C HIS A 433 -9.88 29.31 -19.02
N VAL A 434 -10.35 28.29 -19.75
CA VAL A 434 -11.70 27.79 -19.49
C VAL A 434 -11.76 27.13 -18.11
N GLY A 435 -10.70 26.42 -17.72
CA GLY A 435 -10.66 25.86 -16.38
C GLY A 435 -10.71 26.94 -15.31
N SER A 436 -9.98 28.04 -15.53
CA SER A 436 -10.00 29.14 -14.57
C SER A 436 -11.39 29.77 -14.49
N GLU A 437 -12.05 29.94 -15.64
CA GLU A 437 -13.40 30.49 -15.64
C GLU A 437 -14.37 29.59 -14.87
N ARG A 438 -14.32 28.29 -15.12
CA ARG A 438 -15.19 27.37 -14.41
C ARG A 438 -14.90 27.39 -12.92
N ARG A 439 -13.61 27.41 -12.55
CA ARG A 439 -13.25 27.50 -11.14
C ARG A 439 -13.78 28.76 -10.51
N LYS A 440 -13.68 29.88 -11.22
CA LYS A 440 -14.17 31.15 -10.69
C LYS A 440 -15.67 31.07 -10.41
N TYR A 441 -16.44 30.56 -11.37
CA TYR A 441 -17.88 30.43 -11.17
C TYR A 441 -18.18 29.51 -9.98
N PHE A 442 -17.50 28.35 -9.93
CA PHE A 442 -17.76 27.40 -8.86
C PHE A 442 -17.46 28.00 -7.49
N VAL A 443 -16.28 28.61 -7.34
CA VAL A 443 -15.90 29.14 -6.03
C VAL A 443 -16.79 30.31 -5.65
N ASN A 444 -17.09 31.21 -6.59
CA ASN A 444 -17.99 32.31 -6.28
C ASN A 444 -19.33 31.79 -5.80
N GLU A 445 -19.82 30.70 -6.41
CA GLU A 445 -21.08 30.13 -5.97
C GLU A 445 -20.97 29.53 -4.58
N ILE A 446 -19.86 28.83 -4.29
CA ILE A 446 -19.72 28.05 -3.07
C ILE A 446 -18.87 28.73 -2.01
N ASN A 447 -18.17 29.82 -2.35
CA ASN A 447 -17.33 30.49 -1.35
C ASN A 447 -18.15 30.90 -0.14
N TYR A 448 -19.31 31.49 -0.36
CA TYR A 448 -20.08 32.13 0.71
C TYR A 448 -21.15 31.23 1.31
N CYS A 449 -21.30 30.00 0.83
CA CYS A 449 -22.30 29.11 1.42
C CYS A 449 -21.87 28.67 2.80
N LYS A 450 -22.85 28.56 3.72
CA LYS A 450 -22.52 28.24 5.10
C LYS A 450 -21.84 26.89 5.24
N ALA A 451 -22.15 25.95 4.34
CA ALA A 451 -21.49 24.66 4.39
C ALA A 451 -19.98 24.79 4.27
N SER A 452 -19.51 25.76 3.48
CA SER A 452 -18.07 25.96 3.35
C SER A 452 -17.45 26.40 4.67
N THR A 453 -18.10 27.34 5.37
CA THR A 453 -17.58 27.77 6.67
C THR A 453 -17.59 26.62 7.67
N VAL A 454 -18.66 25.83 7.67
CA VAL A 454 -18.73 24.68 8.58
C VAL A 454 -17.60 23.70 8.27
N MET A 455 -17.36 23.44 6.99
CA MET A 455 -16.29 22.52 6.60
C MET A 455 -14.93 23.06 7.03
N MET A 456 -14.68 24.35 6.84
CA MET A 456 -13.41 24.93 7.25
C MET A 456 -13.23 24.80 8.76
N LYS A 457 -14.28 25.09 9.52
CA LYS A 457 -14.20 24.93 10.97
C LYS A 457 -13.89 23.49 11.35
N TYR A 458 -14.55 22.54 10.68
CA TYR A 458 -14.33 21.13 10.99
C TYR A 458 -12.88 20.72 10.72
N VAL A 459 -12.35 21.08 9.56
CA VAL A 459 -10.98 20.67 9.24
C VAL A 459 -9.98 21.33 10.17
N LEU A 460 -10.16 22.62 10.48
CA LEU A 460 -9.21 23.27 11.39
C LEU A 460 -9.26 22.63 12.77
N PHE A 461 -10.46 22.37 13.29
CA PHE A 461 -10.57 21.75 14.60
C PHE A 461 -9.93 20.38 14.62
N HIS A 462 -10.15 19.58 13.56
CA HIS A 462 -9.60 18.24 13.55
C HIS A 462 -8.08 18.26 13.41
N THR A 463 -7.54 19.20 12.62
CA THR A 463 -6.08 19.34 12.54
C THR A 463 -5.50 19.69 13.90
N SER A 464 -6.11 20.63 14.61
CA SER A 464 -5.63 20.96 15.95
C SER A 464 -5.72 19.76 16.88
N LEU A 465 -6.83 19.02 16.81
CA LEU A 465 -7.01 17.86 17.67
C LEU A 465 -5.93 16.83 17.42
N LEU A 466 -5.60 16.58 16.15
CA LEU A 466 -4.58 15.59 15.83
C LEU A 466 -3.19 16.06 16.24
N ASN A 467 -2.90 17.35 16.03
CA ASN A 467 -1.60 17.89 16.44
C ASN A 467 -1.39 17.73 17.94
N GLU A 468 -2.40 18.08 18.73
CA GLU A 468 -2.32 17.84 20.17
C GLU A 468 -2.29 16.35 20.50
N SER A 469 -3.00 15.51 19.74
CA SER A 469 -3.00 14.09 20.03
C SER A 469 -1.60 13.50 19.93
N ASN A 470 -0.84 13.89 18.90
CA ASN A 470 0.52 13.38 18.81
C ASN A 470 1.50 14.15 19.68
N ALA A 471 1.24 15.43 19.95
CA ALA A 471 2.14 16.20 20.81
C ALA A 471 1.95 15.83 22.27
N SER A 472 0.70 15.62 22.70
CA SER A 472 0.38 15.35 24.10
C SER A 472 -0.29 13.99 24.21
N MET A 473 0.10 13.25 25.25
CA MET A 473 -0.39 11.89 25.47
C MET A 473 -1.17 11.74 26.76
N GLY A 474 -0.60 12.16 27.89
CA GLY A 474 -1.21 11.92 29.18
C GLY A 474 -1.57 13.19 29.93
N LYS A 475 -2.10 14.18 29.23
CA LYS A 475 -2.44 15.46 29.84
C LYS A 475 -3.70 16.01 29.19
N TYR A 476 -4.26 17.06 29.79
CA TYR A 476 -5.53 17.63 29.36
C TYR A 476 -5.29 18.99 28.71
N LYS A 477 -5.62 19.10 27.43
CA LYS A 477 -5.33 20.26 26.62
C LYS A 477 -6.61 21.02 26.29
N VAL A 478 -6.49 22.34 26.22
CA VAL A 478 -7.57 23.21 25.79
C VAL A 478 -7.36 23.54 24.32
N ILE A 479 -8.34 23.19 23.49
CA ILE A 479 -8.25 23.40 22.04
C ILE A 479 -9.37 24.34 21.64
N PRO A 480 -9.08 25.57 21.19
CA PRO A 480 -10.14 26.44 20.69
C PRO A 480 -10.74 25.89 19.41
N ILE A 481 -12.04 26.13 19.24
CA ILE A 481 -12.74 25.80 17.99
C ILE A 481 -12.75 27.11 17.20
N THR A 482 -11.71 27.33 16.41
CA THR A 482 -11.46 28.60 15.76
C THR A 482 -11.60 28.49 14.25
N ASN A 483 -11.82 29.63 13.62
CA ASN A 483 -11.94 29.72 12.17
C ASN A 483 -11.48 31.11 11.73
N ARG A 484 -11.11 31.21 10.45
CA ARG A 484 -10.75 32.48 9.83
C ARG A 484 -11.75 32.75 8.72
N VAL A 485 -12.44 33.89 8.79
CA VAL A 485 -13.55 34.19 7.90
C VAL A 485 -13.35 35.58 7.33
N VAL A 486 -13.42 35.70 6.00
CA VAL A 486 -13.29 36.98 5.32
C VAL A 486 -14.62 37.29 4.64
N ASN A 487 -15.10 38.51 4.83
CA ASN A 487 -16.41 38.90 4.35
C ASN A 487 -16.29 39.53 2.95
N GLU A 488 -17.39 40.11 2.46
CA GLU A 488 -17.40 40.68 1.11
C GLU A 488 -16.39 41.83 1.00
N LYS A 489 -16.34 42.70 2.00
CA LYS A 489 -15.46 43.86 1.95
C LYS A 489 -13.99 43.48 2.00
N GLY A 490 -13.67 42.22 2.30
CA GLY A 490 -12.30 41.79 2.44
C GLY A 490 -11.77 41.80 3.85
N GLU A 491 -12.54 42.31 4.81
CA GLU A 491 -12.11 42.29 6.20
C GLU A 491 -12.01 40.86 6.69
N SER A 492 -11.03 40.61 7.56
CA SER A 492 -10.77 39.28 8.09
C SER A 492 -11.11 39.23 9.57
N PHE A 493 -11.80 38.16 9.97
CA PHE A 493 -12.23 37.96 11.34
C PHE A 493 -11.75 36.59 11.82
N ASP A 494 -11.33 36.55 13.09
CA ASP A 494 -11.09 35.30 13.79
C ASP A 494 -12.35 34.97 14.57
N MET A 495 -12.91 33.78 14.32
CA MET A 495 -14.18 33.36 14.88
C MET A 495 -13.91 32.24 15.89
N LEU A 496 -14.32 32.47 17.14
CA LEU A 496 -14.22 31.47 18.19
C LEU A 496 -15.61 30.85 18.39
N TYR A 497 -15.72 29.55 18.13
CA TYR A 497 -16.98 28.83 18.24
C TYR A 497 -17.10 28.06 19.55
N GLY A 498 -16.14 28.21 20.46
CA GLY A 498 -16.15 27.52 21.73
C GLY A 498 -14.78 26.97 22.02
N LEU A 499 -14.74 26.00 22.94
CA LEU A 499 -13.49 25.35 23.33
C LEU A 499 -13.74 23.86 23.50
N ALA A 500 -12.64 23.11 23.60
CA ALA A 500 -12.72 21.68 23.84
C ALA A 500 -11.61 21.26 24.80
N VAL A 501 -11.92 20.26 25.61
CA VAL A 501 -10.95 19.61 26.48
C VAL A 501 -10.60 18.29 25.83
N LYS A 502 -9.35 18.16 25.38
CA LYS A 502 -8.82 16.90 24.90
C LYS A 502 -8.04 16.25 26.03
N GLY A 503 -8.55 15.13 26.55
CA GLY A 503 -8.01 14.52 27.73
C GLY A 503 -7.24 13.25 27.45
N GLN A 504 -5.98 13.23 27.88
CA GLN A 504 -5.14 12.03 27.86
C GLN A 504 -5.09 11.50 26.44
N SER A 505 -5.40 10.22 26.20
CA SER A 505 -5.09 9.49 24.98
C SER A 505 -4.43 8.19 25.40
N HIS A 506 -3.16 8.27 25.77
CA HIS A 506 -2.41 7.14 26.34
C HIS A 506 -2.58 5.87 25.51
N LEU A 507 -2.87 6.04 24.22
CA LEU A 507 -3.16 4.91 23.34
C LEU A 507 -2.70 5.27 21.95
N ARG A 508 -1.78 4.47 21.41
CA ARG A 508 -1.22 4.68 20.08
C ARG A 508 -1.79 3.67 19.11
N GLY A 509 -2.31 4.17 17.99
CA GLY A 509 -2.89 3.34 16.97
C GLY A 509 -3.96 4.08 16.21
N ASP A 510 -4.81 3.32 15.53
CA ASP A 510 -5.86 3.90 14.70
C ASP A 510 -7.15 4.12 15.50
N THR A 511 -7.68 3.06 16.09
CA THR A 511 -8.97 3.10 16.77
C THR A 511 -8.73 3.04 18.28
N ASP A 512 -8.56 4.21 18.88
CA ASP A 512 -8.40 4.34 20.32
C ASP A 512 -9.03 5.65 20.75
N VAL A 513 -10.04 5.57 21.62
CA VAL A 513 -10.85 6.74 21.92
C VAL A 513 -10.03 7.78 22.67
N VAL A 514 -10.21 9.04 22.28
CA VAL A 514 -9.61 10.19 22.98
C VAL A 514 -10.77 11.07 23.42
N THR A 515 -11.03 11.12 24.72
CA THR A 515 -12.16 11.89 25.23
C THR A 515 -12.02 13.36 24.86
N VAL A 516 -13.07 13.92 24.30
CA VAL A 516 -13.12 15.34 23.95
C VAL A 516 -14.42 15.91 24.53
N VAL A 517 -14.29 16.88 25.42
CA VAL A 517 -15.45 17.55 26.01
C VAL A 517 -15.58 18.91 25.33
N THR A 518 -16.61 19.06 24.52
CA THR A 518 -16.80 20.26 23.70
C THR A 518 -17.83 21.17 24.34
N PHE A 519 -17.45 22.45 24.49
CA PHE A 519 -18.36 23.50 24.93
C PHE A 519 -18.45 24.51 23.80
N GLU A 520 -19.60 24.56 23.14
CA GLU A 520 -19.80 25.37 21.93
C GLU A 520 -20.82 26.46 22.19
N PHE A 521 -20.48 27.69 21.81
CA PHE A 521 -21.43 28.78 21.87
C PHE A 521 -22.58 28.54 20.88
N SER A 522 -23.77 29.00 21.26
CA SER A 522 -24.91 28.89 20.38
C SER A 522 -25.94 29.93 20.77
N SER A 523 -26.88 30.20 19.87
CA SER A 523 -27.96 31.15 20.11
C SER A 523 -29.34 30.51 19.95
N THR A 524 -29.41 29.18 19.90
CA THR A 524 -30.66 28.46 19.70
C THR A 524 -31.11 27.85 21.03
N ASP A 525 -32.35 28.11 21.40
CA ASP A 525 -32.88 27.60 22.66
C ASP A 525 -33.10 26.10 22.54
N PRO A 526 -32.49 25.28 23.40
CA PRO A 526 -32.73 23.83 23.31
C PRO A 526 -34.18 23.44 23.60
N ARG A 527 -34.92 24.26 24.33
CA ARG A 527 -36.31 23.94 24.62
C ARG A 527 -37.20 24.02 23.39
N VAL A 528 -36.79 24.77 22.36
CA VAL A 528 -37.59 24.89 21.16
C VAL A 528 -37.75 23.53 20.49
N ASP A 529 -36.66 22.76 20.42
CA ASP A 529 -36.67 21.41 19.87
C ASP A 529 -36.00 20.50 20.91
N SER A 530 -36.81 20.01 21.86
CA SER A 530 -36.25 19.23 22.96
C SER A 530 -35.71 17.89 22.48
N GLY A 531 -36.36 17.26 21.51
CA GLY A 531 -35.94 15.95 21.05
C GLY A 531 -34.66 15.95 20.24
N LYS A 532 -34.16 17.13 19.85
CA LYS A 532 -32.93 17.21 19.08
C LYS A 532 -31.69 17.19 19.96
N TRP A 533 -31.81 17.52 21.24
CA TRP A 533 -30.66 17.65 22.14
C TRP A 533 -30.85 16.81 23.40
N PRO A 534 -30.89 15.49 23.26
CA PRO A 534 -30.84 14.61 24.44
C PRO A 534 -29.43 14.21 24.86
N LYS A 535 -28.41 14.72 24.18
CA LYS A 535 -27.02 14.42 24.50
C LYS A 535 -26.24 15.63 25.00
N TYR A 536 -26.87 16.81 25.00
CA TYR A 536 -26.18 18.07 25.26
C TYR A 536 -26.65 18.65 26.58
N THR A 537 -25.69 19.03 27.42
CA THR A 537 -25.95 19.81 28.63
C THR A 537 -25.63 21.26 28.31
N VAL A 538 -26.66 22.09 28.22
CA VAL A 538 -26.52 23.46 27.72
C VAL A 538 -26.85 24.43 28.85
N PHE A 539 -25.95 25.39 29.07
CA PHE A 539 -26.14 26.48 30.01
C PHE A 539 -26.35 27.78 29.25
N ARG A 540 -27.09 28.70 29.87
CA ARG A 540 -27.29 30.04 29.31
C ARG A 540 -26.20 30.94 29.87
N ILE A 541 -25.17 31.20 29.06
CA ILE A 541 -23.98 31.90 29.58
C ILE A 541 -24.02 33.41 29.39
N GLY A 542 -24.90 33.93 28.54
CA GLY A 542 -24.99 35.38 28.45
C GLY A 542 -25.91 35.86 27.35
N SER A 543 -25.58 37.01 26.80
CA SER A 543 -26.37 37.63 25.74
C SER A 543 -25.51 38.62 24.99
N LEU A 544 -25.96 38.97 23.78
CA LEU A 544 -25.22 39.93 22.95
C LEU A 544 -26.19 40.60 21.98
N PHE A 545 -25.74 41.73 21.44
CA PHE A 545 -26.51 42.52 20.48
C PHE A 545 -25.79 42.43 19.13
N VAL A 546 -26.21 41.49 18.29
CA VAL A 546 -25.56 41.29 17.00
C VAL A 546 -25.75 42.53 16.13
N SER A 547 -26.97 43.06 16.08
CA SER A 547 -27.30 44.23 15.27
C SER A 547 -28.21 45.17 16.05
N GLY A 548 -27.90 45.38 17.33
CA GLY A 548 -28.75 46.19 18.18
C GLY A 548 -29.93 45.46 18.78
N ARG A 549 -30.11 44.19 18.46
CA ARG A 549 -31.20 43.38 18.99
C ARG A 549 -30.61 42.34 19.94
N GLU A 550 -31.17 42.26 21.14
CA GLU A 550 -30.66 41.34 22.14
C GLU A 550 -30.91 39.90 21.71
N LYS A 551 -29.95 39.03 22.01
CA LYS A 551 -30.05 37.61 21.68
C LYS A 551 -29.26 36.82 22.69
N SER A 552 -29.88 35.77 23.24
CA SER A 552 -29.24 34.98 24.28
C SER A 552 -28.11 34.13 23.69
N VAL A 553 -27.18 33.75 24.56
CA VAL A 553 -26.02 32.96 24.20
C VAL A 553 -25.93 31.81 25.19
N TYR A 554 -26.27 30.60 24.71
CA TYR A 554 -26.14 29.38 25.48
C TYR A 554 -24.81 28.69 25.16
N LEU A 555 -24.43 27.77 26.03
CA LEU A 555 -23.18 27.01 25.90
C LEU A 555 -23.52 25.52 25.91
N TYR A 556 -23.57 24.91 24.73
CA TYR A 556 -23.85 23.49 24.62
C TYR A 556 -22.61 22.70 25.01
N CYS A 557 -22.73 21.88 26.05
CA CYS A 557 -21.63 21.07 26.55
C CYS A 557 -21.91 19.60 26.29
N ARG A 558 -20.91 18.88 25.82
CA ARG A 558 -21.08 17.46 25.50
C ARG A 558 -19.75 16.75 25.68
N VAL A 559 -19.84 15.46 26.00
CA VAL A 559 -18.68 14.57 26.07
C VAL A 559 -18.73 13.63 24.88
N ASN A 560 -17.62 13.53 24.15
CA ASN A 560 -17.58 12.81 22.88
C ASN A 560 -16.28 12.02 22.81
N GLY A 561 -16.25 11.08 21.87
CA GLY A 561 -15.07 10.29 21.64
C GLY A 561 -14.64 10.37 20.19
N THR A 562 -13.34 10.21 19.97
CA THR A 562 -12.77 10.29 18.63
C THR A 562 -11.52 9.44 18.56
N ASN A 563 -11.14 9.07 17.34
CA ASN A 563 -9.96 8.27 17.08
C ASN A 563 -9.00 9.04 16.19
N LYS A 564 -7.80 8.47 16.03
CA LYS A 564 -6.79 9.08 15.16
C LYS A 564 -7.28 9.17 13.72
N ILE A 565 -7.92 8.11 13.23
CA ILE A 565 -8.41 8.11 11.86
C ILE A 565 -9.48 9.19 11.68
N GLN A 566 -10.31 9.39 12.72
CA GLN A 566 -11.37 10.39 12.61
C GLN A 566 -10.78 11.78 12.40
N MET A 567 -9.78 12.15 13.19
CA MET A 567 -9.14 13.45 13.00
C MET A 567 -8.44 13.52 11.65
N LYS A 568 -7.74 12.45 11.28
CA LYS A 568 -7.01 12.43 10.01
C LYS A 568 -7.95 12.71 8.84
N TRP A 569 -9.11 12.06 8.83
CA TRP A 569 -10.07 12.27 7.76
C TRP A 569 -10.79 13.61 7.92
N GLY A 570 -10.90 14.12 9.15
CA GLY A 570 -11.43 15.45 9.34
C GLY A 570 -10.56 16.50 8.67
N MET A 571 -9.24 16.30 8.67
CA MET A 571 -8.39 17.19 7.89
C MET A 571 -8.70 17.08 6.41
N GLU A 572 -9.15 15.91 5.96
CA GLU A 572 -9.45 15.67 4.54
C GLU A 572 -10.93 15.81 4.24
N ALA A 573 -11.61 16.76 4.88
CA ALA A 573 -12.98 17.10 4.53
C ALA A 573 -13.05 18.16 3.44
N ARG A 574 -11.90 18.68 2.99
CA ARG A 574 -11.87 19.64 1.91
C ARG A 574 -12.09 18.99 0.55
N ARG A 575 -11.87 17.68 0.43
CA ARG A 575 -12.11 17.01 -0.83
C ARG A 575 -13.57 17.07 -1.24
N CYS A 576 -14.48 17.34 -0.29
CA CYS A 576 -15.87 17.60 -0.66
C CYS A 576 -15.93 18.66 -1.74
N LEU A 577 -15.14 19.72 -1.60
CA LEU A 577 -15.07 20.76 -2.62
C LEU A 577 -14.82 20.14 -3.98
N LEU A 578 -13.79 19.29 -4.08
CA LEU A 578 -13.51 18.63 -5.34
C LEU A 578 -14.72 17.84 -5.81
N GLN A 579 -15.34 17.08 -4.90
CA GLN A 579 -16.50 16.29 -5.29
C GLN A 579 -17.63 17.18 -5.78
N SER A 580 -17.73 18.40 -5.27
CA SER A 580 -18.77 19.32 -5.72
C SER A 580 -18.43 19.97 -7.05
N MET A 581 -17.16 19.98 -7.46
CA MET A 581 -16.80 20.57 -8.73
C MET A 581 -16.85 19.55 -9.86
N GLN A 582 -16.23 18.38 -9.68
CA GLN A 582 -16.29 17.34 -10.69
C GLN A 582 -17.68 17.27 -11.28
N GLN A 583 -18.68 17.01 -10.42
CA GLN A 583 -20.06 16.93 -10.87
C GLN A 583 -20.40 18.08 -11.82
N MET A 584 -20.33 19.31 -11.33
CA MET A 584 -20.76 20.43 -12.16
C MET A 584 -19.95 20.47 -13.44
N GLU A 585 -18.64 20.27 -13.34
CA GLU A 585 -17.80 20.21 -14.54
C GLU A 585 -18.45 19.30 -15.57
N ALA A 586 -18.69 18.04 -15.19
CA ALA A 586 -19.31 17.10 -16.11
C ALA A 586 -20.58 17.69 -16.71
N ILE A 587 -21.47 18.19 -15.86
CA ILE A 587 -22.70 18.79 -16.35
C ILE A 587 -22.38 19.85 -17.39
N VAL A 588 -21.54 20.82 -17.00
CA VAL A 588 -21.16 21.86 -17.95
C VAL A 588 -20.55 21.24 -19.19
N GLU A 589 -19.63 20.29 -18.99
CA GLU A 589 -19.02 19.62 -20.13
C GLU A 589 -20.09 19.09 -21.08
N GLN A 590 -21.10 18.41 -20.51
CA GLN A 590 -22.13 17.83 -21.37
C GLN A 590 -22.79 18.91 -22.21
N GLU A 591 -23.12 20.04 -21.60
CA GLU A 591 -23.73 21.12 -22.36
C GLU A 591 -22.80 21.60 -23.47
N SER A 592 -21.51 21.72 -23.17
CA SER A 592 -20.56 22.12 -24.19
C SER A 592 -20.48 21.10 -25.32
N SER A 593 -20.82 19.85 -25.03
CA SER A 593 -20.88 18.85 -26.09
C SER A 593 -22.10 19.07 -26.99
N ILE A 594 -23.21 19.53 -26.39
CA ILE A 594 -24.42 19.77 -27.18
C ILE A 594 -24.18 20.89 -28.18
N GLN A 595 -23.56 21.98 -27.74
CA GLN A 595 -23.25 23.11 -28.59
C GLN A 595 -21.82 23.55 -28.31
N GLY A 596 -21.11 23.93 -29.38
CA GLY A 596 -19.68 24.16 -29.30
C GLY A 596 -19.22 25.08 -28.19
N TYR A 597 -19.57 26.38 -28.30
CA TYR A 597 -19.01 27.39 -27.42
C TYR A 597 -19.13 27.01 -25.95
N ASP A 598 -18.30 27.60 -25.10
CA ASP A 598 -18.33 27.30 -23.67
C ASP A 598 -19.70 27.62 -23.08
N MET A 599 -20.24 26.67 -22.32
CA MET A 599 -21.57 26.78 -21.76
C MET A 599 -21.59 27.18 -20.29
N THR A 600 -20.43 27.47 -19.69
CA THR A 600 -20.41 27.82 -18.28
C THR A 600 -21.22 29.09 -18.01
N LYS A 601 -20.94 30.15 -18.76
CA LYS A 601 -21.68 31.40 -18.57
C LYS A 601 -23.16 31.19 -18.84
N ALA A 602 -23.48 30.51 -19.94
CA ALA A 602 -24.88 30.26 -20.27
C ALA A 602 -25.54 29.34 -19.25
N CYS A 603 -24.81 28.31 -18.78
CA CYS A 603 -25.38 27.40 -17.80
C CYS A 603 -25.69 28.13 -16.49
N PHE A 604 -24.81 29.01 -16.06
CA PHE A 604 -24.98 29.69 -14.77
C PHE A 604 -25.84 30.94 -14.88
N LYS A 605 -25.62 31.78 -15.89
CA LYS A 605 -26.32 33.04 -16.02
C LYS A 605 -27.17 33.16 -17.27
N GLY A 606 -26.93 32.34 -18.29
CA GLY A 606 -27.67 32.43 -19.53
C GLY A 606 -26.99 33.35 -20.54
N ASP A 607 -27.35 33.15 -21.80
CA ASP A 607 -26.73 33.89 -22.90
C ASP A 607 -27.83 34.21 -23.92
N ARG A 608 -27.41 34.59 -25.12
CA ARG A 608 -28.37 34.97 -26.16
C ARG A 608 -29.25 33.79 -26.54
N VAL A 609 -28.67 32.61 -26.69
CA VAL A 609 -29.35 31.46 -27.28
C VAL A 609 -29.54 30.33 -26.26
N ASN A 610 -29.44 30.63 -24.97
CA ASN A 610 -29.64 29.61 -23.94
C ASN A 610 -30.10 30.26 -22.65
N SER A 611 -31.28 29.85 -22.18
CA SER A 611 -31.74 30.27 -20.88
C SER A 611 -30.91 29.60 -19.79
N PRO A 612 -30.70 30.26 -18.65
CA PRO A 612 -29.87 29.66 -17.60
C PRO A 612 -30.44 28.33 -17.15
N LYS A 613 -29.54 27.38 -16.87
CA LYS A 613 -29.96 26.04 -16.48
C LYS A 613 -30.62 26.05 -15.11
N THR A 614 -31.59 25.15 -14.94
CA THR A 614 -32.29 25.00 -13.68
C THR A 614 -32.47 23.52 -13.38
N PHE A 615 -32.53 23.20 -12.08
CA PHE A 615 -32.69 21.83 -11.62
C PHE A 615 -33.78 21.76 -10.56
N SER A 616 -34.51 20.66 -10.56
CA SER A 616 -35.53 20.43 -9.53
C SER A 616 -34.82 20.17 -8.21
N ILE A 617 -34.91 21.13 -7.30
CA ILE A 617 -34.14 21.09 -6.05
C ILE A 617 -34.95 20.55 -4.89
N GLY A 618 -36.21 20.94 -4.79
CA GLY A 618 -37.03 20.51 -3.69
C GLY A 618 -38.50 20.66 -3.99
N THR A 619 -39.29 20.76 -2.93
CA THR A 619 -40.74 20.86 -3.06
C THR A 619 -41.30 21.65 -1.90
N GLN A 620 -42.49 22.22 -2.11
CA GLN A 620 -43.22 22.92 -1.06
C GLN A 620 -44.71 22.75 -1.33
N GLU A 621 -45.45 22.39 -0.28
CA GLU A 621 -46.89 22.14 -0.39
C GLU A 621 -47.17 21.05 -1.42
N GLY A 622 -46.28 20.07 -1.53
CA GLY A 622 -46.47 18.96 -2.45
C GLY A 622 -46.14 19.25 -3.89
N LYS A 623 -45.67 20.45 -4.22
CA LYS A 623 -45.33 20.83 -5.58
C LYS A 623 -43.81 21.04 -5.66
N LEU A 624 -43.19 20.39 -6.64
CA LEU A 624 -41.75 20.48 -6.77
C LEU A 624 -41.32 21.89 -7.16
N VAL A 625 -40.10 22.25 -6.77
CA VAL A 625 -39.56 23.60 -6.98
C VAL A 625 -38.24 23.49 -7.72
N LYS A 626 -38.00 24.44 -8.62
CA LYS A 626 -36.79 24.51 -9.40
C LYS A 626 -35.87 25.60 -8.86
N GLY A 627 -34.57 25.43 -9.11
CA GLY A 627 -33.58 26.38 -8.64
C GLY A 627 -32.44 26.48 -9.62
N SER A 628 -31.70 27.58 -9.51
CA SER A 628 -30.61 27.84 -10.42
C SER A 628 -29.54 26.75 -10.33
N PHE A 629 -28.60 26.79 -11.27
CA PHE A 629 -27.48 25.86 -11.23
C PHE A 629 -26.63 26.06 -9.98
N GLY A 630 -26.53 27.30 -9.52
CA GLY A 630 -25.78 27.56 -8.29
C GLY A 630 -26.43 26.95 -7.07
N LYS A 631 -27.77 26.98 -7.02
CA LYS A 631 -28.46 26.32 -5.91
C LYS A 631 -28.19 24.83 -5.92
N ALA A 632 -28.21 24.21 -7.10
CA ALA A 632 -27.88 22.80 -7.20
C ALA A 632 -26.44 22.53 -6.76
N LEU A 633 -25.52 23.44 -7.13
CA LEU A 633 -24.14 23.31 -6.68
C LEU A 633 -24.06 23.32 -5.16
N ARG A 634 -24.72 24.29 -4.53
CA ARG A 634 -24.68 24.39 -3.07
C ARG A 634 -25.32 23.16 -2.43
N VAL A 635 -26.41 22.66 -3.02
CA VAL A 635 -27.06 21.47 -2.47
C VAL A 635 -26.14 20.26 -2.56
N ILE A 636 -25.44 20.10 -3.69
CA ILE A 636 -24.52 18.98 -3.84
C ILE A 636 -23.38 19.10 -2.84
N PHE A 637 -22.84 20.31 -2.66
CA PHE A 637 -21.76 20.51 -1.70
C PHE A 637 -22.22 20.19 -0.28
N THR A 638 -23.42 20.64 0.08
CA THR A 638 -23.96 20.33 1.40
C THR A 638 -24.16 18.84 1.58
N LYS A 639 -24.63 18.16 0.52
CA LYS A 639 -24.81 16.71 0.60
C LYS A 639 -23.48 16.02 0.86
N CYS A 640 -22.42 16.45 0.15
CA CYS A 640 -21.10 15.86 0.39
C CYS A 640 -20.62 16.14 1.80
N LEU A 641 -20.81 17.36 2.28
CA LEU A 641 -20.37 17.71 3.63
C LEU A 641 -21.10 16.87 4.67
N MET A 642 -22.41 16.67 4.49
CA MET A 642 -23.17 15.85 5.42
C MET A 642 -22.79 14.38 5.33
N HIS A 643 -22.45 13.90 4.14
CA HIS A 643 -21.90 12.56 4.01
C HIS A 643 -20.63 12.41 4.83
N TYR A 644 -19.77 13.43 4.81
CA TYR A 644 -18.59 13.42 5.66
C TYR A 644 -18.99 13.40 7.13
N VAL A 645 -19.82 14.35 7.54
CA VAL A 645 -20.06 14.60 8.96
C VAL A 645 -20.76 13.42 9.60
N PHE A 646 -21.79 12.90 8.95
CA PHE A 646 -22.57 11.78 9.46
C PHE A 646 -22.09 10.45 8.89
N GLY A 647 -20.80 10.35 8.58
CA GLY A 647 -20.25 9.15 7.98
C GLY A 647 -19.95 8.12 9.05
N ASN A 648 -20.42 6.90 8.82
CA ASN A 648 -20.15 5.76 9.70
C ASN A 648 -20.56 4.51 8.92
N ALA A 649 -20.56 3.36 9.60
CA ALA A 649 -20.92 2.12 8.92
C ALA A 649 -22.34 2.18 8.38
N GLN A 650 -23.26 2.76 9.14
CA GLN A 650 -24.65 2.82 8.72
C GLN A 650 -24.79 3.59 7.41
N LEU A 651 -24.15 4.76 7.31
CA LEU A 651 -24.28 5.56 6.10
C LEU A 651 -23.68 4.84 4.90
N GLU A 652 -22.50 4.24 5.08
CA GLU A 652 -21.86 3.54 3.98
C GLU A 652 -22.73 2.38 3.49
N GLY A 653 -23.26 1.60 4.43
CA GLY A 653 -24.12 0.49 4.05
C GLY A 653 -25.38 0.96 3.35
N PHE A 654 -26.02 2.01 3.88
CA PHE A 654 -27.25 2.52 3.27
C PHE A 654 -26.99 3.00 1.86
N SER A 655 -25.92 3.78 1.66
CA SER A 655 -25.63 4.29 0.32
C SER A 655 -25.32 3.15 -0.64
N ALA A 656 -24.49 2.19 -0.21
CA ALA A 656 -24.12 1.09 -1.09
C ALA A 656 -25.33 0.26 -1.48
N GLU A 657 -26.23 -0.01 -0.53
CA GLU A 657 -27.38 -0.85 -0.82
C GLU A 657 -28.46 -0.09 -1.58
N SER A 658 -28.57 1.22 -1.39
CA SER A 658 -29.57 2.01 -2.10
C SER A 658 -29.12 2.39 -3.50
N ARG A 659 -27.82 2.30 -3.80
CA ARG A 659 -27.40 2.49 -5.18
C ARG A 659 -28.08 1.49 -6.10
N ARG A 660 -28.30 0.26 -5.62
CA ARG A 660 -29.00 -0.74 -6.43
C ARG A 660 -30.42 -0.31 -6.74
N LEU A 661 -31.15 0.20 -5.74
CA LEU A 661 -32.50 0.67 -5.98
C LEU A 661 -32.49 1.86 -6.93
N LEU A 662 -31.53 2.76 -6.78
CA LEU A 662 -31.44 3.91 -7.69
C LEU A 662 -31.23 3.45 -9.12
N LEU A 663 -30.35 2.47 -9.33
CA LEU A 663 -30.09 1.98 -10.68
C LEU A 663 -31.31 1.25 -11.23
N LEU A 664 -32.02 0.51 -10.39
CA LEU A 664 -33.25 -0.14 -10.83
C LEU A 664 -34.29 0.88 -11.25
N ILE A 665 -34.42 1.97 -10.47
CA ILE A 665 -35.37 3.02 -10.82
C ILE A 665 -34.96 3.70 -12.11
N GLN A 666 -33.66 3.91 -12.31
CA GLN A 666 -33.19 4.49 -13.57
C GLN A 666 -33.53 3.58 -14.74
N ALA A 667 -33.34 2.28 -14.58
CA ALA A 667 -33.72 1.33 -15.64
C ALA A 667 -35.21 1.39 -15.91
N LEU A 668 -36.02 1.51 -14.85
CA LEU A 668 -37.46 1.66 -15.04
C LEU A 668 -37.79 2.91 -15.83
N LYS A 669 -37.11 4.02 -15.52
CA LYS A 669 -37.39 5.29 -16.20
C LYS A 669 -37.12 5.18 -17.69
N ASP A 670 -36.01 4.53 -18.06
CA ASP A 670 -35.63 4.40 -19.46
C ASP A 670 -36.38 3.29 -20.18
N ARG A 671 -37.37 2.67 -19.53
CA ARG A 671 -38.15 1.60 -20.13
C ARG A 671 -37.24 0.48 -20.62
N LYS A 672 -36.31 0.08 -19.78
CA LYS A 672 -35.42 -1.03 -20.05
C LYS A 672 -35.93 -2.35 -19.52
N GLY A 673 -37.10 -2.36 -18.88
CA GLY A 673 -37.69 -3.57 -18.37
C GLY A 673 -36.77 -4.31 -17.42
N PRO A 674 -36.47 -3.69 -16.28
CA PRO A 674 -35.62 -4.37 -15.29
C PRO A 674 -36.34 -5.55 -14.66
N TRP A 675 -35.54 -6.54 -14.25
CA TRP A 675 -36.03 -7.70 -13.53
C TRP A 675 -35.21 -7.88 -12.25
N VAL A 676 -35.91 -8.20 -11.16
CA VAL A 676 -35.29 -8.40 -9.86
C VAL A 676 -35.49 -9.85 -9.46
N PHE A 677 -34.40 -10.52 -9.09
CA PHE A 677 -34.48 -11.92 -8.70
C PHE A 677 -35.11 -12.09 -7.33
N ASP A 678 -34.83 -11.18 -6.41
CA ASP A 678 -35.63 -11.03 -5.20
C ASP A 678 -35.56 -9.59 -4.73
N LEU A 679 -36.72 -9.01 -4.43
CA LEU A 679 -36.82 -7.61 -4.05
C LEU A 679 -36.89 -7.42 -2.55
N GLU A 680 -37.54 -8.33 -1.83
CA GLU A 680 -37.62 -8.21 -0.38
C GLU A 680 -36.24 -8.34 0.26
N GLY A 681 -35.38 -9.18 -0.30
CA GLY A 681 -34.03 -9.29 0.22
C GLY A 681 -33.25 -7.99 0.09
N MET A 682 -33.32 -7.37 -1.09
CA MET A 682 -32.67 -6.08 -1.29
C MET A 682 -33.25 -5.02 -0.36
N TYR A 683 -34.58 -5.00 -0.21
CA TYR A 683 -35.20 -4.01 0.66
C TYR A 683 -34.77 -4.20 2.10
N SER A 684 -34.71 -5.44 2.57
CA SER A 684 -34.27 -5.70 3.94
C SER A 684 -32.82 -5.31 4.14
N GLY A 685 -31.97 -5.62 3.15
CA GLY A 685 -30.58 -5.21 3.25
C GLY A 685 -30.43 -3.71 3.33
N ILE A 686 -31.25 -2.97 2.58
CA ILE A 686 -31.20 -1.52 2.63
C ILE A 686 -31.71 -1.02 3.99
N GLU A 687 -32.81 -1.60 4.48
CA GLU A 687 -33.47 -1.10 5.67
C GLU A 687 -32.73 -1.46 6.95
N GLU A 688 -31.92 -2.51 6.95
CA GLU A 688 -31.21 -2.89 8.16
C GLU A 688 -30.21 -1.82 8.62
N CYS A 689 -29.84 -0.89 7.74
CA CYS A 689 -28.89 0.16 8.07
C CYS A 689 -29.56 1.45 8.54
N ILE A 690 -30.89 1.50 8.59
CA ILE A 690 -31.63 2.68 9.02
C ILE A 690 -31.96 2.45 10.49
N SER A 691 -31.03 2.83 11.39
CA SER A 691 -31.25 2.67 12.82
C SER A 691 -31.30 4.00 13.56
N ASN A 692 -30.22 4.77 13.57
CA ASN A 692 -30.19 6.02 14.32
C ASN A 692 -29.38 7.13 13.66
N ASN A 693 -28.84 6.91 12.47
CA ASN A 693 -28.05 7.95 11.81
C ASN A 693 -28.99 8.99 11.22
N PRO A 694 -28.94 10.25 11.65
CA PRO A 694 -29.90 11.23 11.13
C PRO A 694 -29.87 11.35 9.62
N TRP A 695 -28.68 11.31 9.02
CA TRP A 695 -28.59 11.46 7.57
C TRP A 695 -29.23 10.28 6.86
N VAL A 696 -29.05 9.06 7.38
CA VAL A 696 -29.63 7.89 6.73
C VAL A 696 -31.15 7.96 6.77
N ILE A 697 -31.73 8.31 7.91
CA ILE A 697 -33.18 8.38 8.02
C ILE A 697 -33.73 9.49 7.13
N GLN A 698 -33.09 10.66 7.14
CA GLN A 698 -33.56 11.75 6.29
C GLN A 698 -33.42 11.39 4.82
N SER A 699 -32.35 10.69 4.46
CA SER A 699 -32.16 10.26 3.08
C SER A 699 -33.22 9.25 2.68
N ALA A 700 -33.61 8.37 3.59
CA ALA A 700 -34.69 7.43 3.30
C ALA A 700 -36.00 8.18 3.07
N TYR A 701 -36.28 9.19 3.90
CA TYR A 701 -37.49 9.99 3.69
C TYR A 701 -37.45 10.70 2.34
N TRP A 702 -36.31 11.28 2.00
CA TRP A 702 -36.16 11.96 0.71
C TRP A 702 -36.29 10.98 -0.44
N PHE A 703 -35.74 9.78 -0.29
CA PHE A 703 -35.85 8.76 -1.32
C PHE A 703 -37.30 8.36 -1.53
N ASN A 704 -38.06 8.18 -0.44
CA ASN A 704 -39.47 7.86 -0.58
C ASN A 704 -40.23 8.98 -1.29
N GLU A 705 -39.95 10.22 -0.92
CA GLU A 705 -40.62 11.35 -1.56
C GLU A 705 -40.30 11.39 -3.05
N TRP A 706 -39.03 11.23 -3.41
CA TRP A 706 -38.62 11.28 -4.81
C TRP A 706 -39.18 10.10 -5.59
N LEU A 707 -39.27 8.93 -4.96
CA LEU A 707 -39.87 7.77 -5.62
C LEU A 707 -41.34 8.00 -5.89
N GLY A 708 -42.06 8.60 -4.94
CA GLY A 708 -43.45 8.96 -5.20
C GLY A 708 -43.57 9.94 -6.36
N PHE A 709 -42.71 10.96 -6.38
CA PHE A 709 -42.73 11.91 -7.48
C PHE A 709 -42.45 11.23 -8.81
N GLU A 710 -41.50 10.30 -8.81
CA GLU A 710 -41.16 9.58 -10.04
C GLU A 710 -42.33 8.71 -10.50
N LYS A 711 -43.04 8.08 -9.56
CA LYS A 711 -44.22 7.31 -9.92
C LYS A 711 -45.27 8.21 -10.56
N GLU A 712 -45.53 9.37 -9.96
CA GLU A 712 -46.49 10.30 -10.55
C GLU A 712 -46.05 10.70 -11.95
N GLY A 713 -44.77 11.04 -12.12
CA GLY A 713 -44.29 11.43 -13.43
C GLY A 713 -44.41 10.32 -14.46
N SER A 714 -44.16 9.07 -14.03
CA SER A 714 -44.31 7.94 -14.93
C SER A 714 -45.75 7.76 -15.36
N LYS A 715 -46.70 7.95 -14.43
CA LYS A 715 -48.11 7.77 -14.77
C LYS A 715 -48.50 8.64 -15.96
N VAL A 716 -47.94 9.83 -16.05
CA VAL A 716 -48.26 10.74 -17.15
C VAL A 716 -47.35 10.42 -18.33
N MET B 1 -40.50 25.54 1.84
CA MET B 1 -39.58 25.00 0.79
C MET B 1 -38.55 24.06 1.41
N ASN B 2 -38.66 22.78 1.09
CA ASN B 2 -37.80 21.74 1.64
C ASN B 2 -36.93 21.19 0.52
N ILE B 3 -35.62 21.22 0.72
CA ILE B 3 -34.66 20.79 -0.29
C ILE B 3 -34.55 19.26 -0.25
N ASN B 4 -34.70 18.64 -1.41
CA ASN B 4 -34.58 17.19 -1.54
C ASN B 4 -33.45 16.88 -2.52
N PRO B 5 -32.27 16.46 -2.05
CA PRO B 5 -31.18 16.21 -3.00
C PRO B 5 -31.51 15.18 -4.06
N TYR B 6 -32.30 14.16 -3.72
CA TYR B 6 -32.62 13.12 -4.69
C TYR B 6 -33.35 13.68 -5.91
N PHE B 7 -34.02 14.83 -5.75
CA PHE B 7 -34.70 15.44 -6.89
C PHE B 7 -33.74 15.84 -8.00
N LEU B 8 -32.44 15.89 -7.70
CA LEU B 8 -31.46 16.14 -8.75
C LEU B 8 -31.51 15.05 -9.81
N PHE B 9 -31.94 13.84 -9.43
CA PHE B 9 -32.06 12.75 -10.39
C PHE B 9 -33.23 12.94 -11.35
N ILE B 10 -34.15 13.85 -11.05
CA ILE B 10 -35.23 14.15 -12.00
C ILE B 10 -34.66 14.75 -13.27
N ASP B 11 -33.72 15.68 -13.13
CA ASP B 11 -33.13 16.38 -14.27
C ASP B 11 -31.78 15.79 -14.69
N VAL B 12 -31.33 14.72 -14.05
CA VAL B 12 -30.06 14.08 -14.40
C VAL B 12 -30.19 12.58 -14.28
N PRO B 13 -29.50 11.83 -15.14
CA PRO B 13 -29.45 10.37 -14.96
C PRO B 13 -28.70 10.00 -13.68
N ILE B 14 -29.07 8.86 -13.11
CA ILE B 14 -28.43 8.41 -11.88
C ILE B 14 -26.95 8.15 -12.12
N GLN B 15 -26.61 7.56 -13.27
CA GLN B 15 -25.21 7.27 -13.57
C GLN B 15 -24.38 8.54 -13.63
N ALA B 16 -24.91 9.60 -14.25
CA ALA B 16 -24.17 10.85 -14.34
C ALA B 16 -23.92 11.44 -12.96
N ALA B 17 -24.91 11.38 -12.08
CA ALA B 17 -24.78 11.90 -10.73
C ALA B 17 -24.42 10.82 -9.71
N ILE B 18 -23.97 9.65 -10.19
CA ILE B 18 -23.65 8.55 -9.27
C ILE B 18 -22.51 8.92 -8.35
N SER B 19 -21.61 9.80 -8.79
CA SER B 19 -20.46 10.17 -7.98
C SER B 19 -20.89 10.74 -6.63
N THR B 20 -21.94 11.57 -6.63
CA THR B 20 -22.42 12.16 -5.39
C THR B 20 -23.01 11.13 -4.44
N THR B 21 -23.41 9.96 -4.95
CA THR B 21 -23.99 8.93 -4.10
C THR B 21 -22.94 8.21 -3.26
N PHE B 22 -21.67 8.29 -3.63
CA PHE B 22 -20.62 7.62 -2.90
C PHE B 22 -20.23 8.44 -1.68
N PRO B 23 -20.35 7.92 -0.46
CA PRO B 23 -19.89 8.65 0.74
C PRO B 23 -18.40 8.48 0.98
N TYR B 24 -17.60 8.84 -0.02
CA TYR B 24 -16.16 8.64 0.04
C TYR B 24 -15.43 9.83 0.65
N THR B 25 -16.15 10.86 1.11
CA THR B 25 -15.54 11.98 1.81
C THR B 25 -15.56 11.80 3.32
N GLY B 26 -16.13 10.70 3.82
CA GLY B 26 -16.19 10.44 5.24
C GLY B 26 -15.13 9.45 5.70
N VAL B 27 -15.16 9.15 6.99
CA VAL B 27 -14.22 8.21 7.58
C VAL B 27 -14.59 6.80 7.13
N PRO B 28 -13.67 6.04 6.54
CA PRO B 28 -13.97 4.63 6.23
C PRO B 28 -14.23 3.85 7.51
N PRO B 29 -15.26 3.00 7.54
CA PRO B 29 -15.57 2.28 8.78
C PRO B 29 -14.44 1.36 9.22
N TYR B 30 -13.84 1.67 10.36
CA TYR B 30 -12.80 0.83 10.92
C TYR B 30 -13.40 -0.12 11.97
N SER B 31 -12.59 -1.09 12.39
CA SER B 31 -13.01 -2.07 13.37
C SER B 31 -12.60 -1.63 14.77
N HIS B 32 -13.56 -1.59 15.69
CA HIS B 32 -13.32 -1.22 17.08
C HIS B 32 -13.23 -2.50 17.90
N GLY B 33 -12.05 -2.76 18.47
CA GLY B 33 -11.89 -3.89 19.37
C GLY B 33 -11.42 -5.17 18.69
N THR B 34 -11.84 -6.30 19.25
CA THR B 34 -11.37 -7.59 18.76
C THR B 34 -11.99 -7.95 17.42
N GLY B 35 -11.23 -8.68 16.61
CA GLY B 35 -11.73 -9.22 15.37
C GLY B 35 -11.94 -10.72 15.45
N THR B 36 -11.96 -11.26 16.68
CA THR B 36 -12.12 -12.69 16.89
C THR B 36 -13.53 -13.16 16.54
N GLY B 37 -14.54 -12.39 16.91
CA GLY B 37 -15.91 -12.76 16.57
C GLY B 37 -16.12 -12.86 15.08
N TYR B 38 -15.52 -11.94 14.31
CA TYR B 38 -15.64 -11.98 12.86
C TYR B 38 -14.97 -13.22 12.28
N THR B 39 -13.80 -13.58 12.80
CA THR B 39 -13.13 -14.80 12.32
C THR B 39 -13.96 -16.03 12.65
N ILE B 40 -14.52 -16.10 13.86
CA ILE B 40 -15.33 -17.25 14.23
C ILE B 40 -16.57 -17.31 13.35
N ASP B 41 -17.18 -16.16 13.07
CA ASP B 41 -18.34 -16.13 12.17
C ASP B 41 -17.96 -16.60 10.78
N THR B 42 -16.78 -16.19 10.29
CA THR B 42 -16.34 -16.64 8.97
C THR B 42 -16.17 -18.16 8.96
N VAL B 43 -15.56 -18.71 10.00
CA VAL B 43 -15.37 -20.17 10.06
C VAL B 43 -16.73 -20.88 10.10
N ILE B 44 -17.65 -20.36 10.91
CA ILE B 44 -18.97 -20.97 11.03
C ILE B 44 -19.70 -20.93 9.70
N ARG B 45 -19.65 -19.79 9.01
CA ARG B 45 -20.30 -19.68 7.71
C ARG B 45 -19.67 -20.61 6.70
N THR B 46 -18.34 -20.70 6.69
CA THR B 46 -17.67 -21.56 5.73
C THR B 46 -18.04 -23.02 5.94
N HIS B 47 -18.14 -23.44 7.20
CA HIS B 47 -18.52 -24.82 7.48
C HIS B 47 -20.02 -25.06 7.38
N GLU B 48 -20.83 -24.00 7.38
CA GLU B 48 -22.27 -24.16 7.23
C GLU B 48 -22.66 -24.45 5.79
N TYR B 49 -21.92 -23.91 4.83
CA TYR B 49 -22.18 -24.15 3.42
C TYR B 49 -21.60 -25.47 2.93
N SER B 50 -20.89 -26.19 3.80
CA SER B 50 -20.27 -27.46 3.43
C SER B 50 -20.53 -28.55 4.48
N ASN B 51 -21.50 -28.33 5.37
CA ASN B 51 -21.74 -29.29 6.44
C ASN B 51 -22.41 -30.56 5.95
N LYS B 52 -22.88 -30.60 4.70
CA LYS B 52 -23.46 -31.80 4.12
C LYS B 52 -22.43 -32.64 3.37
N GLY B 53 -21.18 -32.20 3.30
CA GLY B 53 -20.12 -32.98 2.69
C GLY B 53 -19.68 -34.11 3.58
N LYS B 54 -18.44 -34.54 3.40
CA LYS B 54 -17.87 -35.59 4.22
C LYS B 54 -17.00 -34.97 5.30
N GLN B 55 -17.16 -35.45 6.53
CA GLN B 55 -16.36 -34.99 7.66
C GLN B 55 -15.47 -36.12 8.13
N TYR B 56 -14.17 -35.85 8.21
CA TYR B 56 -13.19 -36.85 8.65
C TYR B 56 -12.16 -36.15 9.53
N ILE B 57 -11.10 -36.89 9.89
CA ILE B 57 -10.04 -36.38 10.75
C ILE B 57 -8.73 -36.44 9.98
N SER B 58 -8.05 -35.31 9.91
CA SER B 58 -6.76 -35.24 9.21
C SER B 58 -5.70 -35.94 10.03
N ASP B 59 -5.16 -37.03 9.50
CA ASP B 59 -4.15 -37.80 10.22
C ASP B 59 -2.84 -37.06 10.37
N VAL B 60 -2.63 -36.00 9.59
CA VAL B 60 -1.37 -35.26 9.68
C VAL B 60 -1.40 -34.27 10.84
N THR B 61 -2.48 -33.53 10.99
CA THR B 61 -2.62 -32.54 12.05
C THR B 61 -3.66 -32.92 13.10
N GLY B 62 -4.51 -33.90 12.82
CA GLY B 62 -5.55 -34.28 13.76
C GLY B 62 -6.77 -33.40 13.76
N CYS B 63 -6.88 -32.46 12.82
CA CYS B 63 -7.99 -31.54 12.76
C CYS B 63 -9.22 -32.22 12.14
N THR B 64 -10.36 -31.54 12.25
CA THR B 64 -11.60 -32.01 11.65
C THR B 64 -11.75 -31.40 10.26
N MET B 65 -11.73 -32.24 9.24
CA MET B 65 -11.74 -31.81 7.85
C MET B 65 -13.13 -32.02 7.26
N VAL B 66 -13.58 -31.03 6.50
CA VAL B 66 -14.88 -31.07 5.83
C VAL B 66 -14.65 -30.91 4.34
N ASP B 67 -15.25 -31.80 3.54
CA ASP B 67 -15.08 -31.82 2.10
C ASP B 67 -16.45 -31.84 1.43
N PRO B 68 -16.94 -30.70 0.93
CA PRO B 68 -18.22 -30.70 0.22
C PRO B 68 -18.15 -31.14 -1.23
N THR B 69 -16.97 -31.15 -1.84
CA THR B 69 -16.85 -31.45 -3.27
C THR B 69 -17.45 -32.81 -3.57
N ASN B 70 -18.14 -32.91 -4.70
CA ASN B 70 -18.84 -34.12 -5.11
C ASN B 70 -19.91 -34.53 -4.12
N GLY B 71 -20.41 -33.58 -3.33
CA GLY B 71 -21.41 -33.86 -2.33
C GLY B 71 -22.81 -33.80 -2.91
N PRO B 72 -23.82 -33.81 -2.03
CA PRO B 72 -25.20 -33.73 -2.51
C PRO B 72 -25.46 -32.41 -3.22
N LEU B 73 -26.28 -32.46 -4.26
CA LEU B 73 -26.65 -31.25 -4.98
C LEU B 73 -27.52 -30.35 -4.09
N PRO B 74 -27.40 -29.04 -4.23
CA PRO B 74 -28.22 -28.14 -3.41
C PRO B 74 -29.70 -28.34 -3.67
N GLU B 75 -30.49 -28.17 -2.61
CA GLU B 75 -31.94 -28.31 -2.68
C GLU B 75 -32.68 -27.00 -2.45
N ASP B 76 -31.97 -25.94 -2.07
CA ASP B 76 -32.57 -24.63 -1.82
C ASP B 76 -31.68 -23.59 -2.49
N ASN B 77 -31.95 -22.31 -2.18
CA ASN B 77 -31.24 -21.20 -2.78
C ASN B 77 -30.18 -20.61 -1.86
N GLU B 78 -29.82 -21.32 -0.80
CA GLU B 78 -28.76 -20.88 0.09
C GLU B 78 -27.39 -21.11 -0.56
N PRO B 79 -26.35 -20.43 -0.09
CA PRO B 79 -25.02 -20.65 -0.64
C PRO B 79 -24.60 -22.10 -0.49
N SER B 80 -23.94 -22.63 -1.52
CA SER B 80 -23.54 -24.02 -1.56
C SER B 80 -22.10 -24.14 -2.04
N ALA B 81 -21.33 -24.98 -1.35
CA ALA B 81 -19.96 -25.27 -1.73
C ALA B 81 -19.81 -26.63 -2.40
N TYR B 82 -20.92 -27.28 -2.74
CA TYR B 82 -20.90 -28.65 -3.26
C TYR B 82 -20.66 -28.63 -4.77
N ALA B 83 -19.45 -28.22 -5.13
CA ALA B 83 -19.05 -28.22 -6.52
C ALA B 83 -18.78 -29.64 -7.01
N GLN B 84 -19.23 -29.94 -8.22
CA GLN B 84 -19.03 -31.25 -8.82
C GLN B 84 -17.75 -31.24 -9.65
N LEU B 85 -16.88 -32.21 -9.41
CA LEU B 85 -15.61 -32.25 -10.12
C LEU B 85 -15.83 -32.44 -11.62
N ASP B 86 -16.77 -33.30 -11.99
CA ASP B 86 -17.00 -33.55 -13.42
C ASP B 86 -17.44 -32.28 -14.14
N CYS B 87 -18.31 -31.50 -13.51
CA CYS B 87 -18.76 -30.25 -14.13
C CYS B 87 -17.60 -29.27 -14.30
N VAL B 88 -16.75 -29.16 -13.29
CA VAL B 88 -15.60 -28.25 -13.37
C VAL B 88 -14.67 -28.70 -14.49
N LEU B 89 -14.42 -30.01 -14.58
CA LEU B 89 -13.56 -30.52 -15.64
C LEU B 89 -14.18 -30.26 -17.01
N GLU B 90 -15.49 -30.41 -17.14
CA GLU B 90 -16.15 -30.11 -18.41
C GLU B 90 -15.99 -28.65 -18.78
N ALA B 91 -16.18 -27.76 -17.81
CA ALA B 91 -16.01 -26.33 -18.08
C ALA B 91 -14.59 -26.01 -18.50
N LEU B 92 -13.60 -26.60 -17.83
CA LEU B 92 -12.21 -26.35 -18.18
C LEU B 92 -11.88 -26.92 -19.56
N ASP B 93 -12.43 -28.09 -19.89
CA ASP B 93 -12.21 -28.65 -21.21
C ASP B 93 -12.81 -27.77 -22.29
N ARG B 94 -14.01 -27.24 -22.04
CA ARG B 94 -14.61 -26.31 -23.00
C ARG B 94 -13.76 -25.06 -23.16
N MET B 95 -13.23 -24.54 -22.05
CA MET B 95 -12.38 -23.36 -22.12
C MET B 95 -11.12 -23.64 -22.93
N ASP B 96 -10.50 -24.81 -22.71
CA ASP B 96 -9.32 -25.16 -23.48
C ASP B 96 -9.64 -25.32 -24.96
N GLU B 97 -10.78 -25.95 -25.28
CA GLU B 97 -11.17 -26.10 -26.68
C GLU B 97 -11.37 -24.74 -27.33
N GLU B 98 -11.97 -23.79 -26.61
CA GLU B 98 -12.18 -22.46 -27.17
C GLU B 98 -10.85 -21.78 -27.48
N HIS B 99 -9.83 -22.02 -26.66
CA HIS B 99 -8.53 -21.38 -26.83
C HIS B 99 -7.47 -22.44 -27.03
N PRO B 100 -7.21 -22.90 -28.27
CA PRO B 100 -6.22 -23.97 -28.46
C PRO B 100 -4.87 -23.63 -27.87
N GLY B 101 -4.33 -24.56 -27.09
CA GLY B 101 -2.95 -24.46 -26.63
C GLY B 101 -2.68 -23.35 -25.64
N LEU B 102 -3.72 -22.82 -24.99
CA LEU B 102 -3.50 -21.80 -23.98
C LEU B 102 -2.95 -22.39 -22.68
N PHE B 103 -3.47 -23.56 -22.27
CA PHE B 103 -2.98 -24.19 -21.05
C PHE B 103 -1.51 -24.55 -21.18
N GLN B 104 -1.12 -25.14 -22.31
CA GLN B 104 0.27 -25.53 -22.50
C GLN B 104 1.19 -24.31 -22.51
N ALA B 105 0.77 -23.25 -23.21
CA ALA B 105 1.59 -22.05 -23.25
C ALA B 105 1.74 -21.43 -21.87
N ALA B 106 0.64 -21.36 -21.11
CA ALA B 106 0.71 -20.80 -19.77
C ALA B 106 1.63 -21.64 -18.88
N SER B 107 1.51 -22.96 -18.96
CA SER B 107 2.37 -23.83 -18.16
C SER B 107 3.83 -23.64 -18.52
N GLN B 108 4.15 -23.58 -19.82
CA GLN B 108 5.53 -23.40 -20.23
C GLN B 108 6.08 -22.05 -19.75
N ASN B 109 5.30 -20.98 -19.91
CA ASN B 109 5.76 -19.66 -19.51
C ASN B 109 5.98 -19.60 -18.00
N ALA B 110 5.03 -20.14 -17.23
CA ALA B 110 5.18 -20.14 -15.78
C ALA B 110 6.39 -20.96 -15.36
N MET B 111 6.61 -22.11 -16.01
CA MET B 111 7.75 -22.94 -15.68
C MET B 111 9.06 -22.20 -15.93
N GLU B 112 9.17 -21.54 -17.08
CA GLU B 112 10.39 -20.81 -17.39
C GLU B 112 10.63 -19.70 -16.39
N THR B 113 9.60 -18.89 -16.11
CA THR B 113 9.77 -17.82 -15.14
C THR B 113 10.14 -18.36 -13.76
N LEU B 114 9.63 -19.54 -13.41
CA LEU B 114 10.01 -20.17 -12.14
C LEU B 114 11.48 -20.57 -12.14
N MET B 115 11.93 -21.19 -13.23
CA MET B 115 13.35 -21.55 -13.33
C MET B 115 14.23 -20.32 -13.18
N VAL B 116 13.78 -19.18 -13.71
CA VAL B 116 14.60 -17.97 -13.62
C VAL B 116 14.44 -17.25 -12.28
N THR B 117 13.33 -17.47 -11.57
CA THR B 117 13.07 -16.74 -10.34
C THR B 117 14.09 -17.08 -9.26
N THR B 118 14.34 -16.12 -8.38
CA THR B 118 15.25 -16.27 -7.25
C THR B 118 14.49 -16.07 -5.94
N VAL B 119 15.19 -16.32 -4.83
CA VAL B 119 14.56 -16.23 -3.52
C VAL B 119 14.19 -14.78 -3.20
N ASP B 120 14.97 -13.82 -3.66
CA ASP B 120 14.72 -12.42 -3.28
C ASP B 120 13.32 -11.99 -3.69
N LYS B 121 12.73 -12.62 -4.70
CA LYS B 121 11.40 -12.23 -5.14
C LYS B 121 10.38 -12.38 -4.03
N LEU B 122 10.62 -13.28 -3.07
CA LEU B 122 9.69 -13.45 -1.96
C LEU B 122 9.67 -12.25 -1.02
N THR B 123 10.65 -11.36 -1.10
CA THR B 123 10.64 -10.15 -0.28
C THR B 123 9.61 -9.14 -0.76
N GLN B 124 9.00 -9.36 -1.92
CA GLN B 124 7.98 -8.47 -2.46
C GLN B 124 6.61 -8.97 -2.04
N GLY B 125 5.86 -8.13 -1.34
CA GLY B 125 4.53 -8.51 -0.88
C GLY B 125 4.10 -7.64 0.27
N ARG B 126 3.21 -8.20 1.08
CA ARG B 126 2.66 -7.53 2.25
C ARG B 126 3.07 -8.30 3.50
N GLN B 127 2.50 -7.90 4.64
CA GLN B 127 2.79 -8.58 5.90
C GLN B 127 2.57 -10.08 5.75
N THR B 128 3.57 -10.86 6.16
CA THR B 128 3.52 -12.30 6.10
C THR B 128 3.59 -12.87 7.51
N PHE B 129 2.94 -14.01 7.71
CA PHE B 129 2.92 -14.65 9.02
C PHE B 129 4.27 -15.31 9.28
N ASP B 130 4.93 -14.91 10.35
CA ASP B 130 6.19 -15.50 10.77
C ASP B 130 5.92 -16.55 11.82
N TRP B 131 6.31 -17.80 11.51
CA TRP B 131 6.12 -18.92 12.42
C TRP B 131 7.12 -18.91 13.56
N THR B 132 8.31 -18.34 13.34
CA THR B 132 9.31 -18.29 14.39
C THR B 132 8.81 -17.50 15.60
N VAL B 133 8.16 -16.36 15.35
CA VAL B 133 7.59 -15.54 16.40
C VAL B 133 6.08 -15.62 16.44
N CYS B 134 5.46 -16.42 15.57
CA CYS B 134 4.01 -16.58 15.56
C CYS B 134 3.31 -15.23 15.46
N ARG B 135 3.83 -14.36 14.60
CA ARG B 135 3.33 -13.00 14.50
C ARG B 135 3.20 -12.63 13.02
N ASN B 136 3.02 -11.35 12.74
CA ASN B 136 3.01 -10.84 11.38
C ASN B 136 4.20 -9.89 11.22
N GLN B 137 5.04 -10.17 10.24
CA GLN B 137 6.24 -9.39 9.98
C GLN B 137 6.39 -9.18 8.49
N PRO B 138 7.13 -8.14 8.07
CA PRO B 138 7.30 -7.90 6.64
C PRO B 138 7.83 -9.12 5.90
N ALA B 139 7.71 -9.12 4.57
CA ALA B 139 8.14 -10.29 3.81
C ALA B 139 9.63 -10.54 3.95
N ALA B 140 10.44 -9.48 3.87
CA ALA B 140 11.88 -9.66 3.96
C ALA B 140 12.29 -10.17 5.34
N THR B 141 11.71 -9.62 6.40
CA THR B 141 12.04 -10.06 7.75
C THR B 141 11.70 -11.53 7.95
N ALA B 142 10.49 -11.93 7.55
CA ALA B 142 10.09 -13.33 7.69
C ALA B 142 10.98 -14.24 6.86
N LEU B 143 11.30 -13.82 5.63
CA LEU B 143 12.16 -14.64 4.79
C LEU B 143 13.54 -14.83 5.41
N ASN B 144 14.13 -13.76 5.92
CA ASN B 144 15.44 -13.87 6.54
C ASN B 144 15.40 -14.76 7.78
N THR B 145 14.36 -14.60 8.61
CA THR B 145 14.25 -15.43 9.80
C THR B 145 14.10 -16.90 9.42
N THR B 146 13.29 -17.18 8.40
CA THR B 146 13.13 -18.57 7.95
C THR B 146 14.43 -19.13 7.43
N ILE B 147 15.19 -18.33 6.67
CA ILE B 147 16.47 -18.81 6.14
C ILE B 147 17.43 -19.12 7.28
N THR B 148 17.50 -18.23 8.29
CA THR B 148 18.40 -18.47 9.41
C THR B 148 17.99 -19.72 10.18
N SER B 149 16.69 -19.91 10.43
CA SER B 149 16.24 -21.11 11.13
C SER B 149 16.52 -22.36 10.32
N PHE B 150 16.34 -22.32 9.01
CA PHE B 150 16.66 -23.47 8.17
C PHE B 150 18.15 -23.77 8.20
N ARG B 151 18.99 -22.73 8.28
CA ARG B 151 20.41 -22.95 8.51
C ARG B 151 20.63 -23.66 9.83
N LEU B 152 19.92 -23.23 10.88
CA LEU B 152 20.01 -23.92 12.16
C LEU B 152 19.62 -25.39 12.04
N ASN B 153 18.67 -25.72 11.18
CA ASN B 153 18.22 -27.09 10.98
C ASN B 153 18.98 -27.81 9.87
N ASP B 154 20.12 -27.26 9.44
CA ASP B 154 20.94 -27.81 8.37
C ASP B 154 20.24 -27.80 7.02
N LEU B 155 19.05 -27.19 6.93
CA LEU B 155 18.33 -27.09 5.66
C LEU B 155 18.94 -25.94 4.87
N ASN B 156 19.58 -26.27 3.75
CA ASN B 156 20.19 -25.28 2.88
C ASN B 156 19.50 -25.31 1.52
N GLY B 157 19.80 -24.29 0.72
CA GLY B 157 19.14 -24.10 -0.56
C GLY B 157 18.72 -22.65 -0.73
N ALA B 158 18.36 -21.99 0.37
CA ALA B 158 18.10 -20.57 0.31
C ALA B 158 19.32 -19.79 -0.13
N ASP B 159 20.51 -20.31 0.17
CA ASP B 159 21.77 -19.72 -0.27
C ASP B 159 22.23 -20.25 -1.62
N LYS B 160 21.44 -21.11 -2.26
CA LYS B 160 21.78 -21.67 -3.55
C LYS B 160 21.29 -20.80 -4.71
N GLY B 161 20.67 -19.66 -4.42
CA GLY B 161 20.17 -18.80 -5.48
C GLY B 161 18.71 -19.04 -5.82
N GLY B 162 18.46 -19.84 -6.85
CA GLY B 162 17.13 -20.04 -7.37
C GLY B 162 16.08 -20.39 -6.33
N LEU B 163 14.82 -20.14 -6.67
CA LEU B 163 13.71 -20.39 -5.75
C LEU B 163 13.36 -21.87 -5.64
N ILE B 164 13.72 -22.69 -6.63
CA ILE B 164 13.41 -24.12 -6.57
C ILE B 164 14.08 -24.78 -5.38
N PRO B 165 15.39 -24.63 -5.15
CA PRO B 165 15.98 -25.24 -3.94
C PRO B 165 15.40 -24.70 -2.65
N PHE B 166 15.07 -23.41 -2.60
CA PHE B 166 14.48 -22.86 -1.39
C PHE B 166 13.14 -23.51 -1.09
N CYS B 167 12.30 -23.66 -2.11
CA CYS B 167 11.01 -24.31 -1.89
C CYS B 167 11.19 -25.79 -1.60
N GLN B 168 12.21 -26.43 -2.18
CA GLN B 168 12.49 -27.82 -1.86
C GLN B 168 12.84 -27.99 -0.39
N ASP B 169 13.68 -27.08 0.14
CA ASP B 169 14.00 -27.15 1.56
C ASP B 169 12.80 -26.80 2.42
N ILE B 170 11.93 -25.92 1.95
CA ILE B 170 10.68 -25.65 2.67
C ILE B 170 9.86 -26.92 2.78
N ILE B 171 9.74 -27.67 1.69
CA ILE B 171 9.03 -28.94 1.72
C ILE B 171 9.71 -29.92 2.66
N ASP B 172 11.05 -29.98 2.60
CA ASP B 172 11.78 -30.92 3.44
C ASP B 172 11.59 -30.60 4.93
N SER B 173 11.52 -29.32 5.28
CA SER B 173 11.40 -28.94 6.67
C SER B 173 10.15 -29.52 7.33
N LEU B 174 9.14 -29.88 6.54
CA LEU B 174 7.94 -30.49 7.09
C LEU B 174 8.18 -31.92 7.58
N ASP B 175 9.33 -32.50 7.29
CA ASP B 175 9.65 -33.85 7.71
C ASP B 175 10.59 -33.92 8.91
N ARG B 176 11.29 -32.83 9.23
CA ARG B 176 12.25 -32.85 10.31
C ARG B 176 11.53 -33.14 11.63
N PRO B 177 12.01 -34.12 12.42
CA PRO B 177 11.27 -34.47 13.63
C PRO B 177 11.11 -33.31 14.60
N GLU B 178 12.11 -32.46 14.72
CA GLU B 178 12.07 -31.28 15.57
C GLU B 178 12.62 -30.10 14.79
N MET B 179 12.00 -28.93 14.96
CA MET B 179 12.41 -27.72 14.28
C MET B 179 13.04 -26.78 15.30
N THR B 180 14.29 -26.41 15.06
CA THR B 180 15.03 -25.49 15.91
C THR B 180 15.12 -24.14 15.22
N PHE B 181 14.78 -23.08 15.95
CA PHE B 181 14.71 -21.76 15.36
C PHE B 181 15.10 -20.72 16.40
N PHE B 182 15.19 -19.46 15.94
CA PHE B 182 15.42 -18.32 16.79
C PHE B 182 14.07 -17.69 17.14
N SER B 183 13.83 -17.47 18.43
CA SER B 183 12.57 -16.94 18.90
C SER B 183 12.83 -15.68 19.72
N VAL B 184 11.84 -14.79 19.73
CA VAL B 184 11.92 -13.54 20.47
C VAL B 184 11.40 -13.82 21.88
N LYS B 185 12.27 -13.69 22.87
CA LYS B 185 11.92 -13.92 24.26
C LYS B 185 12.01 -12.59 25.00
N ASN B 186 10.91 -12.17 25.61
CA ASN B 186 10.82 -10.89 26.33
C ASN B 186 11.08 -11.19 27.80
N ILE B 187 12.29 -10.91 28.27
CA ILE B 187 12.72 -11.21 29.63
C ILE B 187 12.65 -9.94 30.46
N LYS B 188 12.21 -10.09 31.71
CA LYS B 188 12.11 -8.98 32.64
C LYS B 188 13.42 -8.84 33.41
N LYS B 189 14.09 -7.71 33.23
CA LYS B 189 15.34 -7.44 33.94
C LYS B 189 15.11 -6.37 35.00
N ILE B 201 12.38 -1.42 36.68
CA ILE B 201 12.28 -2.69 35.97
C ILE B 201 12.14 -2.43 34.48
N LYS B 202 12.62 -3.37 33.66
CA LYS B 202 12.59 -3.24 32.22
C LYS B 202 12.21 -4.59 31.60
N ARG B 203 11.73 -4.55 30.37
CA ARG B 203 11.44 -5.73 29.58
C ARG B 203 12.25 -5.67 28.30
N ILE B 204 13.15 -6.63 28.12
CA ILE B 204 14.10 -6.63 27.00
C ILE B 204 13.79 -7.84 26.13
N PRO B 205 13.60 -7.69 24.82
CA PRO B 205 13.49 -8.86 23.95
C PRO B 205 14.84 -9.27 23.40
N MET B 206 15.10 -10.58 23.44
CA MET B 206 16.36 -11.14 22.98
C MET B 206 16.08 -12.40 22.18
N LYS B 207 17.15 -12.96 21.59
CA LYS B 207 17.06 -14.19 20.83
C LYS B 207 17.24 -15.40 21.74
N VAL B 208 16.39 -16.40 21.56
CA VAL B 208 16.51 -17.66 22.26
C VAL B 208 16.41 -18.80 21.26
N LYS B 209 17.26 -19.80 21.42
CA LYS B 209 17.25 -20.97 20.55
C LYS B 209 16.11 -21.87 21.00
N ASP B 210 14.96 -21.71 20.36
CA ASP B 210 13.76 -22.47 20.69
C ASP B 210 13.63 -23.68 19.79
N LYS B 211 12.83 -24.65 20.24
CA LYS B 211 12.62 -25.89 19.52
C LYS B 211 11.14 -26.28 19.63
N ILE B 212 10.58 -26.77 18.53
CA ILE B 212 9.20 -27.23 18.49
C ILE B 212 9.15 -28.58 17.80
N THR B 213 8.03 -29.27 17.98
CA THR B 213 7.84 -30.60 17.43
C THR B 213 7.37 -30.54 15.98
N LYS B 214 7.40 -31.71 15.32
CA LYS B 214 7.02 -31.78 13.92
C LYS B 214 5.57 -31.37 13.71
N VAL B 215 4.66 -31.87 14.55
CA VAL B 215 3.25 -31.53 14.39
C VAL B 215 3.02 -30.05 14.66
N GLU B 216 3.67 -29.52 15.70
CA GLU B 216 3.55 -28.09 15.99
C GLU B 216 4.06 -27.25 14.82
N TYR B 217 5.20 -27.64 14.25
CA TYR B 217 5.73 -26.90 13.11
C TYR B 217 4.80 -26.99 11.90
N ILE B 218 4.23 -28.16 11.65
CA ILE B 218 3.31 -28.31 10.53
C ILE B 218 2.10 -27.42 10.72
N LYS B 219 1.55 -27.39 11.94
CA LYS B 219 0.43 -26.50 12.21
C LYS B 219 0.82 -25.05 12.02
N ARG B 220 2.03 -24.68 12.44
CA ARG B 220 2.50 -23.32 12.24
C ARG B 220 2.57 -22.95 10.76
N ALA B 221 3.09 -23.86 9.94
CA ALA B 221 3.24 -23.58 8.52
C ALA B 221 1.88 -23.42 7.85
N LEU B 222 0.90 -24.23 8.24
CA LEU B 222 -0.44 -24.18 7.64
C LEU B 222 -1.31 -23.08 8.24
N SER B 223 -0.83 -22.36 9.25
CA SER B 223 -1.63 -21.36 9.92
C SER B 223 -1.75 -20.09 9.08
N LEU B 224 -2.87 -19.40 9.23
CA LEU B 224 -3.11 -18.11 8.59
C LEU B 224 -3.50 -17.11 9.65
N ASN B 225 -2.84 -15.95 9.66
CA ASN B 225 -3.14 -14.91 10.64
C ASN B 225 -4.31 -14.07 10.14
N THR B 226 -5.32 -13.91 10.98
CA THR B 226 -6.57 -13.27 10.61
C THR B 226 -6.73 -11.96 11.38
N MET B 227 -6.82 -10.86 10.64
CA MET B 227 -7.22 -9.57 11.19
C MET B 227 -8.60 -9.22 10.66
N THR B 228 -9.06 -8.00 10.97
CA THR B 228 -10.30 -7.50 10.42
C THR B 228 -10.00 -6.53 9.26
N LYS B 229 -10.81 -6.60 8.22
CA LYS B 229 -10.63 -5.75 7.04
C LYS B 229 -11.03 -4.33 7.45
N ASP B 230 -10.03 -3.52 7.78
CA ASP B 230 -10.23 -2.14 8.18
C ASP B 230 -10.11 -1.24 6.95
N ALA B 231 -10.87 -0.14 6.97
CA ALA B 231 -10.92 0.86 5.90
C ALA B 231 -11.74 0.39 4.71
N GLU B 232 -12.46 -0.72 4.83
CA GLU B 232 -13.30 -1.21 3.73
C GLU B 232 -14.51 -0.28 3.59
N ARG B 233 -14.64 0.36 2.44
CA ARG B 233 -15.67 1.34 2.20
C ARG B 233 -16.84 0.70 1.46
N GLY B 234 -18.04 0.89 1.99
CA GLY B 234 -19.26 0.44 1.35
C GLY B 234 -19.94 -0.77 1.98
N LYS B 235 -19.70 -1.06 3.26
CA LYS B 235 -20.34 -2.18 3.92
C LYS B 235 -20.62 -1.84 5.38
N LEU B 236 -21.78 -2.28 5.87
CA LEU B 236 -22.18 -1.97 7.23
C LEU B 236 -21.38 -2.78 8.25
N LYS B 237 -21.08 -4.03 7.93
CA LYS B 237 -20.45 -4.95 8.87
C LYS B 237 -19.06 -5.34 8.38
N ARG B 238 -18.16 -5.59 9.34
CA ARG B 238 -16.78 -5.92 9.03
C ARG B 238 -16.66 -7.40 8.69
N ARG B 239 -15.43 -7.83 8.40
CA ARG B 239 -15.15 -9.20 8.01
C ARG B 239 -13.73 -9.54 8.47
N ALA B 240 -13.18 -10.63 7.95
CA ALA B 240 -11.84 -11.10 8.31
C ALA B 240 -10.97 -11.16 7.07
N ILE B 241 -9.72 -10.73 7.22
CA ILE B 241 -8.71 -10.80 6.16
C ILE B 241 -7.54 -11.63 6.68
N ALA B 242 -7.10 -12.59 5.89
CA ALA B 242 -6.09 -13.56 6.30
C ALA B 242 -4.81 -13.41 5.49
N THR B 243 -3.69 -13.64 6.16
CA THR B 243 -2.38 -13.63 5.53
C THR B 243 -1.63 -14.91 5.90
N ALA B 244 -0.94 -15.48 4.92
CA ALA B 244 -0.26 -16.75 5.06
C ALA B 244 1.23 -16.54 5.36
N GLY B 245 1.90 -17.64 5.69
CA GLY B 245 3.32 -17.61 6.01
C GLY B 245 4.20 -17.75 4.79
N ILE B 246 5.51 -17.78 5.04
CA ILE B 246 6.48 -17.86 3.96
C ILE B 246 6.43 -19.23 3.28
N GLN B 247 6.04 -20.27 4.02
CA GLN B 247 6.05 -21.61 3.46
C GLN B 247 5.17 -21.73 2.22
N ILE B 248 4.10 -20.94 2.15
CA ILE B 248 3.15 -21.04 1.05
C ILE B 248 3.37 -19.96 -0.01
N ARG B 249 4.21 -18.96 0.27
CA ARG B 249 4.27 -17.78 -0.58
C ARG B 249 4.82 -18.09 -1.96
N GLY B 250 5.92 -18.85 -2.04
CA GLY B 250 6.50 -19.13 -3.34
C GLY B 250 5.59 -19.97 -4.22
N PHE B 251 4.97 -21.00 -3.64
CA PHE B 251 4.07 -21.85 -4.41
C PHE B 251 2.85 -21.05 -4.87
N VAL B 252 2.31 -20.20 -4.00
CA VAL B 252 1.18 -19.36 -4.39
C VAL B 252 1.60 -18.41 -5.50
N LEU B 253 2.83 -17.90 -5.43
CA LEU B 253 3.33 -17.02 -6.49
C LEU B 253 3.38 -17.72 -7.83
N VAL B 254 3.88 -18.97 -7.84
CA VAL B 254 3.96 -19.70 -9.10
C VAL B 254 2.56 -20.00 -9.64
N VAL B 255 1.65 -20.43 -8.77
CA VAL B 255 0.30 -20.74 -9.22
C VAL B 255 -0.40 -19.49 -9.74
N GLU B 256 -0.19 -18.35 -9.07
CA GLU B 256 -0.78 -17.10 -9.52
C GLU B 256 -0.19 -16.67 -10.85
N ASN B 257 1.11 -16.90 -11.06
CA ASN B 257 1.70 -16.61 -12.36
C ASN B 257 1.06 -17.44 -13.46
N LEU B 258 0.86 -18.74 -13.18
CA LEU B 258 0.18 -19.60 -14.15
C LEU B 258 -1.22 -19.09 -14.45
N ALA B 259 -1.97 -18.75 -13.40
CA ALA B 259 -3.35 -18.29 -13.59
C ALA B 259 -3.39 -16.97 -14.35
N LYS B 260 -2.45 -16.07 -14.07
CA LYS B 260 -2.39 -14.81 -14.80
C LYS B 260 -2.05 -15.04 -16.27
N ASN B 261 -1.14 -15.98 -16.54
CA ASN B 261 -0.82 -16.31 -17.93
C ASN B 261 -2.06 -16.80 -18.66
N ILE B 262 -2.87 -17.63 -18.00
CA ILE B 262 -4.13 -18.06 -18.61
C ILE B 262 -5.08 -16.88 -18.79
N CYS B 263 -5.20 -16.04 -17.77
CA CYS B 263 -6.22 -14.99 -17.77
C CYS B 263 -5.93 -13.94 -18.84
N GLU B 264 -4.66 -13.57 -19.02
CA GLU B 264 -4.35 -12.48 -19.95
C GLU B 264 -4.78 -12.80 -21.38
N ASN B 265 -4.99 -14.06 -21.70
CA ASN B 265 -5.43 -14.46 -23.04
C ASN B 265 -6.92 -14.70 -23.15
N LEU B 266 -7.69 -14.42 -22.09
CA LEU B 266 -9.13 -14.62 -22.08
C LEU B 266 -9.83 -13.26 -22.19
N GLU B 267 -10.73 -13.14 -23.17
CA GLU B 267 -11.45 -11.89 -23.35
C GLU B 267 -12.41 -11.62 -22.20
N GLN B 268 -12.95 -12.68 -21.59
CA GLN B 268 -13.82 -12.50 -20.43
C GLN B 268 -13.06 -11.89 -19.26
N SER B 269 -11.81 -12.32 -19.07
CA SER B 269 -11.02 -11.91 -17.91
C SER B 269 -10.96 -10.39 -17.79
N GLY B 270 -11.22 -9.88 -16.59
CA GLY B 270 -11.16 -8.45 -16.33
C GLY B 270 -10.28 -8.11 -15.15
N LEU B 271 -9.67 -9.13 -14.54
CA LEU B 271 -8.84 -8.92 -13.36
C LEU B 271 -7.46 -8.38 -13.74
N PRO B 272 -6.71 -9.05 -14.62
CA PRO B 272 -5.37 -8.55 -14.93
C PRO B 272 -5.38 -7.17 -15.57
N VAL B 273 -6.40 -6.87 -16.39
CA VAL B 273 -6.48 -5.56 -17.00
C VAL B 273 -6.62 -4.51 -15.93
N GLY B 274 -5.96 -3.37 -16.14
CA GLY B 274 -6.01 -2.28 -15.17
C GLY B 274 -5.74 -0.93 -15.79
N GLY B 275 -6.35 0.11 -15.22
CA GLY B 275 -6.14 1.46 -15.70
C GLY B 275 -7.33 2.01 -16.48
N ASN B 276 -7.06 2.63 -17.62
CA ASN B 276 -8.09 3.19 -18.47
C ASN B 276 -8.67 2.18 -19.45
N GLU B 277 -8.19 0.93 -19.42
CA GLU B 277 -8.70 -0.10 -20.31
C GLU B 277 -10.00 -0.72 -19.83
N LYS B 278 -10.39 -0.49 -18.58
CA LYS B 278 -11.63 -1.07 -18.07
C LYS B 278 -12.82 -0.61 -18.88
N LYS B 279 -12.93 0.69 -19.13
CA LYS B 279 -14.01 1.22 -19.95
C LYS B 279 -13.97 0.60 -21.34
N ALA B 280 -12.75 0.42 -21.89
CA ALA B 280 -12.62 -0.20 -23.20
C ALA B 280 -13.16 -1.63 -23.17
N LYS B 281 -12.85 -2.39 -22.13
CA LYS B 281 -13.35 -3.75 -22.03
C LYS B 281 -14.88 -3.77 -21.96
N LEU B 282 -15.45 -2.91 -21.11
CA LEU B 282 -16.90 -2.85 -21.00
C LEU B 282 -17.55 -2.52 -22.33
N SER B 283 -17.07 -1.46 -22.99
CA SER B 283 -17.66 -1.05 -24.26
C SER B 283 -17.51 -2.12 -25.32
N ASN B 284 -16.33 -2.75 -25.41
CA ASN B 284 -16.11 -3.77 -26.41
C ASN B 284 -17.03 -4.96 -26.18
N ALA B 285 -17.17 -5.41 -24.93
CA ALA B 285 -18.05 -6.54 -24.65
C ALA B 285 -19.50 -6.20 -25.00
N VAL B 286 -19.96 -5.00 -24.59
CA VAL B 286 -21.34 -4.63 -24.86
C VAL B 286 -21.59 -4.55 -26.36
N ALA B 287 -20.66 -3.92 -27.09
CA ALA B 287 -20.83 -3.78 -28.54
C ALA B 287 -20.84 -5.13 -29.23
N LYS B 288 -19.93 -6.02 -28.83
CA LYS B 288 -19.89 -7.34 -29.44
C LYS B 288 -21.18 -8.11 -29.18
N MET B 289 -21.69 -8.04 -27.95
CA MET B 289 -22.93 -8.73 -27.64
C MET B 289 -24.09 -8.15 -28.44
N LEU B 290 -24.18 -6.82 -28.54
CA LEU B 290 -25.26 -6.21 -29.30
C LEU B 290 -25.18 -6.61 -30.78
N SER B 291 -23.97 -6.62 -31.33
CA SER B 291 -23.82 -7.05 -32.73
C SER B 291 -24.24 -8.50 -32.91
N ASN B 292 -23.88 -9.36 -31.96
CA ASN B 292 -24.22 -10.78 -32.05
C ASN B 292 -25.70 -11.05 -31.80
N CYS B 293 -26.46 -10.05 -31.35
CA CYS B 293 -27.87 -10.27 -31.06
C CYS B 293 -28.60 -10.68 -32.34
N PRO B 294 -29.50 -11.66 -32.27
CA PRO B 294 -30.26 -12.03 -33.47
C PRO B 294 -31.21 -10.91 -33.87
N PRO B 295 -31.72 -10.94 -35.11
CA PRO B 295 -32.59 -9.85 -35.58
C PRO B 295 -33.99 -10.00 -34.99
N GLY B 296 -34.48 -8.95 -34.34
CA GLY B 296 -35.76 -8.98 -33.66
C GLY B 296 -35.72 -9.61 -32.28
N GLY B 297 -34.55 -10.02 -31.79
CA GLY B 297 -34.43 -10.62 -30.49
C GLY B 297 -34.24 -9.60 -29.39
N ILE B 298 -34.00 -10.11 -28.18
CA ILE B 298 -33.81 -9.27 -27.00
C ILE B 298 -32.48 -9.64 -26.35
N SER B 299 -31.69 -8.62 -26.02
CA SER B 299 -30.43 -8.78 -25.31
C SER B 299 -30.59 -8.13 -23.93
N MET B 300 -30.45 -8.93 -22.88
CA MET B 300 -30.53 -8.47 -21.51
C MET B 300 -29.14 -8.53 -20.87
N THR B 301 -28.91 -7.64 -19.91
CA THR B 301 -27.68 -7.61 -19.15
C THR B 301 -28.02 -7.81 -17.69
N VAL B 302 -27.29 -8.71 -17.03
CA VAL B 302 -27.43 -8.98 -15.61
C VAL B 302 -26.25 -8.35 -14.90
N THR B 303 -26.53 -7.35 -14.07
CA THR B 303 -25.55 -6.79 -13.15
C THR B 303 -25.51 -7.73 -11.95
N GLY B 304 -24.47 -8.54 -11.88
CA GLY B 304 -24.37 -9.60 -10.91
C GLY B 304 -23.43 -9.26 -9.77
N ASP B 305 -23.42 -10.15 -8.77
CA ASP B 305 -22.59 -9.96 -7.59
C ASP B 305 -22.52 -11.29 -6.85
N ASN B 306 -21.30 -11.69 -6.47
CA ASN B 306 -21.08 -12.93 -5.75
C ASN B 306 -20.88 -12.62 -4.28
N THR B 307 -21.77 -13.15 -3.44
CA THR B 307 -21.63 -13.04 -1.99
C THR B 307 -21.28 -14.41 -1.44
N LYS B 308 -20.41 -14.44 -0.43
CA LYS B 308 -19.81 -15.67 0.05
C LYS B 308 -18.99 -16.33 -1.05
N TRP B 309 -18.43 -15.51 -1.94
CA TRP B 309 -17.66 -16.02 -3.07
C TRP B 309 -16.44 -16.80 -2.59
N ASN B 310 -15.72 -16.28 -1.61
CA ASN B 310 -14.52 -16.94 -1.13
C ASN B 310 -14.82 -18.05 -0.13
N GLU B 311 -16.03 -18.09 0.43
CA GLU B 311 -16.39 -19.08 1.43
C GLU B 311 -16.98 -20.34 0.84
N CYS B 312 -17.21 -20.37 -0.48
CA CYS B 312 -17.71 -21.56 -1.15
C CYS B 312 -16.74 -22.13 -2.16
N LEU B 313 -15.66 -21.43 -2.49
CA LEU B 313 -14.63 -21.97 -3.36
C LEU B 313 -13.74 -22.92 -2.57
N ASN B 314 -13.37 -24.04 -3.20
CA ASN B 314 -12.68 -25.10 -2.50
C ASN B 314 -11.25 -25.25 -2.99
N PRO B 315 -10.27 -25.40 -2.07
CA PRO B 315 -8.91 -25.69 -2.51
C PRO B 315 -8.80 -26.99 -3.29
N ARG B 316 -9.69 -27.96 -3.05
CA ARG B 316 -9.67 -29.18 -3.84
C ARG B 316 -10.00 -28.90 -5.30
N ILE B 317 -10.99 -28.02 -5.53
CA ILE B 317 -11.31 -27.64 -6.90
C ILE B 317 -10.13 -26.95 -7.55
N PHE B 318 -9.44 -26.07 -6.82
CA PHE B 318 -8.28 -25.40 -7.38
C PHE B 318 -7.16 -26.38 -7.69
N LEU B 319 -6.98 -27.39 -6.84
CA LEU B 319 -6.04 -28.46 -7.14
C LEU B 319 -6.41 -29.15 -8.45
N ALA B 320 -7.71 -29.41 -8.64
CA ALA B 320 -8.15 -30.02 -9.89
C ALA B 320 -7.85 -29.12 -11.08
N MET B 321 -8.10 -27.82 -10.95
CA MET B 321 -7.82 -26.90 -12.06
C MET B 321 -6.33 -26.86 -12.38
N THR B 322 -5.48 -26.83 -11.35
CA THR B 322 -4.04 -26.85 -11.59
C THR B 322 -3.62 -28.14 -12.28
N GLU B 323 -4.20 -29.27 -11.86
CA GLU B 323 -3.89 -30.54 -12.52
C GLU B 323 -4.29 -30.52 -13.99
N ARG B 324 -5.49 -29.99 -14.29
CA ARG B 324 -5.95 -29.96 -15.66
C ARG B 324 -5.12 -29.01 -16.52
N ILE B 325 -4.75 -27.85 -15.96
CA ILE B 325 -4.03 -26.84 -16.74
C ILE B 325 -2.65 -27.35 -17.12
N THR B 326 -2.01 -28.11 -16.24
CA THR B 326 -0.65 -28.62 -16.45
C THR B 326 -0.69 -30.06 -16.95
N ARG B 327 -1.67 -30.41 -17.78
CA ARG B 327 -1.82 -31.79 -18.22
C ARG B 327 -0.57 -32.28 -18.93
N ASP B 328 0.03 -31.44 -19.77
CA ASP B 328 1.22 -31.79 -20.53
C ASP B 328 2.35 -30.90 -20.04
N SER B 329 3.01 -31.34 -18.97
CA SER B 329 4.14 -30.62 -18.40
C SER B 329 4.98 -31.61 -17.61
N PRO B 330 6.25 -31.29 -17.34
CA PRO B 330 7.07 -32.18 -16.52
C PRO B 330 6.42 -32.42 -15.16
N ILE B 331 6.58 -33.65 -14.66
CA ILE B 331 5.94 -34.02 -13.40
C ILE B 331 6.42 -33.12 -12.27
N TRP B 332 7.68 -32.65 -12.34
CA TRP B 332 8.18 -31.79 -11.28
C TRP B 332 7.39 -30.48 -11.21
N PHE B 333 7.07 -29.90 -12.36
CA PHE B 333 6.32 -28.66 -12.35
C PHE B 333 4.88 -28.89 -11.92
N ARG B 334 4.30 -30.03 -12.29
CA ARG B 334 2.95 -30.36 -11.83
C ARG B 334 2.92 -30.48 -10.32
N ASP B 335 3.90 -31.18 -9.74
CA ASP B 335 3.98 -31.30 -8.29
C ASP B 335 4.20 -29.95 -7.64
N PHE B 336 5.06 -29.11 -8.23
CA PHE B 336 5.30 -27.79 -7.67
C PHE B 336 4.02 -26.96 -7.67
N CYS B 337 3.25 -27.02 -8.75
CA CYS B 337 2.03 -26.22 -8.85
C CYS B 337 0.91 -26.79 -7.99
N SER B 338 0.96 -28.08 -7.66
CA SER B 338 -0.08 -28.71 -6.86
C SER B 338 0.14 -28.55 -5.37
N ILE B 339 1.13 -27.77 -4.93
CA ILE B 339 1.45 -27.66 -3.51
C ILE B 339 0.60 -26.61 -2.82
N ALA B 340 0.50 -25.41 -3.40
CA ALA B 340 -0.28 -24.36 -2.75
C ALA B 340 -1.72 -24.78 -2.51
N PRO B 341 -2.45 -25.35 -3.46
CA PRO B 341 -3.78 -25.86 -3.14
C PRO B 341 -3.76 -26.92 -2.05
N VAL B 342 -2.71 -27.74 -2.00
CA VAL B 342 -2.61 -28.75 -0.95
C VAL B 342 -2.45 -28.10 0.42
N LEU B 343 -1.58 -27.09 0.51
CA LEU B 343 -1.41 -26.38 1.77
C LEU B 343 -2.60 -25.50 2.11
N PHE B 344 -3.50 -25.26 1.16
CA PHE B 344 -4.71 -24.51 1.45
C PHE B 344 -5.88 -25.39 1.85
N SER B 345 -5.95 -26.63 1.33
CA SER B 345 -6.99 -27.55 1.75
C SER B 345 -6.83 -27.96 3.21
N ASN B 346 -5.63 -27.85 3.77
CA ASN B 346 -5.35 -28.22 5.15
C ASN B 346 -4.98 -26.99 5.99
N LYS B 347 -5.48 -25.82 5.61
CA LYS B 347 -5.12 -24.60 6.32
C LYS B 347 -5.75 -24.57 7.70
N ILE B 348 -5.14 -23.77 8.57
CA ILE B 348 -5.60 -23.56 9.94
C ILE B 348 -5.77 -22.06 10.16
N ALA B 349 -6.90 -21.66 10.72
CA ALA B 349 -7.21 -20.25 10.94
C ALA B 349 -6.91 -19.88 12.37
N ARG B 350 -6.02 -18.91 12.55
CA ARG B 350 -5.76 -18.34 13.86
C ARG B 350 -6.83 -17.31 14.18
N LEU B 351 -7.45 -17.44 15.35
CA LEU B 351 -8.65 -16.68 15.70
C LEU B 351 -8.24 -15.47 16.53
N GLY B 352 -8.34 -14.29 15.94
CA GLY B 352 -8.22 -13.02 16.65
C GLY B 352 -7.28 -13.02 17.83
N LYS B 353 -7.71 -12.41 18.95
CA LYS B 353 -6.88 -12.32 20.13
C LYS B 353 -7.65 -12.56 21.42
N GLY B 354 -8.86 -13.08 21.36
CA GLY B 354 -9.64 -13.39 22.56
C GLY B 354 -10.91 -12.57 22.64
N PHE B 355 -11.54 -12.62 23.80
CA PHE B 355 -12.77 -11.90 24.06
C PHE B 355 -12.67 -11.12 25.36
N MET B 356 -13.37 -9.98 25.43
CA MET B 356 -13.43 -9.18 26.63
C MET B 356 -14.57 -9.66 27.52
N ILE B 357 -14.29 -9.88 28.80
CA ILE B 357 -15.31 -10.18 29.79
C ILE B 357 -15.15 -9.22 30.96
N THR B 358 -16.26 -8.62 31.40
CA THR B 358 -16.23 -7.56 32.39
C THR B 358 -17.26 -7.82 33.47
N SER B 359 -16.99 -7.26 34.65
CA SER B 359 -17.92 -7.23 35.77
C SER B 359 -18.16 -5.77 36.13
N LYS B 360 -19.42 -5.35 36.06
CA LYS B 360 -19.77 -3.95 36.35
C LYS B 360 -19.80 -3.67 37.84
N THR B 361 -20.32 -4.61 38.63
CA THR B 361 -20.38 -4.40 40.07
C THR B 361 -18.99 -4.27 40.67
N LYS B 362 -18.01 -4.97 40.10
CA LYS B 362 -16.63 -4.86 40.53
C LYS B 362 -15.79 -3.95 39.65
N ARG B 363 -16.34 -3.47 38.53
CA ARG B 363 -15.63 -2.57 37.63
C ARG B 363 -14.30 -3.17 37.18
N LEU B 364 -14.35 -4.43 36.73
CA LEU B 364 -13.18 -5.15 36.30
C LEU B 364 -13.38 -5.66 34.89
N LYS B 365 -12.27 -5.89 34.19
CA LYS B 365 -12.31 -6.42 32.83
C LYS B 365 -11.11 -7.36 32.63
N ALA B 366 -11.26 -8.26 31.66
CA ALA B 366 -10.19 -9.21 31.37
C ALA B 366 -10.31 -9.69 29.93
N GLN B 367 -9.16 -10.03 29.36
CA GLN B 367 -9.07 -10.63 28.04
C GLN B 367 -8.91 -12.15 28.19
N ILE B 368 -9.85 -12.89 27.63
CA ILE B 368 -9.76 -14.35 27.56
C ILE B 368 -9.09 -14.70 26.23
N PRO B 369 -7.86 -15.20 26.23
CA PRO B 369 -7.20 -15.54 24.97
C PRO B 369 -7.87 -16.72 24.29
N CYS B 370 -7.66 -16.81 22.99
CA CYS B 370 -8.34 -17.84 22.20
C CYS B 370 -8.10 -19.25 22.72
N PRO B 371 -6.89 -19.63 23.14
CA PRO B 371 -6.71 -20.97 23.72
C PRO B 371 -7.63 -21.27 24.88
N ASP B 372 -8.12 -20.24 25.58
CA ASP B 372 -8.98 -20.41 26.75
C ASP B 372 -10.43 -20.00 26.47
N LEU B 373 -10.87 -20.12 25.22
CA LEU B 373 -12.24 -19.73 24.89
C LEU B 373 -13.26 -20.60 25.61
N PHE B 374 -13.05 -21.92 25.60
CA PHE B 374 -14.00 -22.86 26.16
C PHE B 374 -13.69 -23.23 27.60
N SER B 375 -12.68 -22.60 28.20
CA SER B 375 -12.39 -22.81 29.61
C SER B 375 -13.35 -22.06 30.53
N ILE B 376 -14.19 -21.19 29.97
CA ILE B 376 -15.20 -20.46 30.73
C ILE B 376 -16.56 -21.04 30.34
N PRO B 377 -17.49 -21.23 31.27
CA PRO B 377 -18.81 -21.74 30.89
C PRO B 377 -19.46 -20.82 29.87
N LEU B 378 -20.15 -21.44 28.89
CA LEU B 378 -20.74 -20.67 27.80
C LEU B 378 -21.85 -19.76 28.29
N GLU B 379 -22.38 -19.98 29.49
CA GLU B 379 -23.41 -19.10 30.02
C GLU B 379 -22.88 -17.69 30.27
N ARG B 380 -21.57 -17.51 30.32
CA ARG B 380 -20.96 -16.21 30.59
C ARG B 380 -20.65 -15.43 29.31
N TYR B 381 -21.05 -15.95 28.16
CA TYR B 381 -20.97 -15.23 26.89
C TYR B 381 -22.35 -14.75 26.48
N ASN B 382 -22.39 -13.66 25.71
CA ASN B 382 -23.67 -13.16 25.24
C ASN B 382 -24.29 -14.16 24.25
N GLU B 383 -25.52 -13.88 23.85
CA GLU B 383 -26.27 -14.84 23.03
C GLU B 383 -25.52 -15.16 21.74
N GLU B 384 -25.12 -14.14 20.98
CA GLU B 384 -24.48 -14.36 19.70
C GLU B 384 -23.16 -15.10 19.87
N THR B 385 -22.34 -14.67 20.83
CA THR B 385 -21.07 -15.34 21.06
C THR B 385 -21.27 -16.75 21.59
N ARG B 386 -22.30 -16.94 22.42
CA ARG B 386 -22.61 -18.28 22.93
C ARG B 386 -22.92 -19.23 21.77
N ALA B 387 -23.79 -18.80 20.86
CA ALA B 387 -24.12 -19.65 19.71
C ALA B 387 -22.89 -19.86 18.83
N LYS B 388 -22.10 -18.81 18.61
CA LYS B 388 -20.90 -18.94 17.80
C LYS B 388 -19.97 -20.00 18.36
N LEU B 389 -19.70 -19.93 19.67
CA LEU B 389 -18.80 -20.90 20.28
C LEU B 389 -19.39 -22.30 20.29
N LYS B 390 -20.71 -22.40 20.51
CA LYS B 390 -21.35 -23.72 20.49
C LYS B 390 -21.18 -24.37 19.12
N LYS B 391 -21.37 -23.61 18.05
CA LYS B 391 -21.20 -24.18 16.72
C LYS B 391 -19.74 -24.36 16.35
N LEU B 392 -18.84 -23.59 16.95
CA LEU B 392 -17.41 -23.68 16.64
C LEU B 392 -16.71 -24.82 17.37
N LYS B 393 -17.28 -25.30 18.48
CA LYS B 393 -16.59 -26.30 19.29
C LYS B 393 -16.06 -27.48 18.47
N PRO B 394 -16.80 -28.06 17.53
CA PRO B 394 -16.26 -29.22 16.80
C PRO B 394 -14.97 -28.93 16.07
N PHE B 395 -14.79 -27.72 15.55
CA PHE B 395 -13.62 -27.37 14.75
C PHE B 395 -12.58 -26.58 15.55
N PHE B 396 -12.67 -26.57 16.87
CA PHE B 396 -11.76 -25.81 17.70
C PHE B 396 -10.59 -26.68 18.15
N ASN B 397 -9.39 -26.12 18.06
CA ASN B 397 -8.17 -26.78 18.52
C ASN B 397 -7.72 -26.18 19.84
N GLU B 398 -7.08 -27.01 20.67
CA GLU B 398 -6.72 -26.60 22.01
C GLU B 398 -5.68 -25.48 22.05
N GLU B 399 -5.02 -25.19 20.93
CA GLU B 399 -4.03 -24.13 20.87
C GLU B 399 -4.62 -22.78 20.49
N GLY B 400 -5.94 -22.68 20.38
CA GLY B 400 -6.60 -21.44 20.05
C GLY B 400 -6.83 -21.21 18.58
N THR B 401 -6.67 -22.24 17.75
CA THR B 401 -6.89 -22.14 16.31
C THR B 401 -8.05 -23.02 15.91
N ALA B 402 -8.58 -22.77 14.71
CA ALA B 402 -9.69 -23.53 14.16
C ALA B 402 -9.27 -24.17 12.86
N SER B 403 -9.93 -25.28 12.52
CA SER B 403 -9.69 -25.98 11.27
C SER B 403 -10.65 -25.45 10.22
N LEU B 404 -10.11 -24.85 9.17
CA LEU B 404 -10.91 -24.27 8.08
C LEU B 404 -10.48 -24.94 6.78
N SER B 405 -11.04 -26.12 6.52
CA SER B 405 -10.71 -26.88 5.32
C SER B 405 -11.46 -26.35 4.11
N PRO B 406 -12.79 -26.26 4.15
CA PRO B 406 -13.53 -25.75 2.99
C PRO B 406 -13.43 -24.24 2.89
N GLY B 407 -13.84 -23.74 1.73
CA GLY B 407 -13.80 -22.31 1.48
C GLY B 407 -12.40 -21.82 1.18
N MET B 408 -12.30 -20.50 0.99
CA MET B 408 -11.04 -19.85 0.70
C MET B 408 -10.96 -18.56 1.51
N MET B 409 -9.84 -17.86 1.38
CA MET B 409 -9.63 -16.57 2.02
C MET B 409 -9.42 -15.51 0.94
N MET B 410 -10.05 -14.35 1.13
CA MET B 410 -10.05 -13.33 0.11
C MET B 410 -8.63 -12.84 -0.17
N GLY B 411 -8.31 -12.68 -1.45
CA GLY B 411 -7.03 -12.16 -1.87
C GLY B 411 -5.92 -13.17 -1.99
N MET B 412 -6.20 -14.46 -1.85
CA MET B 412 -5.17 -15.49 -1.96
C MET B 412 -5.07 -16.03 -3.38
N PHE B 413 -6.16 -16.58 -3.89
CA PHE B 413 -6.22 -17.12 -5.26
C PHE B 413 -7.24 -16.30 -6.04
N ASN B 414 -6.78 -15.19 -6.62
CA ASN B 414 -7.66 -14.31 -7.37
C ASN B 414 -7.68 -14.65 -8.85
N MET B 415 -6.49 -14.85 -9.45
CA MET B 415 -6.43 -15.20 -10.86
C MET B 415 -7.11 -16.55 -11.12
N LEU B 416 -6.87 -17.53 -10.25
CA LEU B 416 -7.50 -18.84 -10.42
C LEU B 416 -9.01 -18.76 -10.28
N SER B 417 -9.49 -17.95 -9.33
CA SER B 417 -10.93 -17.78 -9.18
C SER B 417 -11.53 -17.10 -10.40
N THR B 418 -10.83 -16.12 -10.96
CA THR B 418 -11.29 -15.49 -12.20
C THR B 418 -11.33 -16.51 -13.33
N VAL B 419 -10.33 -17.39 -13.40
CA VAL B 419 -10.32 -18.43 -14.42
C VAL B 419 -11.54 -19.33 -14.27
N LEU B 420 -11.86 -19.73 -13.03
CA LEU B 420 -13.04 -20.56 -12.81
C LEU B 420 -14.32 -19.83 -13.22
N GLY B 421 -14.42 -18.55 -12.88
CA GLY B 421 -15.60 -17.78 -13.27
C GLY B 421 -15.73 -17.68 -14.78
N VAL B 422 -14.62 -17.46 -15.48
CA VAL B 422 -14.65 -17.40 -16.93
C VAL B 422 -15.02 -18.75 -17.52
N ALA B 423 -14.56 -19.83 -16.90
CA ALA B 423 -14.94 -21.17 -17.35
C ALA B 423 -16.45 -21.37 -17.22
N ALA B 424 -17.03 -20.88 -16.12
CA ALA B 424 -18.48 -20.94 -15.97
C ALA B 424 -19.16 -20.09 -17.04
N LEU B 425 -18.62 -18.91 -17.33
CA LEU B 425 -19.21 -18.02 -18.33
C LEU B 425 -19.16 -18.61 -19.73
N GLY B 426 -18.12 -19.38 -20.04
CA GLY B 426 -17.89 -19.84 -21.39
C GLY B 426 -18.76 -20.99 -21.86
N ILE B 427 -19.63 -21.52 -21.01
CA ILE B 427 -20.53 -22.60 -21.44
C ILE B 427 -21.49 -22.07 -22.51
N LYS B 428 -22.02 -20.86 -22.30
CA LYS B 428 -22.75 -20.12 -23.33
C LYS B 428 -24.14 -20.66 -23.63
N ASN B 429 -24.50 -21.81 -23.09
CA ASN B 429 -25.82 -22.38 -23.36
C ASN B 429 -25.99 -23.66 -22.57
N ILE B 430 -27.26 -24.03 -22.36
CA ILE B 430 -27.61 -25.29 -21.70
C ILE B 430 -28.79 -25.89 -22.45
N GLY B 431 -28.69 -27.19 -22.73
CA GLY B 431 -29.79 -27.89 -23.36
C GLY B 431 -30.08 -27.47 -24.78
N ASN B 432 -29.15 -26.79 -25.44
CA ASN B 432 -29.34 -26.31 -26.81
C ASN B 432 -30.54 -25.37 -26.90
N LYS B 433 -30.84 -24.67 -25.81
CA LYS B 433 -31.99 -23.78 -25.77
C LYS B 433 -31.74 -22.58 -26.69
N GLU B 434 -32.75 -21.71 -26.79
CA GLU B 434 -32.72 -20.59 -27.73
C GLU B 434 -32.20 -19.32 -27.05
N TYR B 435 -30.98 -19.42 -26.54
CA TYR B 435 -30.32 -18.26 -25.95
C TYR B 435 -28.82 -18.50 -25.96
N LEU B 436 -28.07 -17.41 -25.79
CA LEU B 436 -26.62 -17.48 -25.66
C LEU B 436 -26.16 -16.45 -24.64
N TRP B 437 -25.33 -16.87 -23.69
CA TRP B 437 -24.85 -15.97 -22.66
C TRP B 437 -23.34 -15.84 -22.72
N ASP B 438 -22.86 -14.64 -22.39
CA ASP B 438 -21.44 -14.37 -22.27
C ASP B 438 -21.28 -13.16 -21.36
N GLY B 439 -20.12 -13.04 -20.72
CA GLY B 439 -19.99 -11.98 -19.75
C GLY B 439 -18.55 -11.64 -19.43
N LEU B 440 -18.40 -10.88 -18.36
CA LEU B 440 -17.10 -10.46 -17.84
C LEU B 440 -16.98 -10.90 -16.39
N GLN B 441 -15.79 -11.36 -16.03
CA GLN B 441 -15.49 -11.82 -14.68
C GLN B 441 -14.20 -11.20 -14.20
N SER B 442 -14.16 -10.83 -12.91
CA SER B 442 -12.95 -10.31 -12.29
C SER B 442 -13.05 -10.62 -10.80
N SER B 443 -12.34 -11.65 -10.36
CA SER B 443 -12.37 -12.04 -8.96
C SER B 443 -13.80 -12.33 -8.52
N ASP B 444 -14.36 -11.48 -7.67
CA ASP B 444 -15.69 -11.71 -7.12
C ASP B 444 -16.78 -10.95 -7.86
N ASP B 445 -16.44 -10.14 -8.87
CA ASP B 445 -17.41 -9.31 -9.56
C ASP B 445 -17.61 -9.80 -10.98
N PHE B 446 -18.86 -10.05 -11.35
CA PHE B 446 -19.18 -10.55 -12.68
C PHE B 446 -20.38 -9.79 -13.24
N ALA B 447 -20.43 -9.73 -14.57
CA ALA B 447 -21.56 -9.19 -15.31
C ALA B 447 -21.89 -10.16 -16.44
N LEU B 448 -23.17 -10.33 -16.74
CA LEU B 448 -23.60 -11.29 -17.73
C LEU B 448 -24.44 -10.60 -18.80
N PHE B 449 -24.47 -11.19 -19.99
CA PHE B 449 -25.31 -10.73 -21.08
C PHE B 449 -25.91 -11.96 -21.75
N VAL B 450 -27.24 -11.96 -21.91
CA VAL B 450 -27.97 -13.07 -22.52
C VAL B 450 -28.73 -12.53 -23.72
N ASN B 451 -28.54 -13.18 -24.87
CA ASN B 451 -29.25 -12.85 -26.10
C ASN B 451 -30.22 -13.98 -26.42
N ALA B 452 -31.47 -13.64 -26.66
CA ALA B 452 -32.48 -14.64 -26.99
C ALA B 452 -33.52 -13.97 -27.89
N LYS B 453 -34.68 -14.62 -28.04
CA LYS B 453 -35.75 -14.09 -28.87
C LYS B 453 -36.81 -13.32 -28.08
N ASP B 454 -36.95 -13.60 -26.79
CA ASP B 454 -37.90 -12.86 -25.97
C ASP B 454 -37.39 -12.83 -24.54
N GLU B 455 -37.98 -11.95 -23.72
CA GLU B 455 -37.53 -11.79 -22.34
C GLU B 455 -37.69 -13.07 -21.55
N GLU B 456 -38.72 -13.86 -21.85
CA GLU B 456 -38.90 -15.13 -21.14
C GLU B 456 -37.73 -16.07 -21.39
N THR B 457 -37.27 -16.17 -22.64
CA THR B 457 -36.11 -17.00 -22.92
C THR B 457 -34.84 -16.44 -22.29
N CYS B 458 -34.71 -15.11 -22.24
CA CYS B 458 -33.54 -14.52 -21.59
C CYS B 458 -33.53 -14.85 -20.10
N MET B 459 -34.69 -14.81 -19.44
CA MET B 459 -34.74 -15.19 -18.04
C MET B 459 -34.51 -16.69 -17.85
N GLU B 460 -34.97 -17.51 -18.79
CA GLU B 460 -34.62 -18.92 -18.74
C GLU B 460 -33.10 -19.10 -18.80
N GLY B 461 -32.44 -18.35 -19.68
CA GLY B 461 -30.99 -18.44 -19.77
C GLY B 461 -30.30 -17.97 -18.50
N ILE B 462 -30.80 -16.89 -17.90
CA ILE B 462 -30.22 -16.41 -16.64
C ILE B 462 -30.38 -17.45 -15.55
N ASN B 463 -31.56 -18.07 -15.47
CA ASN B 463 -31.78 -19.12 -14.47
C ASN B 463 -30.85 -20.31 -14.71
N ASP B 464 -30.66 -20.69 -15.97
CA ASP B 464 -29.76 -21.80 -16.28
C ASP B 464 -28.34 -21.45 -15.88
N PHE B 465 -27.91 -20.21 -16.14
CA PHE B 465 -26.58 -19.78 -15.71
C PHE B 465 -26.44 -19.82 -14.20
N TYR B 466 -27.49 -19.40 -13.49
CA TYR B 466 -27.47 -19.45 -12.03
C TYR B 466 -27.28 -20.87 -11.53
N ARG B 467 -28.04 -21.81 -12.10
CA ARG B 467 -27.91 -23.21 -11.69
C ARG B 467 -26.53 -23.76 -12.04
N THR B 468 -26.02 -23.45 -13.24
CA THR B 468 -24.70 -23.93 -13.64
C THR B 468 -23.62 -23.41 -12.70
N CYS B 469 -23.71 -22.13 -12.33
CA CYS B 469 -22.77 -21.57 -11.36
C CYS B 469 -22.90 -22.29 -10.03
N LYS B 470 -24.13 -22.60 -9.62
CA LYS B 470 -24.33 -23.38 -8.40
C LYS B 470 -23.60 -24.72 -8.48
N LEU B 471 -23.55 -25.32 -9.69
CA LEU B 471 -22.86 -26.60 -9.84
C LEU B 471 -21.36 -26.46 -9.67
N LEU B 472 -20.79 -25.29 -9.99
CA LEU B 472 -19.35 -25.09 -9.96
C LEU B 472 -18.87 -24.51 -8.64
N GLY B 473 -19.73 -24.41 -7.63
CA GLY B 473 -19.38 -23.77 -6.38
C GLY B 473 -19.48 -22.26 -6.40
N ILE B 474 -19.89 -21.67 -7.52
CA ILE B 474 -20.06 -20.23 -7.63
C ILE B 474 -21.48 -19.87 -7.23
N ASN B 475 -21.61 -18.92 -6.30
CA ASN B 475 -22.90 -18.43 -5.84
C ASN B 475 -23.01 -16.95 -6.19
N MET B 476 -24.13 -16.57 -6.80
CA MET B 476 -24.42 -15.18 -7.13
C MET B 476 -25.50 -14.68 -6.20
N SER B 477 -25.31 -13.47 -5.66
CA SER B 477 -26.26 -12.91 -4.71
C SER B 477 -27.50 -12.44 -5.45
N LYS B 478 -28.64 -13.08 -5.17
CA LYS B 478 -29.89 -12.63 -5.77
C LYS B 478 -30.29 -11.26 -5.24
N LYS B 479 -30.01 -10.98 -3.96
CA LYS B 479 -30.32 -9.68 -3.40
C LYS B 479 -29.53 -8.58 -4.10
N LYS B 480 -28.24 -8.82 -4.35
CA LYS B 480 -27.36 -7.80 -4.90
C LYS B 480 -27.32 -7.79 -6.43
N SER B 481 -27.91 -8.78 -7.08
CA SER B 481 -27.88 -8.90 -8.54
C SER B 481 -29.24 -8.57 -9.12
N TYR B 482 -29.25 -7.86 -10.25
CA TYR B 482 -30.48 -7.55 -10.95
C TYR B 482 -30.22 -7.62 -12.46
N CYS B 483 -31.27 -7.37 -13.24
CA CYS B 483 -31.20 -7.51 -14.69
C CYS B 483 -31.97 -6.38 -15.34
N ASN B 484 -31.61 -6.08 -16.58
CA ASN B 484 -32.32 -5.09 -17.38
C ASN B 484 -31.97 -5.34 -18.84
N GLU B 485 -32.37 -4.43 -19.72
CA GLU B 485 -32.04 -4.55 -21.14
C GLU B 485 -30.60 -4.10 -21.38
N THR B 486 -29.96 -4.73 -22.37
CA THR B 486 -28.56 -4.43 -22.64
C THR B 486 -28.40 -2.96 -22.99
N GLY B 487 -27.32 -2.36 -22.49
CA GLY B 487 -27.04 -0.95 -22.67
C GLY B 487 -26.85 -0.19 -21.37
N MET B 488 -27.12 -0.80 -20.22
CA MET B 488 -26.96 -0.13 -18.93
C MET B 488 -26.71 -1.19 -17.88
N PHE B 489 -25.59 -1.07 -17.17
CA PHE B 489 -25.24 -2.03 -16.12
C PHE B 489 -24.06 -1.47 -15.33
N GLU B 490 -23.51 -2.29 -14.43
CA GLU B 490 -22.40 -1.90 -13.58
C GLU B 490 -21.42 -3.06 -13.48
N PHE B 491 -20.12 -2.74 -13.46
CA PHE B 491 -19.07 -3.75 -13.34
C PHE B 491 -17.84 -3.10 -12.75
N THR B 492 -17.30 -3.72 -11.69
CA THR B 492 -16.07 -3.24 -11.04
C THR B 492 -16.25 -1.78 -10.63
N SER B 493 -17.43 -1.47 -10.09
CA SER B 493 -17.74 -0.13 -9.60
C SER B 493 -17.69 0.91 -10.72
N MET B 494 -17.91 0.47 -11.95
CA MET B 494 -17.98 1.35 -13.11
C MET B 494 -19.34 1.18 -13.76
N PHE B 495 -20.03 2.29 -13.99
CA PHE B 495 -21.41 2.27 -14.48
C PHE B 495 -21.42 2.58 -15.97
N TYR B 496 -21.92 1.64 -16.76
CA TYR B 496 -22.09 1.80 -18.19
C TYR B 496 -23.55 2.10 -18.48
N ARG B 497 -23.78 3.05 -19.39
CA ARG B 497 -25.15 3.42 -19.76
C ARG B 497 -25.11 4.03 -21.16
N ASP B 498 -25.73 3.32 -22.12
CA ASP B 498 -25.89 3.84 -23.49
C ASP B 498 -24.56 4.29 -24.06
N GLY B 499 -23.52 3.49 -23.84
CA GLY B 499 -22.21 3.76 -24.40
C GLY B 499 -21.35 4.71 -23.61
N PHE B 500 -21.88 5.29 -22.52
CA PHE B 500 -21.14 6.20 -21.68
C PHE B 500 -20.73 5.47 -20.41
N VAL B 501 -19.44 5.47 -20.10
CA VAL B 501 -18.89 4.73 -18.97
C VAL B 501 -18.39 5.74 -17.94
N SER B 502 -18.89 5.61 -16.71
CA SER B 502 -18.44 6.40 -15.57
C SER B 502 -17.75 5.44 -14.60
N ASN B 503 -16.42 5.45 -14.62
CA ASN B 503 -15.63 4.67 -13.66
C ASN B 503 -15.43 5.53 -12.41
N PHE B 504 -16.51 5.66 -11.64
CA PHE B 504 -16.58 6.62 -10.54
C PHE B 504 -16.84 5.89 -9.23
N ALA B 505 -15.76 5.46 -8.58
CA ALA B 505 -15.75 5.13 -7.16
C ALA B 505 -14.91 6.14 -6.39
N MET B 506 -14.85 7.37 -6.90
CA MET B 506 -14.01 8.42 -6.33
C MET B 506 -12.55 7.98 -6.31
N GLU B 507 -12.01 7.77 -7.51
CA GLU B 507 -10.64 7.29 -7.67
C GLU B 507 -9.60 8.29 -7.17
N LEU B 508 -10.00 9.53 -6.91
CA LEU B 508 -9.06 10.48 -6.32
C LEU B 508 -8.56 9.89 -5.01
N PRO B 509 -7.33 9.35 -4.95
CA PRO B 509 -6.89 8.69 -3.71
C PRO B 509 -6.73 9.66 -2.56
N SER B 510 -5.86 10.65 -2.75
CA SER B 510 -5.65 11.70 -1.76
C SER B 510 -4.77 12.79 -2.35
N PHE B 511 -5.19 14.04 -2.24
CA PHE B 511 -4.40 15.17 -2.73
C PHE B 511 -3.60 15.79 -1.58
N GLY B 512 -2.77 14.94 -0.97
CA GLY B 512 -1.89 15.37 0.10
C GLY B 512 -0.47 14.92 -0.17
N VAL B 513 0.45 15.48 0.62
CA VAL B 513 1.87 15.17 0.43
C VAL B 513 2.08 13.67 0.57
N ALA B 514 2.90 13.11 -0.32
CA ALA B 514 3.15 11.67 -0.31
C ALA B 514 3.91 11.23 0.93
N GLY B 515 4.80 12.07 1.44
CA GLY B 515 5.58 11.74 2.61
C GLY B 515 6.94 11.14 2.31
N VAL B 516 7.73 11.82 1.48
CA VAL B 516 9.09 11.40 1.19
C VAL B 516 10.04 12.54 1.56
N ASN B 517 9.90 13.66 0.88
CA ASN B 517 10.61 14.90 1.21
C ASN B 517 10.01 16.00 0.35
N GLU B 518 10.58 17.20 0.43
CA GLU B 518 9.98 18.36 -0.23
C GLU B 518 9.88 18.15 -1.74
N SER B 519 11.04 18.05 -2.41
CA SER B 519 11.04 17.91 -3.86
C SER B 519 10.31 16.65 -4.30
N ALA B 520 10.57 15.54 -3.62
CA ALA B 520 9.93 14.29 -3.99
C ALA B 520 8.41 14.39 -3.85
N ASP B 521 7.93 14.98 -2.75
CA ASP B 521 6.49 15.09 -2.55
C ASP B 521 5.86 16.00 -3.59
N MET B 522 6.49 17.13 -3.90
CA MET B 522 5.94 18.03 -4.91
C MET B 522 5.83 17.32 -6.26
N ALA B 523 6.91 16.67 -6.69
CA ALA B 523 6.89 15.97 -7.97
C ALA B 523 5.84 14.87 -7.97
N ILE B 524 5.76 14.12 -6.87
CA ILE B 524 4.81 13.01 -6.80
C ILE B 524 3.38 13.53 -6.93
N GLY B 525 3.05 14.58 -6.15
CA GLY B 525 1.68 15.07 -6.16
C GLY B 525 1.27 15.64 -7.50
N MET B 526 2.16 16.42 -8.13
CA MET B 526 1.88 16.89 -9.47
C MET B 526 1.68 15.72 -10.43
N THR B 527 2.45 14.64 -10.24
CA THR B 527 2.28 13.46 -11.08
C THR B 527 0.92 12.80 -10.85
N ILE B 528 0.46 12.72 -9.60
CA ILE B 528 -0.87 12.17 -9.36
C ILE B 528 -1.92 13.00 -10.07
N ILE B 529 -1.82 14.33 -9.99
CA ILE B 529 -2.82 15.17 -10.64
C ILE B 529 -2.82 14.95 -12.15
N LYS B 530 -1.62 14.92 -12.75
CA LYS B 530 -1.53 14.72 -14.20
C LYS B 530 -2.07 13.36 -14.61
N ASN B 531 -1.73 12.31 -13.85
CA ASN B 531 -2.23 10.98 -14.19
C ASN B 531 -3.73 10.88 -13.99
N ASN B 532 -4.28 11.58 -13.00
CA ASN B 532 -5.72 11.63 -12.84
C ASN B 532 -6.37 12.28 -14.06
N MET B 533 -5.80 13.38 -14.53
CA MET B 533 -6.27 13.98 -15.79
C MET B 533 -6.28 12.94 -16.90
N ILE B 534 -5.15 12.25 -17.09
CA ILE B 534 -5.01 11.39 -18.27
C ILE B 534 -5.95 10.20 -18.19
N ASN B 535 -6.06 9.56 -17.03
CA ASN B 535 -6.73 8.27 -16.93
C ASN B 535 -8.18 8.38 -16.48
N ASN B 536 -8.48 9.23 -15.51
CA ASN B 536 -9.77 9.23 -14.84
C ASN B 536 -10.73 10.26 -15.40
N GLY B 537 -10.40 10.89 -16.53
CA GLY B 537 -11.27 11.89 -17.10
C GLY B 537 -11.49 13.08 -16.20
N MET B 538 -10.48 13.44 -15.40
CA MET B 538 -10.58 14.61 -14.54
C MET B 538 -10.59 15.87 -15.38
N GLY B 539 -11.42 16.83 -14.99
CA GLY B 539 -11.58 18.04 -15.75
C GLY B 539 -10.49 19.05 -15.47
N PRO B 540 -10.43 20.10 -16.29
CA PRO B 540 -9.42 21.14 -16.09
C PRO B 540 -9.61 21.93 -14.81
N ALA B 541 -10.83 22.44 -14.58
CA ALA B 541 -11.08 23.25 -13.39
C ALA B 541 -10.93 22.44 -12.13
N THR B 542 -11.45 21.21 -12.11
CA THR B 542 -11.30 20.35 -10.94
C THR B 542 -9.84 20.03 -10.68
N ALA B 543 -9.06 19.82 -11.75
CA ALA B 543 -7.64 19.55 -11.58
C ALA B 543 -6.91 20.79 -11.04
N GLN B 544 -7.29 21.98 -11.50
CA GLN B 544 -6.68 23.19 -10.95
C GLN B 544 -6.99 23.35 -9.47
N THR B 545 -8.23 23.07 -9.07
CA THR B 545 -8.57 23.12 -7.65
C THR B 545 -7.83 22.06 -6.87
N ALA B 546 -7.62 20.88 -7.47
CA ALA B 546 -6.81 19.85 -6.82
C ALA B 546 -5.38 20.33 -6.62
N ILE B 547 -4.81 21.01 -7.61
CA ILE B 547 -3.49 21.59 -7.46
C ILE B 547 -3.48 22.58 -6.31
N GLN B 548 -4.50 23.43 -6.23
CA GLN B 548 -4.58 24.41 -5.15
C GLN B 548 -4.60 23.73 -3.79
N LEU B 549 -5.44 22.71 -3.64
CA LEU B 549 -5.56 22.02 -2.36
C LEU B 549 -4.26 21.30 -2.00
N PHE B 550 -3.62 20.66 -2.99
CA PHE B 550 -2.36 19.98 -2.72
C PHE B 550 -1.29 20.98 -2.29
N ILE B 551 -1.24 22.15 -2.94
CA ILE B 551 -0.26 23.16 -2.55
C ILE B 551 -0.53 23.64 -1.13
N ALA B 552 -1.80 23.82 -0.78
CA ALA B 552 -2.13 24.21 0.59
C ALA B 552 -1.63 23.18 1.59
N ASP B 553 -1.91 21.91 1.32
CA ASP B 553 -1.48 20.85 2.22
C ASP B 553 0.04 20.78 2.31
N TYR B 554 0.72 20.90 1.18
CA TYR B 554 2.18 20.86 1.16
C TYR B 554 2.78 22.00 1.96
N ARG B 555 2.26 23.21 1.77
CA ARG B 555 2.75 24.36 2.50
C ARG B 555 2.52 24.19 4.00
N TYR B 556 1.34 23.70 4.38
CA TYR B 556 1.06 23.49 5.80
C TYR B 556 2.01 22.45 6.39
N THR B 557 2.23 21.34 5.67
CA THR B 557 3.03 20.25 6.21
C THR B 557 4.49 20.66 6.36
N TYR B 558 5.07 21.25 5.31
CA TYR B 558 6.49 21.55 5.29
C TYR B 558 6.81 22.93 5.87
N LYS B 559 5.82 23.64 6.40
CA LYS B 559 6.04 24.96 6.98
C LYS B 559 6.70 25.89 5.97
N CYS B 560 6.29 25.78 4.71
CA CYS B 560 6.86 26.56 3.61
C CYS B 560 5.73 27.37 2.98
N HIS B 561 5.43 28.53 3.55
CA HIS B 561 4.46 29.46 3.00
C HIS B 561 5.20 30.55 2.23
N ARG B 562 4.44 31.29 1.42
CA ARG B 562 5.05 32.34 0.60
C ARG B 562 5.79 33.33 1.48
N GLY B 563 6.94 33.80 0.98
CA GLY B 563 7.74 34.74 1.76
C GLY B 563 6.98 36.00 2.14
N ASP B 564 5.98 36.38 1.34
CA ASP B 564 5.15 37.53 1.67
C ASP B 564 4.05 37.20 2.67
N SER B 565 3.86 35.93 2.99
CA SER B 565 2.84 35.55 3.95
C SER B 565 3.26 35.95 5.36
N LYS B 566 2.28 36.05 6.25
CA LYS B 566 2.50 36.48 7.63
C LYS B 566 2.56 35.30 8.60
N VAL B 567 2.88 34.11 8.11
CA VAL B 567 2.97 32.93 8.97
C VAL B 567 4.28 32.96 9.71
N GLU B 568 4.23 32.79 11.03
CA GLU B 568 5.40 32.83 11.89
C GLU B 568 5.88 31.42 12.19
N GLY B 569 7.20 31.22 12.12
CA GLY B 569 7.77 29.92 12.39
C GLY B 569 9.28 29.97 12.32
N LYS B 570 9.90 28.86 12.69
CA LYS B 570 11.36 28.78 12.66
C LYS B 570 11.89 28.92 11.24
N ARG B 571 11.37 28.11 10.32
CA ARG B 571 11.79 28.16 8.93
C ARG B 571 11.17 29.35 8.20
N MET B 572 10.02 29.84 8.66
CA MET B 572 9.37 30.96 7.97
C MET B 572 10.18 32.24 8.09
N LYS B 573 10.88 32.44 9.21
CA LYS B 573 11.73 33.62 9.34
C LYS B 573 12.80 33.63 8.25
N ILE B 574 13.49 32.50 8.06
CA ILE B 574 14.52 32.43 7.04
C ILE B 574 13.91 32.49 5.65
N ILE B 575 12.70 31.94 5.47
CA ILE B 575 12.03 32.03 4.18
C ILE B 575 11.75 33.49 3.83
N LYS B 576 11.26 34.27 4.79
CA LYS B 576 11.00 35.69 4.54
C LYS B 576 12.30 36.44 4.29
N GLU B 577 13.36 36.10 5.04
CA GLU B 577 14.65 36.74 4.79
C GLU B 577 15.13 36.48 3.37
N LEU B 578 15.00 35.23 2.91
CA LEU B 578 15.36 34.91 1.53
C LEU B 578 14.46 35.63 0.54
N TRP B 579 13.17 35.73 0.84
CA TRP B 579 12.24 36.43 -0.03
C TRP B 579 12.69 37.87 -0.25
N GLU B 580 13.07 38.54 0.84
CA GLU B 580 13.55 39.92 0.71
C GLU B 580 14.92 39.97 0.06
N ASN B 581 15.76 38.96 0.28
CA ASN B 581 17.12 38.96 -0.26
C ASN B 581 17.10 38.73 -1.77
N THR B 582 16.35 37.74 -2.23
CA THR B 582 16.42 37.34 -3.63
C THR B 582 15.80 38.40 -4.53
N LYS B 583 16.53 38.77 -5.58
CA LYS B 583 16.00 39.75 -6.53
C LYS B 583 14.90 39.14 -7.39
N GLY B 584 15.13 37.94 -7.90
CA GLY B 584 14.13 37.25 -8.70
C GLY B 584 13.29 36.32 -7.87
N ARG B 585 12.11 36.77 -7.45
CA ARG B 585 11.26 35.96 -6.58
C ARG B 585 10.66 34.77 -7.31
N ASP B 586 10.34 34.94 -8.61
CA ASP B 586 9.64 33.89 -9.34
C ASP B 586 10.44 32.60 -9.44
N GLY B 587 11.76 32.67 -9.28
CA GLY B 587 12.60 31.50 -9.37
C GLY B 587 12.72 30.68 -8.11
N LEU B 588 12.09 31.11 -7.02
CA LEU B 588 12.20 30.40 -5.75
C LEU B 588 11.36 29.12 -5.77
N LEU B 589 11.89 28.09 -5.13
CA LEU B 589 11.12 26.86 -4.96
C LEU B 589 10.02 27.06 -3.92
N VAL B 590 8.95 26.27 -4.05
CA VAL B 590 7.84 26.39 -3.11
C VAL B 590 8.31 26.06 -1.69
N ALA B 591 9.15 25.04 -1.55
CA ALA B 591 9.67 24.69 -0.24
C ALA B 591 10.53 25.80 0.35
N ASP B 592 10.97 26.74 -0.48
CA ASP B 592 11.72 27.91 -0.02
C ASP B 592 10.85 29.17 0.01
N GLY B 593 9.53 29.01 0.10
CA GLY B 593 8.64 30.14 0.19
C GLY B 593 8.43 30.88 -1.11
N GLY B 594 8.76 30.25 -2.23
CA GLY B 594 8.59 30.88 -3.53
C GLY B 594 7.18 30.71 -4.05
N PRO B 595 6.85 31.47 -5.09
CA PRO B 595 5.53 31.35 -5.70
C PRO B 595 5.36 30.00 -6.39
N ASN B 596 4.12 29.52 -6.39
CA ASN B 596 3.76 28.27 -7.07
C ASN B 596 3.39 28.60 -8.51
N ILE B 597 4.19 28.11 -9.45
CA ILE B 597 4.01 28.38 -10.86
C ILE B 597 3.50 27.15 -11.61
N TYR B 598 2.92 26.19 -10.89
CA TYR B 598 2.40 24.99 -11.52
C TYR B 598 1.00 25.23 -12.07
N ASN B 599 0.77 24.81 -13.30
CA ASN B 599 -0.54 24.87 -13.93
C ASN B 599 -0.72 23.60 -14.75
N LEU B 600 -1.80 23.54 -15.52
CA LEU B 600 -2.11 22.30 -16.23
C LEU B 600 -1.02 21.93 -17.22
N ARG B 601 -0.48 22.92 -17.93
CA ARG B 601 0.43 22.62 -19.04
C ARG B 601 1.76 22.04 -18.55
N ASN B 602 2.23 22.45 -17.38
CA ASN B 602 3.58 22.11 -16.91
C ASN B 602 3.54 21.23 -15.66
N LEU B 603 2.66 20.23 -15.64
CA LEU B 603 2.59 19.30 -14.53
C LEU B 603 3.59 18.16 -14.64
N HIS B 604 4.37 18.11 -15.73
CA HIS B 604 5.28 16.99 -15.99
C HIS B 604 6.74 17.42 -15.97
N ILE B 605 7.06 18.57 -15.40
CA ILE B 605 8.41 19.10 -15.36
C ILE B 605 8.77 19.35 -13.90
N PRO B 606 9.91 18.87 -13.41
CA PRO B 606 10.29 19.17 -12.03
C PRO B 606 10.41 20.67 -11.80
N GLU B 607 10.00 21.11 -10.61
CA GLU B 607 10.03 22.54 -10.30
C GLU B 607 11.44 23.09 -10.25
N ILE B 608 12.44 22.26 -9.97
CA ILE B 608 13.82 22.72 -10.01
C ILE B 608 14.20 23.13 -11.43
N VAL B 609 13.82 22.32 -12.42
CA VAL B 609 14.10 22.66 -13.81
C VAL B 609 13.22 23.82 -14.26
N LEU B 610 11.94 23.80 -13.89
CA LEU B 610 11.02 24.83 -14.36
C LEU B 610 11.52 26.23 -14.01
N LYS B 611 12.21 26.38 -12.87
CA LYS B 611 12.65 27.67 -12.39
C LYS B 611 14.13 27.92 -12.62
N TYR B 612 14.79 27.07 -13.41
CA TYR B 612 16.24 27.20 -13.59
C TYR B 612 16.59 28.56 -14.19
N ASN B 613 15.86 28.97 -15.23
CA ASN B 613 16.21 30.23 -15.90
C ASN B 613 15.83 31.44 -15.06
N LEU B 614 14.75 31.36 -14.29
CA LEU B 614 14.32 32.48 -13.46
C LEU B 614 15.10 32.60 -12.16
N MET B 615 15.82 31.55 -11.77
CA MET B 615 16.59 31.61 -10.53
C MET B 615 17.75 32.59 -10.65
N ASP B 616 18.00 33.33 -9.58
CA ASP B 616 19.19 34.15 -9.52
C ASP B 616 20.43 33.25 -9.44
N PRO B 617 21.57 33.70 -9.98
CA PRO B 617 22.76 32.83 -9.95
C PRO B 617 23.13 32.37 -8.56
N GLU B 618 23.02 33.25 -7.56
CA GLU B 618 23.42 32.91 -6.21
C GLU B 618 22.56 31.79 -5.65
N TYR B 619 21.23 31.91 -5.78
CA TYR B 619 20.33 30.92 -5.22
C TYR B 619 20.47 29.58 -5.93
N LYS B 620 20.59 29.59 -7.26
CA LYS B 620 20.76 28.32 -7.97
C LYS B 620 22.06 27.65 -7.60
N GLY B 621 23.13 28.44 -7.42
CA GLY B 621 24.38 27.85 -6.96
C GLY B 621 24.26 27.24 -5.57
N ARG B 622 23.64 27.98 -4.65
CA ARG B 622 23.52 27.49 -3.28
C ARG B 622 22.68 26.22 -3.22
N LEU B 623 21.50 26.25 -3.85
CA LEU B 623 20.60 25.10 -3.81
C LEU B 623 21.23 23.88 -4.49
N LEU B 624 21.88 24.09 -5.64
CA LEU B 624 22.48 23.02 -6.41
C LEU B 624 24.00 22.94 -6.20
N HIS B 625 24.46 23.25 -4.99
CA HIS B 625 25.88 23.17 -4.69
C HIS B 625 26.34 21.73 -4.89
N PRO B 626 27.37 21.47 -5.71
CA PRO B 626 27.72 20.07 -6.00
C PRO B 626 28.02 19.25 -4.76
N GLN B 627 28.69 19.85 -3.78
CA GLN B 627 29.00 19.18 -2.51
C GLN B 627 28.20 19.90 -1.41
N ASN B 628 26.95 19.44 -1.22
CA ASN B 628 26.08 20.00 -0.20
C ASN B 628 25.95 19.03 0.96
N PRO B 629 25.68 19.53 2.18
CA PRO B 629 25.70 18.64 3.34
C PRO B 629 24.45 17.81 3.53
N PHE B 630 23.31 18.21 2.95
CA PHE B 630 22.05 17.52 3.18
C PHE B 630 21.84 16.32 2.27
N VAL B 631 22.66 16.15 1.23
CA VAL B 631 22.49 15.03 0.32
C VAL B 631 23.64 14.05 0.52
N GLY B 638 15.44 5.00 -2.66
CA GLY B 638 14.03 5.22 -2.95
C GLY B 638 13.80 6.38 -3.89
N ILE B 639 14.87 6.86 -4.53
CA ILE B 639 14.74 7.97 -5.47
C ILE B 639 13.90 7.54 -6.67
N LYS B 640 14.03 6.29 -7.09
CA LYS B 640 13.30 5.82 -8.26
C LYS B 640 11.81 5.70 -7.94
N GLU B 641 11.46 4.84 -6.99
CA GLU B 641 10.07 4.55 -6.65
C GLU B 641 9.78 5.00 -5.23
N ALA B 642 8.62 5.62 -5.05
CA ALA B 642 8.18 6.07 -3.74
C ALA B 642 7.31 5.00 -3.09
N ASP B 643 7.74 4.50 -1.94
CA ASP B 643 7.02 3.45 -1.23
C ASP B 643 5.68 3.96 -0.73
N LYS B 652 3.31 -0.73 -3.16
CA LYS B 652 3.29 -0.28 -4.54
C LYS B 652 4.49 0.60 -4.85
N LYS B 653 5.04 0.47 -6.06
CA LYS B 653 6.19 1.23 -6.50
C LYS B 653 5.77 2.13 -7.65
N MET B 654 5.89 3.44 -7.44
CA MET B 654 5.51 4.44 -8.43
C MET B 654 6.70 5.37 -8.67
N ASP B 655 7.02 5.59 -9.95
CA ASP B 655 8.17 6.40 -10.31
C ASP B 655 7.81 7.88 -10.29
N TYR B 656 8.72 8.70 -9.76
CA TYR B 656 8.57 10.15 -9.75
C TYR B 656 9.87 10.78 -10.24
N ASP B 657 9.74 11.86 -11.00
CA ASP B 657 10.87 12.56 -11.59
C ASP B 657 11.23 13.76 -10.73
N ALA B 658 12.46 13.80 -10.22
CA ALA B 658 12.94 14.88 -9.38
C ALA B 658 14.36 15.22 -9.79
N VAL B 659 14.94 16.20 -9.10
CA VAL B 659 16.29 16.67 -9.38
C VAL B 659 17.06 16.73 -8.06
N SER B 660 18.28 16.24 -8.08
CA SER B 660 19.10 16.24 -6.87
C SER B 660 19.34 17.67 -6.39
N GLY B 661 19.30 17.85 -5.08
CA GLY B 661 19.50 19.16 -4.51
C GLY B 661 19.39 19.10 -3.01
N THR B 662 19.56 20.27 -2.38
CA THR B 662 19.56 20.34 -0.93
C THR B 662 18.22 19.93 -0.33
N HIS B 663 17.16 19.93 -1.13
CA HIS B 663 15.84 19.49 -0.66
C HIS B 663 15.68 17.98 -0.71
N SER B 664 16.68 17.25 -1.21
CA SER B 664 16.64 15.79 -1.28
C SER B 664 17.17 15.14 0.00
N TRP B 665 17.11 15.83 1.12
CA TRP B 665 17.67 15.32 2.36
C TRP B 665 17.01 14.00 2.76
N ARG B 666 17.66 13.30 3.68
CA ARG B 666 17.22 12.00 4.17
C ARG B 666 16.48 12.14 5.49
N THR B 667 15.65 11.15 5.78
CA THR B 667 14.81 11.14 6.97
C THR B 667 15.56 10.51 8.15
N LYS B 668 15.10 10.83 9.35
CA LYS B 668 15.65 10.27 10.58
C LYS B 668 15.12 8.86 10.82
N ARG B 669 15.93 8.05 11.49
CA ARG B 669 15.51 6.71 11.91
C ARG B 669 14.58 6.87 13.11
N ASN B 670 13.33 7.22 12.82
CA ASN B 670 12.32 7.44 13.85
C ASN B 670 12.18 6.23 14.77
N THR B 676 8.02 -1.26 26.68
CA THR B 676 8.58 -2.30 25.81
C THR B 676 9.75 -1.73 25.01
N ASP B 677 10.90 -1.60 25.66
CA ASP B 677 12.09 -1.06 25.02
C ASP B 677 12.80 -2.16 24.24
N GLN B 678 12.90 -2.00 22.92
CA GLN B 678 13.57 -2.96 22.06
C GLN B 678 15.04 -2.55 21.91
N ARG B 679 15.93 -3.36 22.46
CA ARG B 679 17.36 -3.11 22.40
C ARG B 679 18.10 -4.10 21.52
N ASN B 680 17.91 -5.40 21.73
CA ASN B 680 18.64 -6.39 20.94
C ASN B 680 18.12 -6.45 19.51
N MET B 681 16.81 -6.30 19.31
CA MET B 681 16.27 -6.27 17.95
C MET B 681 16.79 -5.06 17.18
N ILE B 682 16.78 -3.89 17.82
CA ILE B 682 17.32 -2.70 17.18
C ILE B 682 18.80 -2.91 16.87
N LEU B 683 19.53 -3.53 17.80
CA LEU B 683 20.96 -3.76 17.58
C LEU B 683 21.20 -4.69 16.40
N GLU B 684 20.39 -5.73 16.25
CA GLU B 684 20.49 -6.59 15.08
C GLU B 684 20.19 -5.81 13.81
N GLU B 685 19.20 -4.91 13.87
CA GLU B 685 18.90 -4.06 12.72
C GLU B 685 20.11 -3.21 12.34
N GLN B 686 20.76 -2.61 13.33
CA GLN B 686 21.95 -1.80 13.04
C GLN B 686 23.06 -2.67 12.46
N CYS B 687 23.23 -3.89 12.99
CA CYS B 687 24.27 -4.76 12.48
C CYS B 687 24.05 -5.08 11.01
N TYR B 688 22.83 -5.47 10.65
CA TYR B 688 22.53 -5.73 9.25
C TYR B 688 22.72 -4.49 8.39
N ALA B 689 22.26 -3.34 8.88
CA ALA B 689 22.38 -2.11 8.09
C ALA B 689 23.82 -1.74 7.85
N LYS B 690 24.68 -1.86 8.87
CA LYS B 690 26.08 -1.49 8.70
C LYS B 690 26.80 -2.50 7.82
N CYS B 691 26.46 -3.79 7.92
CA CYS B 691 27.05 -4.76 7.02
C CYS B 691 26.70 -4.42 5.57
N CYS B 692 25.43 -4.09 5.31
CA CYS B 692 25.02 -3.74 3.97
C CYS B 692 25.69 -2.45 3.50
N ASN B 693 25.85 -1.47 4.40
CA ASN B 693 26.50 -0.22 4.03
C ASN B 693 27.96 -0.46 3.65
N LEU B 694 28.66 -1.30 4.42
CA LEU B 694 30.04 -1.62 4.07
C LEU B 694 30.11 -2.35 2.73
N PHE B 695 29.19 -3.29 2.51
CA PHE B 695 29.16 -3.98 1.22
C PHE B 695 28.92 -3.01 0.08
N GLU B 696 28.01 -2.07 0.26
CA GLU B 696 27.74 -1.08 -0.79
C GLU B 696 28.96 -0.19 -1.04
N ALA B 697 29.65 0.19 0.03
CA ALA B 697 30.87 0.97 -0.15
C ALA B 697 31.92 0.20 -0.94
N CYS B 698 32.08 -1.10 -0.63
CA CYS B 698 33.02 -1.91 -1.38
C CYS B 698 32.57 -2.08 -2.84
N PHE B 699 31.29 -2.32 -3.06
CA PHE B 699 30.73 -2.53 -4.39
C PHE B 699 29.72 -1.43 -4.67
N ASN B 700 30.06 -0.54 -5.60
CA ASN B 700 29.23 0.64 -5.84
C ASN B 700 27.95 0.32 -6.59
N SER B 701 27.96 -0.74 -7.40
CA SER B 701 26.79 -1.08 -8.21
C SER B 701 25.76 -1.92 -7.47
N ALA B 702 26.01 -2.25 -6.21
CA ALA B 702 25.07 -3.08 -5.47
C ALA B 702 23.71 -2.39 -5.34
N SER B 703 23.71 -1.08 -5.09
CA SER B 703 22.45 -0.36 -4.92
C SER B 703 21.64 -0.36 -6.22
N TYR B 704 22.29 -0.13 -7.36
CA TYR B 704 21.57 -0.05 -8.62
C TYR B 704 21.19 -1.43 -9.13
N ARG B 705 22.17 -2.27 -9.42
CA ARG B 705 21.95 -3.61 -9.91
C ARG B 705 22.18 -4.61 -8.78
N LYS B 706 21.19 -5.45 -8.52
CA LYS B 706 21.28 -6.35 -7.38
C LYS B 706 22.47 -7.28 -7.53
N PRO B 707 23.35 -7.39 -6.53
CA PRO B 707 24.48 -8.31 -6.64
C PRO B 707 24.01 -9.75 -6.79
N VAL B 708 24.79 -10.53 -7.53
CA VAL B 708 24.53 -11.95 -7.76
C VAL B 708 25.77 -12.73 -7.35
N GLY B 709 25.57 -13.81 -6.61
CA GLY B 709 26.69 -14.64 -6.19
C GLY B 709 26.32 -15.62 -5.09
N GLN B 710 26.91 -16.81 -5.15
CA GLN B 710 26.70 -17.85 -4.15
C GLN B 710 27.78 -17.83 -3.06
N HIS B 711 28.66 -16.83 -3.08
CA HIS B 711 29.74 -16.71 -2.13
C HIS B 711 29.41 -15.70 -1.05
N SER B 712 30.09 -15.82 0.09
CA SER B 712 29.84 -14.94 1.21
C SER B 712 30.22 -13.50 0.87
N MET B 713 29.56 -12.55 1.55
CA MET B 713 29.89 -11.14 1.33
C MET B 713 31.30 -10.81 1.78
N LEU B 714 31.77 -11.45 2.86
CA LEU B 714 33.10 -11.13 3.36
C LEU B 714 34.18 -11.46 2.34
N GLU B 715 34.09 -12.62 1.69
CA GLU B 715 35.11 -13.00 0.73
C GLU B 715 35.09 -12.08 -0.49
N ALA B 716 33.90 -11.70 -0.95
CA ALA B 716 33.80 -10.75 -2.06
C ALA B 716 34.44 -9.42 -1.67
N MET B 717 34.14 -8.92 -0.47
CA MET B 717 34.72 -7.66 -0.03
C MET B 717 36.24 -7.76 0.08
N ALA B 718 36.74 -8.89 0.60
CA ALA B 718 38.18 -9.07 0.74
C ALA B 718 38.86 -9.07 -0.61
N HIS B 719 38.29 -9.80 -1.58
CA HIS B 719 38.87 -9.80 -2.92
C HIS B 719 38.85 -8.41 -3.53
N ARG B 720 37.72 -7.70 -3.40
CA ARG B 720 37.61 -6.37 -3.96
C ARG B 720 38.66 -5.43 -3.35
N LEU B 721 38.81 -5.47 -2.02
CA LEU B 721 39.73 -4.56 -1.37
C LEU B 721 41.18 -4.92 -1.68
N ARG B 722 41.48 -6.21 -1.80
CA ARG B 722 42.84 -6.61 -2.20
C ARG B 722 43.16 -6.08 -3.59
N MET B 723 42.22 -6.25 -4.52
CA MET B 723 42.45 -5.75 -5.88
C MET B 723 42.56 -4.23 -5.89
N ASP B 724 41.75 -3.54 -5.09
CA ASP B 724 41.81 -2.09 -5.03
C ASP B 724 43.15 -1.61 -4.47
N ALA B 725 43.64 -2.29 -3.43
CA ALA B 725 44.94 -1.92 -2.88
C ALA B 725 46.06 -2.14 -3.89
N ARG B 726 46.01 -3.27 -4.62
CA ARG B 726 47.01 -3.50 -5.66
C ARG B 726 46.94 -2.41 -6.74
N LEU B 727 45.73 -2.04 -7.15
CA LEU B 727 45.57 -0.99 -8.15
C LEU B 727 46.11 0.35 -7.63
N ASP B 728 45.83 0.67 -6.36
CA ASP B 728 46.34 1.91 -5.80
C ASP B 728 47.86 1.91 -5.76
N TYR B 729 48.46 0.77 -5.40
CA TYR B 729 49.92 0.72 -5.34
C TYR B 729 50.53 0.86 -6.73
N GLU B 730 49.97 0.19 -7.73
CA GLU B 730 50.54 0.28 -9.08
C GLU B 730 50.28 1.65 -9.69
N SER B 731 49.18 2.29 -9.33
CA SER B 731 48.83 3.60 -9.88
C SER B 731 49.47 4.76 -9.11
N GLY B 732 50.22 4.47 -8.05
CA GLY B 732 50.87 5.52 -7.29
C GLY B 732 49.99 6.21 -6.27
N ARG B 733 48.75 5.74 -6.07
CA ARG B 733 47.87 6.34 -5.08
C ARG B 733 48.13 5.84 -3.67
N MET B 734 49.00 4.84 -3.51
CA MET B 734 49.23 4.20 -2.22
C MET B 734 50.72 4.11 -1.95
N SER B 735 51.10 4.38 -0.70
CA SER B 735 52.48 4.25 -0.28
C SER B 735 52.81 2.79 0.03
N LYS B 736 54.11 2.48 0.09
CA LYS B 736 54.52 1.12 0.38
C LYS B 736 54.06 0.69 1.77
N ASP B 737 54.17 1.57 2.76
CA ASP B 737 53.74 1.24 4.11
C ASP B 737 52.24 1.00 4.17
N ASP B 738 51.45 1.85 3.50
CA ASP B 738 50.01 1.64 3.45
C ASP B 738 49.67 0.32 2.77
N PHE B 739 50.37 0.01 1.68
CA PHE B 739 50.15 -1.27 1.00
C PHE B 739 50.46 -2.44 1.93
N GLU B 740 51.57 -2.35 2.67
CA GLU B 740 51.91 -3.42 3.59
C GLU B 740 50.84 -3.59 4.67
N LYS B 741 50.37 -2.47 5.22
CA LYS B 741 49.33 -2.55 6.25
C LYS B 741 48.05 -3.14 5.68
N ALA B 742 47.67 -2.73 4.48
CA ALA B 742 46.44 -3.25 3.86
C ALA B 742 46.54 -4.75 3.63
N MET B 743 47.66 -5.21 3.09
CA MET B 743 47.81 -6.64 2.84
C MET B 743 47.89 -7.42 4.14
N ALA B 744 48.51 -6.86 5.18
CA ALA B 744 48.52 -7.53 6.48
C ALA B 744 47.10 -7.67 7.02
N HIS B 745 46.29 -6.61 6.94
CA HIS B 745 44.91 -6.69 7.41
C HIS B 745 44.12 -7.71 6.60
N LEU B 746 44.29 -7.72 5.28
CA LEU B 746 43.54 -8.65 4.45
C LEU B 746 43.96 -10.09 4.71
N GLY B 747 45.26 -10.32 4.97
CA GLY B 747 45.69 -11.65 5.37
C GLY B 747 45.10 -12.06 6.69
N GLU B 748 45.04 -11.14 7.65
CA GLU B 748 44.36 -11.43 8.91
C GLU B 748 42.91 -11.80 8.67
N ILE B 749 42.26 -11.16 7.70
CA ILE B 749 40.89 -11.52 7.35
C ILE B 749 40.83 -12.96 6.88
N GLY B 750 41.83 -13.40 6.13
CA GLY B 750 41.95 -14.81 5.78
C GLY B 750 41.33 -15.18 4.45
N TYR B 751 41.53 -14.35 3.43
CA TYR B 751 41.07 -14.65 2.08
C TYR B 751 42.14 -14.25 1.06
N ILE B 752 43.39 -14.56 1.37
CA ILE B 752 44.51 -14.24 0.48
C ILE B 752 45.43 -15.45 0.35
N MET C 1 41.23 5.75 -0.48
CA MET C 1 40.12 5.48 0.47
C MET C 1 39.99 3.98 0.75
N THR C 2 40.79 3.18 0.06
CA THR C 2 40.73 1.73 0.25
C THR C 2 41.16 1.34 1.66
N LEU C 3 42.19 2.01 2.19
CA LEU C 3 42.67 1.67 3.53
C LEU C 3 41.60 1.95 4.58
N ALA C 4 40.83 3.03 4.39
CA ALA C 4 39.72 3.30 5.30
C ALA C 4 38.69 2.17 5.24
N LYS C 5 38.39 1.67 4.04
CA LYS C 5 37.46 0.56 3.92
C LYS C 5 38.00 -0.68 4.64
N ILE C 6 39.30 -0.95 4.49
CA ILE C 6 39.89 -2.12 5.13
C ILE C 6 39.82 -1.99 6.64
N GLU C 7 40.12 -0.80 7.17
CA GLU C 7 40.05 -0.59 8.61
C GLU C 7 38.62 -0.73 9.12
N LEU C 8 37.65 -0.20 8.38
CA LEU C 8 36.26 -0.34 8.79
C LEU C 8 35.82 -1.81 8.77
N LEU C 9 36.26 -2.55 7.76
CA LEU C 9 35.96 -3.98 7.71
C LEU C 9 36.59 -4.71 8.90
N LYS C 10 37.83 -4.36 9.25
CA LYS C 10 38.48 -4.97 10.40
C LYS C 10 37.71 -4.66 11.69
N GLN C 11 37.27 -3.42 11.84
CA GLN C 11 36.49 -3.06 13.02
C GLN C 11 35.19 -3.84 13.06
N LEU C 12 34.51 -3.96 11.92
CA LEU C 12 33.25 -4.68 11.87
C LEU C 12 33.43 -6.15 12.22
N LEU C 13 34.49 -6.78 11.69
CA LEU C 13 34.71 -8.19 11.93
C LEU C 13 35.01 -8.49 13.39
N ARG C 14 35.43 -7.49 14.17
CA ARG C 14 35.70 -7.74 15.59
C ARG C 14 34.44 -8.18 16.33
N ASP C 15 33.26 -7.85 15.82
CA ASP C 15 32.01 -8.29 16.41
C ASP C 15 31.63 -9.65 15.86
N ASN C 16 31.33 -10.59 16.75
CA ASN C 16 30.93 -11.92 16.31
C ASN C 16 29.64 -11.86 15.51
N GLU C 17 28.71 -10.98 15.90
CA GLU C 17 27.47 -10.84 15.15
C GLU C 17 27.73 -10.41 13.72
N ALA C 18 28.55 -9.37 13.54
CA ALA C 18 28.87 -8.92 12.19
C ALA C 18 29.65 -9.98 11.43
N LYS C 19 30.56 -10.67 12.10
CA LYS C 19 31.33 -11.73 11.42
C LYS C 19 30.41 -12.81 10.88
N THR C 20 29.47 -13.27 11.71
CA THR C 20 28.56 -14.32 11.25
C THR C 20 27.60 -13.80 10.19
N VAL C 21 27.18 -12.53 10.31
CA VAL C 21 26.32 -11.94 9.28
C VAL C 21 27.03 -11.94 7.93
N LEU C 22 28.31 -11.55 7.92
CA LEU C 22 29.04 -11.50 6.67
C LEU C 22 29.33 -12.90 6.12
N LYS C 23 29.74 -13.83 6.99
CA LYS C 23 30.16 -15.14 6.53
C LYS C 23 28.97 -15.99 6.08
N GLN C 24 27.89 -16.01 6.87
CA GLN C 24 26.75 -16.85 6.53
C GLN C 24 25.94 -16.28 5.38
N THR C 25 25.96 -14.95 5.21
CA THR C 25 25.20 -14.31 4.16
C THR C 25 25.96 -14.41 2.83
N THR C 26 25.26 -14.88 1.80
CA THR C 26 25.82 -14.91 0.46
C THR C 26 25.48 -13.61 -0.27
N VAL C 27 26.18 -13.38 -1.38
CA VAL C 27 25.96 -12.16 -2.15
C VAL C 27 24.52 -12.11 -2.66
N ASP C 28 23.95 -13.26 -2.99
CA ASP C 28 22.55 -13.29 -3.43
C ASP C 28 21.61 -12.82 -2.32
N GLN C 29 21.85 -13.29 -1.08
CA GLN C 29 20.97 -12.94 0.03
C GLN C 29 21.12 -11.50 0.49
N TYR C 30 22.13 -10.78 0.00
CA TYR C 30 22.27 -9.37 0.37
C TYR C 30 20.98 -8.61 0.11
N ASN C 31 20.37 -8.83 -1.05
CA ASN C 31 19.15 -8.11 -1.39
C ASN C 31 18.02 -8.37 -0.41
N ILE C 32 18.09 -9.48 0.34
CA ILE C 32 17.13 -9.71 1.41
C ILE C 32 17.49 -8.90 2.65
N ILE C 33 18.77 -8.95 3.05
CA ILE C 33 19.19 -8.26 4.27
C ILE C 33 18.94 -6.76 4.13
N ARG C 34 19.19 -6.21 2.94
CA ARG C 34 18.97 -4.79 2.74
C ARG C 34 17.54 -4.39 3.06
N LYS C 35 16.60 -5.32 2.91
CA LYS C 35 15.19 -5.05 3.18
C LYS C 35 14.76 -5.49 4.58
N PHE C 36 15.68 -6.00 5.39
CA PHE C 36 15.32 -6.47 6.72
C PHE C 36 15.08 -5.29 7.66
N ASN C 37 13.97 -5.33 8.38
CA ASN C 37 13.69 -4.34 9.41
C ASN C 37 12.56 -4.86 10.28
N THR C 38 12.68 -4.67 11.59
CA THR C 38 11.68 -5.12 12.57
C THR C 38 11.25 -3.89 13.36
N SER C 39 10.22 -3.20 12.86
CA SER C 39 9.73 -2.00 13.53
C SER C 39 8.42 -1.56 12.89
N ARG C 40 7.50 -1.09 13.71
CA ARG C 40 6.27 -0.45 13.25
C ARG C 40 6.37 1.03 13.55
N ILE C 41 6.41 1.85 12.50
CA ILE C 41 6.52 3.30 12.62
C ILE C 41 5.18 3.98 12.40
N GLU C 42 4.61 3.83 11.20
CA GLU C 42 3.30 4.39 10.90
C GLU C 42 2.87 3.89 9.52
N LYS C 43 1.55 3.75 9.36
CA LYS C 43 0.96 3.29 8.10
C LYS C 43 0.35 4.43 7.30
N ASN C 44 0.85 5.65 7.50
CA ASN C 44 0.41 6.80 6.72
C ASN C 44 1.60 7.75 6.59
N PRO C 45 2.35 7.65 5.50
CA PRO C 45 3.58 8.46 5.40
C PRO C 45 3.35 9.95 5.55
N SER C 46 2.21 10.46 5.06
CA SER C 46 1.94 11.90 5.18
C SER C 46 1.90 12.33 6.63
N LEU C 47 1.20 11.57 7.48
CA LEU C 47 1.12 11.90 8.90
C LEU C 47 2.49 11.82 9.56
N ARG C 48 3.26 10.79 9.26
CA ARG C 48 4.59 10.67 9.85
C ARG C 48 5.46 11.85 9.44
N MET C 49 5.37 12.27 8.18
CA MET C 49 6.15 13.43 7.74
C MET C 49 5.69 14.69 8.44
N LYS C 50 4.37 14.88 8.58
CA LYS C 50 3.85 16.04 9.28
C LYS C 50 4.40 16.11 10.69
N TRP C 51 4.39 14.98 11.40
CA TRP C 51 4.88 14.96 12.77
C TRP C 51 6.39 15.17 12.82
N ALA C 52 7.13 14.58 11.88
CA ALA C 52 8.58 14.73 11.89
C ALA C 52 9.01 16.16 11.58
N MET C 53 8.21 16.90 10.81
CA MET C 53 8.63 18.23 10.39
C MET C 53 8.53 19.24 11.53
N CYS C 54 7.70 18.98 12.54
CA CYS C 54 7.64 19.87 13.70
C CYS C 54 8.63 19.50 14.78
N SER C 55 9.35 18.38 14.64
CA SER C 55 10.38 18.03 15.59
C SER C 55 11.58 18.96 15.45
N ASN C 56 12.40 19.00 16.50
CA ASN C 56 13.51 19.94 16.54
C ASN C 56 14.52 19.65 15.43
N PHE C 57 15.00 18.41 15.35
CA PHE C 57 16.06 18.03 14.41
C PHE C 57 15.67 16.72 13.72
N PRO C 58 14.85 16.79 12.67
CA PRO C 58 14.46 15.57 11.95
C PRO C 58 15.36 15.19 10.79
N LEU C 59 16.29 16.05 10.39
CA LEU C 59 17.15 15.79 9.23
C LEU C 59 18.49 15.23 9.69
N ALA C 60 18.96 14.20 8.97
CA ALA C 60 20.21 13.52 9.29
C ALA C 60 21.35 14.17 8.52
N LEU C 61 22.16 14.97 9.21
CA LEU C 61 23.26 15.66 8.57
C LEU C 61 24.48 14.74 8.43
N THR C 62 25.35 15.09 7.49
CA THR C 62 26.60 14.38 7.27
C THR C 62 27.75 15.16 7.88
N LYS C 63 28.89 14.49 7.99
CA LYS C 63 30.08 15.05 8.63
C LYS C 63 31.07 15.49 7.56
N GLY C 64 31.42 16.77 7.59
CA GLY C 64 32.37 17.30 6.62
C GLY C 64 32.62 18.76 6.87
N ASP C 65 33.56 19.31 6.10
CA ASP C 65 33.92 20.72 6.25
C ASP C 65 32.73 21.62 5.93
N MET C 66 31.99 21.30 4.86
CA MET C 66 30.84 22.10 4.48
C MET C 66 29.76 22.06 5.56
N ALA C 67 29.55 20.90 6.17
CA ALA C 67 28.52 20.78 7.21
C ALA C 67 28.83 21.67 8.40
N ASN C 68 30.11 21.94 8.67
CA ASN C 68 30.48 22.77 9.80
C ASN C 68 30.25 24.26 9.55
N ARG C 69 30.03 24.66 8.30
CA ARG C 69 29.84 26.08 8.01
C ARG C 69 28.47 26.57 8.47
N ILE C 70 27.47 25.69 8.48
CA ILE C 70 26.14 26.08 8.95
C ILE C 70 26.23 26.42 10.44
N PRO C 71 25.69 27.55 10.88
CA PRO C 71 25.88 27.93 12.29
C PRO C 71 25.16 26.99 13.24
N LEU C 72 25.67 26.94 14.47
CA LEU C 72 24.99 26.19 15.52
C LEU C 72 23.60 26.75 15.77
N GLU C 73 23.47 28.08 15.83
CA GLU C 73 22.20 28.73 15.99
C GLU C 73 22.20 30.03 15.18
N TYR C 74 21.12 30.28 14.46
CA TYR C 74 20.96 31.49 13.65
C TYR C 74 19.78 32.28 14.19
N LYS C 75 20.08 33.35 14.93
CA LYS C 75 19.05 34.27 15.43
C LYS C 75 17.98 33.52 16.22
N GLY C 76 18.42 32.61 17.08
CA GLY C 76 17.50 31.93 17.98
C GLY C 76 17.19 30.50 17.58
N ILE C 77 17.09 30.25 16.28
CA ILE C 77 16.74 28.92 15.79
C ILE C 77 17.96 28.01 15.88
N GLN C 78 17.79 26.85 16.50
CA GLN C 78 18.87 25.88 16.65
C GLN C 78 18.95 25.05 15.38
N LEU C 79 19.78 25.51 14.45
CA LEU C 79 19.87 24.84 13.14
C LEU C 79 20.40 23.42 13.29
N LYS C 80 21.45 23.23 14.10
CA LYS C 80 22.08 21.93 14.26
C LYS C 80 22.47 21.75 15.72
N THR C 81 23.01 20.57 16.03
CA THR C 81 23.41 20.25 17.39
C THR C 81 24.66 19.37 17.33
N ASN C 82 25.48 19.47 18.38
CA ASN C 82 26.68 18.67 18.51
C ASN C 82 26.47 17.44 19.39
N ALA C 83 25.25 17.19 19.85
CA ALA C 83 24.99 16.06 20.72
C ALA C 83 25.27 14.75 19.98
N GLU C 84 25.86 13.79 20.70
CA GLU C 84 26.18 12.50 20.11
C GLU C 84 24.89 11.70 19.88
N ASP C 85 25.01 10.68 19.03
CA ASP C 85 23.89 9.82 18.69
C ASP C 85 24.31 8.36 18.82
N ILE C 86 23.32 7.51 19.07
CA ILE C 86 23.53 6.07 19.22
C ILE C 86 22.95 5.29 18.04
N GLY C 87 21.81 5.72 17.51
CA GLY C 87 21.21 5.01 16.39
C GLY C 87 22.09 5.01 15.16
N THR C 88 22.73 6.14 14.86
CA THR C 88 23.59 6.27 13.69
C THR C 88 24.94 6.91 13.99
N LYS C 89 25.16 7.42 15.20
CA LYS C 89 26.42 8.08 15.55
C LYS C 89 26.72 9.24 14.61
N GLY C 90 25.68 9.98 14.19
CA GLY C 90 25.85 11.07 13.26
C GLY C 90 25.18 12.33 13.77
N GLN C 91 25.49 13.44 13.10
CA GLN C 91 24.93 14.72 13.48
C GLN C 91 23.45 14.77 13.12
N MET C 92 22.77 15.80 13.64
CA MET C 92 21.35 16.00 13.41
C MET C 92 21.12 17.42 12.90
N CYS C 93 19.99 17.61 12.24
CA CYS C 93 19.78 18.82 11.46
C CYS C 93 18.31 19.20 11.46
N SER C 94 18.04 20.45 11.10
CA SER C 94 16.69 20.99 11.06
C SER C 94 16.44 21.63 9.70
N ILE C 95 15.17 21.70 9.32
CA ILE C 95 14.80 22.32 8.05
C ILE C 95 15.25 23.77 8.00
N ALA C 96 15.31 24.43 9.16
CA ALA C 96 15.85 25.78 9.21
C ALA C 96 17.27 25.81 8.67
N ALA C 97 18.03 24.74 8.88
CA ALA C 97 19.37 24.66 8.30
C ALA C 97 19.32 24.64 6.78
N VAL C 98 18.37 23.91 6.20
CA VAL C 98 18.23 23.88 4.75
C VAL C 98 17.88 25.28 4.24
N THR C 99 16.95 25.96 4.92
CA THR C 99 16.57 27.31 4.49
C THR C 99 17.75 28.26 4.58
N TRP C 100 18.53 28.18 5.66
CA TRP C 100 19.73 29.02 5.77
C TRP C 100 20.72 28.72 4.67
N TRP C 101 20.94 27.43 4.39
CA TRP C 101 21.84 27.04 3.31
C TRP C 101 21.41 27.71 2.01
N ASN C 102 20.13 27.60 1.68
CA ASN C 102 19.61 28.17 0.44
C ASN C 102 19.63 29.70 0.46
N THR C 103 19.63 30.31 1.64
CA THR C 103 19.65 31.77 1.74
C THR C 103 21.08 32.31 1.84
N TYR C 104 21.82 31.87 2.86
CA TYR C 104 23.21 32.28 3.07
C TYR C 104 24.11 31.06 2.99
N GLY C 105 25.14 31.15 2.16
CA GLY C 105 26.09 30.08 2.03
C GLY C 105 27.05 30.30 0.87
N PRO C 106 27.93 29.31 0.62
CA PRO C 106 28.87 29.42 -0.50
C PRO C 106 28.17 29.08 -1.81
N ILE C 107 28.30 29.98 -2.79
CA ILE C 107 27.62 29.82 -4.07
C ILE C 107 28.44 28.84 -4.89
N GLY C 108 28.03 27.57 -4.87
CA GLY C 108 28.73 26.56 -5.63
C GLY C 108 28.54 26.72 -7.12
N ASP C 109 29.40 26.03 -7.87
CA ASP C 109 29.33 26.10 -9.32
C ASP C 109 28.27 25.16 -9.87
N THR C 110 27.66 25.57 -10.97
CA THR C 110 26.68 24.75 -11.70
C THR C 110 27.01 24.88 -13.18
N GLU C 111 27.89 24.00 -13.65
CA GLU C 111 28.29 23.97 -15.05
C GLU C 111 27.93 22.67 -15.75
N GLY C 112 27.92 21.55 -15.03
CA GLY C 112 27.51 20.28 -15.58
C GLY C 112 26.12 19.84 -15.16
N PHE C 113 25.32 20.74 -14.59
CA PHE C 113 23.97 20.37 -14.17
C PHE C 113 23.08 20.09 -15.39
N GLU C 114 23.09 21.00 -16.37
CA GLU C 114 22.25 20.81 -17.55
C GLU C 114 22.68 19.57 -18.34
N ARG C 115 23.99 19.38 -18.52
CA ARG C 115 24.46 18.24 -19.28
C ARG C 115 24.07 16.92 -18.60
N VAL C 116 24.09 16.90 -17.27
CA VAL C 116 23.62 15.72 -16.55
C VAL C 116 22.10 15.59 -16.67
N TYR C 117 21.39 16.71 -16.60
CA TYR C 117 19.93 16.73 -16.57
C TYR C 117 19.34 17.19 -17.90
N GLU C 118 19.96 16.79 -19.01
CA GLU C 118 19.52 17.29 -20.31
C GLU C 118 18.12 16.83 -20.68
N SER C 119 17.63 15.73 -20.12
CA SER C 119 16.30 15.23 -20.48
C SER C 119 15.21 16.17 -19.97
N PHE C 120 15.28 16.53 -18.68
CA PHE C 120 14.27 17.44 -18.13
C PHE C 120 14.32 18.81 -18.80
N PHE C 121 15.52 19.29 -19.09
CA PHE C 121 15.65 20.56 -19.79
C PHE C 121 15.14 20.47 -21.21
N LEU C 122 15.26 19.31 -21.85
CA LEU C 122 14.64 19.11 -23.15
C LEU C 122 13.12 19.16 -23.03
N ARG C 123 12.57 18.56 -21.98
CA ARG C 123 11.13 18.67 -21.74
C ARG C 123 10.72 20.13 -21.60
N LYS C 124 11.47 20.89 -20.81
CA LYS C 124 11.16 22.30 -20.61
C LYS C 124 11.25 23.08 -21.91
N MET C 125 12.28 22.80 -22.72
CA MET C 125 12.42 23.48 -24.00
C MET C 125 11.25 23.15 -24.92
N ARG C 126 10.82 21.89 -24.94
CA ARG C 126 9.68 21.51 -25.77
C ARG C 126 8.42 22.26 -25.32
N LEU C 127 8.21 22.36 -24.02
CA LEU C 127 7.03 23.09 -23.53
C LEU C 127 7.11 24.57 -23.89
N ASP C 128 8.25 25.21 -23.61
CA ASP C 128 8.36 26.65 -23.74
C ASP C 128 8.22 27.10 -25.20
N ASN C 129 8.81 26.35 -26.12
CA ASN C 129 8.83 26.76 -27.52
C ASN C 129 7.57 26.35 -28.28
N ALA C 130 6.62 25.68 -27.63
CA ALA C 130 5.43 25.22 -28.30
C ALA C 130 4.45 26.37 -28.54
N THR C 131 3.47 26.11 -29.40
CA THR C 131 2.40 27.06 -29.70
C THR C 131 1.06 26.38 -29.47
N TRP C 132 0.09 27.17 -29.03
CA TRP C 132 -1.24 26.68 -28.70
C TRP C 132 -2.27 27.28 -29.66
N GLY C 133 -3.22 26.45 -30.08
CA GLY C 133 -4.26 26.89 -30.98
C GLY C 133 -5.59 27.10 -30.30
N ARG C 134 -6.69 26.91 -31.03
CA ARG C 134 -8.03 27.06 -30.48
C ARG C 134 -8.39 25.83 -29.66
N ILE C 135 -9.62 25.82 -29.15
CA ILE C 135 -10.16 24.69 -28.41
C ILE C 135 -11.50 24.30 -29.03
N THR C 136 -11.66 23.02 -29.34
CA THR C 136 -12.88 22.49 -29.94
C THR C 136 -13.63 21.68 -28.89
N PHE C 137 -14.91 22.02 -28.70
CA PHE C 137 -15.71 21.49 -27.59
C PHE C 137 -16.60 20.32 -27.98
N GLY C 138 -16.54 19.87 -29.23
CA GLY C 138 -17.38 18.77 -29.66
C GLY C 138 -16.87 17.44 -29.13
N PRO C 139 -17.71 16.40 -29.20
CA PRO C 139 -17.26 15.08 -28.78
C PRO C 139 -16.10 14.59 -29.63
N VAL C 140 -15.18 13.87 -29.00
CA VAL C 140 -13.94 13.44 -29.64
C VAL C 140 -13.93 11.92 -29.72
N GLU C 141 -13.32 11.41 -30.80
CA GLU C 141 -13.15 9.97 -31.02
C GLU C 141 -11.70 9.63 -30.78
N ARG C 142 -11.43 8.93 -29.68
CA ARG C 142 -10.07 8.57 -29.28
C ARG C 142 -9.87 7.08 -29.46
N VAL C 143 -8.79 6.72 -30.16
CA VAL C 143 -8.45 5.32 -30.41
C VAL C 143 -7.45 4.88 -29.35
N ARG C 144 -7.64 3.67 -28.83
CA ARG C 144 -6.72 3.10 -27.85
C ARG C 144 -5.46 2.63 -28.57
N LYS C 145 -4.31 3.16 -28.15
CA LYS C 145 -3.05 2.82 -28.78
C LYS C 145 -1.96 2.73 -27.71
N ARG C 146 -0.96 1.89 -27.97
CA ARG C 146 0.20 1.77 -27.09
C ARG C 146 1.17 2.87 -27.47
N VAL C 147 1.18 3.95 -26.68
CA VAL C 147 1.97 5.14 -26.96
C VAL C 147 3.08 5.25 -25.93
N LEU C 148 4.20 5.83 -26.37
CA LEU C 148 5.34 6.06 -25.50
C LEU C 148 5.11 7.33 -24.69
N LEU C 149 5.16 7.20 -23.35
CA LEU C 149 4.82 8.33 -22.50
C LEU C 149 5.81 9.49 -22.66
N ASN C 150 7.10 9.21 -22.73
CA ASN C 150 8.12 10.24 -22.77
C ASN C 150 9.13 9.95 -23.87
N PRO C 151 9.68 11.00 -24.51
CA PRO C 151 10.76 10.77 -25.47
C PRO C 151 12.00 10.20 -24.81
N LEU C 152 12.76 9.43 -25.58
CA LEU C 152 13.97 8.77 -25.11
C LEU C 152 15.15 9.21 -25.95
N THR C 153 16.32 9.32 -25.30
CA THR C 153 17.54 9.65 -26.04
C THR C 153 17.86 8.57 -27.07
N LYS C 154 17.72 7.31 -26.68
CA LYS C 154 17.97 6.20 -27.61
C LYS C 154 17.18 5.00 -27.11
N GLU C 155 16.08 4.68 -27.80
CA GLU C 155 15.25 3.56 -27.39
C GLU C 155 16.04 2.26 -27.45
N MET C 156 15.92 1.45 -26.39
CA MET C 156 16.56 0.15 -26.34
C MET C 156 15.86 -0.68 -25.26
N PRO C 157 15.92 -2.00 -25.33
CA PRO C 157 15.22 -2.83 -24.35
C PRO C 157 15.77 -2.60 -22.96
N PRO C 158 15.00 -2.92 -21.92
CA PRO C 158 15.46 -2.60 -20.56
C PRO C 158 16.81 -3.20 -20.22
N ASP C 159 17.08 -4.42 -20.68
CA ASP C 159 18.37 -5.03 -20.37
C ASP C 159 19.51 -4.22 -20.96
N GLU C 160 19.43 -3.93 -22.27
CA GLU C 160 20.52 -3.22 -22.92
C GLU C 160 20.76 -1.87 -22.28
N ALA C 161 19.69 -1.21 -21.84
CA ALA C 161 19.83 0.03 -21.09
C ALA C 161 20.60 -0.21 -19.79
N SER C 162 20.30 -1.32 -19.11
CA SER C 162 21.01 -1.62 -17.87
C SER C 162 22.50 -1.83 -18.11
N ASN C 163 22.86 -2.59 -19.15
CA ASN C 163 24.28 -2.77 -19.46
C ASN C 163 24.92 -1.44 -19.86
N VAL C 164 24.22 -0.61 -20.61
CA VAL C 164 24.79 0.69 -21.01
C VAL C 164 25.08 1.52 -19.77
N ILE C 165 24.13 1.56 -18.83
CA ILE C 165 24.34 2.33 -17.60
C ILE C 165 25.49 1.76 -16.80
N MET C 166 25.57 0.43 -16.70
CA MET C 166 26.66 -0.19 -15.95
C MET C 166 28.01 0.15 -16.57
N GLU C 167 28.12 0.08 -17.90
CA GLU C 167 29.36 0.44 -18.56
C GLU C 167 29.69 1.92 -18.35
N ILE C 168 28.68 2.79 -18.37
CA ILE C 168 28.94 4.21 -18.23
C ILE C 168 29.43 4.54 -16.83
N LEU C 169 28.77 4.01 -15.80
CA LEU C 169 28.99 4.44 -14.42
C LEU C 169 29.90 3.50 -13.63
N PHE C 170 29.65 2.20 -13.69
CA PHE C 170 30.38 1.20 -12.90
C PHE C 170 30.94 0.16 -13.87
N PRO C 171 32.01 0.49 -14.60
CA PRO C 171 32.53 -0.47 -15.59
C PRO C 171 33.19 -1.69 -14.97
N LYS C 172 33.84 -1.55 -13.82
CA LYS C 172 34.55 -2.68 -13.22
C LYS C 172 33.61 -3.73 -12.66
N GLU C 173 32.35 -3.38 -12.42
CA GLU C 173 31.39 -4.29 -11.80
C GLU C 173 30.46 -4.93 -12.82
N ALA C 174 30.77 -4.82 -14.11
CA ALA C 174 30.01 -5.45 -15.18
C ALA C 174 30.84 -6.53 -15.83
N GLY C 175 30.22 -7.69 -16.10
CA GLY C 175 30.91 -8.80 -16.69
C GLY C 175 30.13 -9.36 -17.88
N ILE C 176 30.76 -10.34 -18.53
CA ILE C 176 30.17 -10.99 -19.70
C ILE C 176 29.87 -9.94 -20.77
N PRO C 177 30.90 -9.34 -21.38
CA PRO C 177 30.64 -8.39 -22.47
C PRO C 177 29.76 -8.98 -23.55
N ARG C 178 28.56 -8.43 -23.72
CA ARG C 178 27.62 -8.92 -24.70
C ARG C 178 27.72 -8.09 -25.98
N GLU C 179 26.90 -8.43 -26.97
CA GLU C 179 26.86 -7.69 -28.23
C GLU C 179 25.93 -6.49 -28.12
N SER C 180 26.15 -5.68 -27.10
CA SER C 180 25.39 -4.45 -26.86
C SER C 180 26.27 -3.25 -26.59
N THR C 181 27.38 -3.43 -25.87
CA THR C 181 28.29 -2.32 -25.63
C THR C 181 28.87 -1.80 -26.94
N TRP C 182 29.18 -2.70 -27.88
CA TRP C 182 29.72 -2.28 -29.16
C TRP C 182 28.69 -1.46 -29.95
N ILE C 183 27.43 -1.88 -29.94
CA ILE C 183 26.41 -1.19 -30.72
C ILE C 183 26.23 0.23 -30.21
N HIS C 184 26.03 0.37 -28.90
CA HIS C 184 25.87 1.69 -28.28
C HIS C 184 27.20 2.17 -27.71
N ARG C 185 28.25 2.16 -28.54
CA ARG C 185 29.57 2.58 -28.09
C ARG C 185 29.67 4.10 -28.03
N GLU C 186 29.23 4.79 -29.08
CA GLU C 186 29.27 6.24 -29.08
C GLU C 186 28.37 6.81 -27.99
N LEU C 187 27.24 6.16 -27.73
CA LEU C 187 26.38 6.59 -26.64
C LEU C 187 27.13 6.55 -25.31
N ILE C 188 27.82 5.44 -25.05
CA ILE C 188 28.57 5.30 -23.80
C ILE C 188 29.67 6.35 -23.73
N LYS C 189 30.38 6.57 -24.83
CA LYS C 189 31.46 7.55 -24.83
C LYS C 189 30.93 8.95 -24.55
N GLU C 190 29.85 9.34 -25.23
CA GLU C 190 29.28 10.65 -25.02
C GLU C 190 28.79 10.82 -23.59
N LYS C 191 28.11 9.80 -23.04
CA LYS C 191 27.61 9.89 -21.68
C LYS C 191 28.76 10.01 -20.68
N ARG C 192 29.84 9.24 -20.88
CA ARG C 192 30.99 9.35 -20.00
C ARG C 192 31.60 10.74 -20.08
N GLU C 193 31.72 11.30 -21.30
CA GLU C 193 32.27 12.64 -21.44
C GLU C 193 31.38 13.66 -20.73
N LYS C 194 30.06 13.52 -20.83
CA LYS C 194 29.16 14.45 -20.17
C LYS C 194 29.11 14.22 -18.67
N LEU C 195 29.33 12.99 -18.22
CA LEU C 195 29.26 12.64 -16.81
C LEU C 195 30.63 12.65 -16.14
N LYS C 196 31.64 13.23 -16.78
CA LYS C 196 32.98 13.29 -16.20
C LYS C 196 33.08 14.47 -15.24
N GLY C 197 33.55 14.21 -14.03
CA GLY C 197 33.77 15.24 -13.04
C GLY C 197 32.56 15.62 -12.22
N THR C 198 31.39 15.06 -12.51
CA THR C 198 30.20 15.40 -11.74
C THR C 198 30.25 14.75 -10.36
N MET C 199 29.85 15.51 -9.34
CA MET C 199 29.87 15.02 -7.97
C MET C 199 28.57 14.33 -7.57
N ILE C 200 27.56 14.33 -8.44
CA ILE C 200 26.29 13.70 -8.09
C ILE C 200 26.51 12.23 -7.79
N THR C 201 25.74 11.71 -6.85
CA THR C 201 25.92 10.32 -6.43
C THR C 201 25.67 9.39 -7.61
N PRO C 202 26.46 8.32 -7.76
CA PRO C 202 26.30 7.46 -8.94
C PRO C 202 24.91 6.84 -9.09
N ILE C 203 24.21 6.57 -8.00
CA ILE C 203 22.90 5.92 -8.13
C ILE C 203 21.89 6.86 -8.78
N VAL C 204 21.95 8.16 -8.44
CA VAL C 204 21.05 9.12 -9.07
C VAL C 204 21.32 9.21 -10.57
N LEU C 205 22.60 9.24 -10.95
CA LEU C 205 22.94 9.25 -12.37
C LEU C 205 22.45 7.98 -13.06
N ALA C 206 22.60 6.83 -12.40
CA ALA C 206 22.14 5.58 -12.99
C ALA C 206 20.65 5.60 -13.23
N TYR C 207 19.88 6.08 -12.24
CA TYR C 207 18.42 6.11 -12.39
C TYR C 207 18.00 7.13 -13.43
N MET C 208 18.69 8.27 -13.50
CA MET C 208 18.36 9.24 -14.54
C MET C 208 18.63 8.69 -15.94
N LEU C 209 19.78 8.01 -16.09
CA LEU C 209 20.09 7.40 -17.39
C LEU C 209 19.07 6.33 -17.74
N GLU C 210 18.65 5.54 -16.74
CA GLU C 210 17.61 4.55 -16.98
C GLU C 210 16.32 5.22 -17.45
N ARG C 211 15.89 6.29 -16.77
CA ARG C 211 14.68 6.99 -17.18
C ARG C 211 14.84 7.54 -18.59
N GLU C 212 16.05 7.94 -18.96
CA GLU C 212 16.30 8.51 -20.28
C GLU C 212 16.45 7.45 -21.36
N LEU C 213 16.66 6.18 -20.99
CA LEU C 213 16.91 5.11 -21.96
C LEU C 213 15.80 4.08 -22.05
N VAL C 214 15.23 3.67 -20.92
CA VAL C 214 14.19 2.64 -20.93
C VAL C 214 12.85 3.28 -21.31
N ALA C 215 12.18 2.69 -22.30
CA ALA C 215 10.91 3.20 -22.78
C ALA C 215 9.79 2.92 -21.78
N ARG C 216 8.82 3.83 -21.73
CA ARG C 216 7.62 3.70 -20.91
C ARG C 216 6.42 3.79 -21.83
N ARG C 217 5.88 2.65 -22.24
CA ARG C 217 4.75 2.58 -23.16
C ARG C 217 3.50 2.13 -22.43
N ARG C 218 2.38 2.77 -22.76
CA ARG C 218 1.11 2.44 -22.11
C ARG C 218 -0.02 2.60 -23.12
N PHE C 219 -1.10 1.86 -22.88
CA PHE C 219 -2.27 1.90 -23.75
C PHE C 219 -3.18 3.05 -23.31
N LEU C 220 -3.24 4.09 -24.13
CA LEU C 220 -3.99 5.30 -23.83
C LEU C 220 -4.92 5.64 -24.99
N PRO C 221 -5.99 6.40 -24.71
CA PRO C 221 -6.84 6.89 -25.80
C PRO C 221 -6.31 8.18 -26.41
N VAL C 222 -5.96 8.15 -27.69
CA VAL C 222 -5.39 9.29 -28.39
C VAL C 222 -6.23 9.56 -29.62
N ALA C 223 -6.55 10.84 -29.85
CA ALA C 223 -7.24 11.29 -31.07
C ALA C 223 -6.37 12.38 -31.67
N GLY C 224 -5.43 11.98 -32.51
CA GLY C 224 -4.51 12.92 -33.13
C GLY C 224 -3.09 12.38 -33.18
N ALA C 225 -2.10 13.27 -33.06
CA ALA C 225 -0.72 12.84 -33.10
C ALA C 225 -0.40 11.96 -31.91
N THR C 226 0.36 10.90 -32.16
CA THR C 226 0.70 9.92 -31.13
C THR C 226 2.15 9.96 -30.69
N SER C 227 2.98 10.82 -31.29
CA SER C 227 4.38 10.87 -30.90
C SER C 227 4.51 11.27 -29.44
N ALA C 228 5.63 10.85 -28.83
CA ALA C 228 5.80 11.07 -27.40
C ALA C 228 5.73 12.55 -27.05
N GLU C 229 6.05 13.44 -27.99
CA GLU C 229 5.96 14.86 -27.72
C GLU C 229 4.54 15.27 -27.37
N PHE C 230 3.55 14.73 -28.10
CA PHE C 230 2.16 15.00 -27.77
C PHE C 230 1.69 14.21 -26.55
N ILE C 231 2.19 12.99 -26.39
CA ILE C 231 1.74 12.15 -25.28
C ILE C 231 2.15 12.76 -23.95
N GLU C 232 3.34 13.34 -23.88
CA GLU C 232 3.81 13.91 -22.62
C GLU C 232 2.89 15.02 -22.13
N MET C 233 2.20 15.70 -23.04
CA MET C 233 1.28 16.78 -22.68
C MET C 233 -0.18 16.37 -22.83
N LEU C 234 -0.45 15.13 -23.23
CA LEU C 234 -1.81 14.62 -23.41
C LEU C 234 -2.79 15.13 -22.36
N HIS C 235 -2.35 15.22 -21.10
CA HIS C 235 -3.27 15.64 -20.04
C HIS C 235 -3.89 17.00 -20.34
N CYS C 236 -3.16 17.87 -21.04
CA CYS C 236 -3.61 19.22 -21.33
C CYS C 236 -4.16 19.37 -22.74
N LEU C 237 -4.29 18.27 -23.49
CA LEU C 237 -4.73 18.31 -24.87
C LEU C 237 -6.12 17.73 -25.07
N GLN C 238 -6.34 16.49 -24.64
CA GLN C 238 -7.58 15.79 -24.91
C GLN C 238 -8.63 16.13 -23.86
N GLY C 239 -9.80 15.52 -24.00
CA GLY C 239 -10.88 15.75 -23.07
C GLY C 239 -12.13 15.05 -23.57
N GLU C 240 -13.03 14.77 -22.62
CA GLU C 240 -14.27 14.09 -22.97
C GLU C 240 -15.07 14.89 -23.99
N ASN C 241 -15.31 16.17 -23.70
CA ASN C 241 -16.11 17.03 -24.56
C ASN C 241 -15.33 18.29 -24.94
N TRP C 242 -14.01 18.17 -25.10
CA TRP C 242 -13.21 19.29 -25.55
C TRP C 242 -11.90 18.78 -26.12
N ARG C 243 -11.28 19.61 -26.95
CA ARG C 243 -10.06 19.25 -27.65
C ARG C 243 -9.26 20.53 -27.89
N GLN C 244 -7.93 20.40 -27.83
CA GLN C 244 -7.03 21.53 -28.02
C GLN C 244 -5.95 21.15 -29.02
N ILE C 245 -5.51 22.14 -29.79
CA ILE C 245 -4.45 21.95 -30.79
C ILE C 245 -3.13 22.40 -30.19
N TYR C 246 -2.15 21.51 -30.21
CA TYR C 246 -0.85 21.75 -29.60
C TYR C 246 0.24 21.43 -30.60
N HIS C 247 1.23 22.31 -30.70
CA HIS C 247 2.37 22.13 -31.60
C HIS C 247 3.65 22.19 -30.79
N PRO C 248 4.22 21.05 -30.38
CA PRO C 248 5.41 21.08 -29.53
C PRO C 248 6.58 21.74 -30.23
N GLY C 249 7.42 22.40 -29.43
CA GLY C 249 8.60 23.07 -29.95
C GLY C 249 9.83 22.18 -29.96
N GLY D 354 -14.32 14.15 60.20
CA GLY D 354 -15.28 14.29 59.12
C GLY D 354 -16.05 13.00 58.86
N PHE D 355 -16.86 13.01 57.82
CA PHE D 355 -17.66 11.85 57.42
C PHE D 355 -17.08 11.25 56.15
N MET D 356 -17.68 10.14 55.72
CA MET D 356 -17.24 9.45 54.51
C MET D 356 -18.45 9.20 53.62
N ILE D 357 -18.32 9.53 52.33
CA ILE D 357 -19.38 9.33 51.36
C ILE D 357 -18.81 8.52 50.19
N THR D 358 -19.54 7.49 49.77
CA THR D 358 -19.06 6.56 48.76
C THR D 358 -20.13 6.33 47.71
N SER D 359 -19.67 6.04 46.50
CA SER D 359 -20.52 5.63 45.38
C SER D 359 -20.25 4.16 45.11
N LYS D 360 -21.27 3.33 45.34
CA LYS D 360 -21.12 1.89 45.15
C LYS D 360 -21.08 1.54 43.67
N THR D 361 -21.87 2.23 42.86
CA THR D 361 -21.90 1.94 41.42
C THR D 361 -20.54 2.20 40.79
N LYS D 362 -19.91 3.32 41.12
CA LYS D 362 -18.59 3.65 40.60
C LYS D 362 -17.45 3.12 41.45
N ARG D 363 -17.74 2.60 42.65
CA ARG D 363 -16.73 2.09 43.57
C ARG D 363 -15.73 3.19 43.91
N LEU D 364 -16.24 4.27 44.48
CA LEU D 364 -15.43 5.41 44.87
C LEU D 364 -15.77 5.82 46.30
N LYS D 365 -14.82 6.46 46.97
CA LYS D 365 -15.04 6.96 48.33
C LYS D 365 -14.33 8.29 48.51
N ALA D 366 -14.84 9.09 49.43
CA ALA D 366 -14.25 10.40 49.69
C ALA D 366 -14.58 10.83 51.12
N GLN D 367 -13.61 11.43 51.79
CA GLN D 367 -13.75 11.92 53.15
C GLN D 367 -14.11 13.40 53.11
N ILE D 368 -15.26 13.75 53.69
CA ILE D 368 -15.70 15.13 53.79
C ILE D 368 -15.27 15.65 55.17
N PRO D 369 -14.33 16.61 55.24
CA PRO D 369 -13.91 17.14 56.55
C PRO D 369 -15.06 17.78 57.32
N THR E 359 1.25 -14.28 44.51
CA THR E 359 1.31 -12.90 44.97
C THR E 359 0.22 -12.06 44.32
N ASN E 360 -0.06 -12.35 43.05
CA ASN E 360 -1.08 -11.62 42.31
C ASN E 360 -2.46 -12.25 42.44
N TYR E 361 -2.54 -13.58 42.39
CA TYR E 361 -3.82 -14.25 42.55
C TYR E 361 -4.41 -14.01 43.94
N ALA E 362 -3.56 -14.04 44.97
CA ALA E 362 -4.03 -13.80 46.33
C ALA E 362 -4.53 -12.38 46.52
N LYS E 363 -4.11 -11.44 45.66
CA LYS E 363 -4.61 -10.08 45.76
C LYS E 363 -6.12 -10.04 45.56
N TRP E 364 -6.63 -10.82 44.61
CA TRP E 364 -8.06 -10.85 44.31
C TRP E 364 -8.79 -11.95 45.06
N ALA E 365 -8.13 -13.07 45.35
CA ALA E 365 -8.79 -14.14 46.08
C ALA E 365 -9.19 -13.69 47.48
N THR E 366 -8.31 -12.93 48.14
CA THR E 366 -8.60 -12.44 49.48
C THR E 366 -9.48 -11.20 49.49
N GLY E 367 -9.78 -10.63 48.32
CA GLY E 367 -10.63 -9.46 48.22
C GLY E 367 -9.92 -8.13 48.37
N ASP E 368 -8.60 -8.13 48.55
CA ASP E 368 -7.88 -6.87 48.69
C ASP E 368 -7.99 -6.02 47.44
N GLY E 369 -8.15 -6.65 46.27
CA GLY E 369 -8.28 -5.89 45.04
C GLY E 369 -9.55 -5.07 44.99
N LEU E 370 -10.66 -5.62 45.52
CA LEU E 370 -11.95 -4.95 45.51
C LEU E 370 -12.01 -3.93 46.65
N THR E 371 -11.27 -2.84 46.45
CA THR E 371 -11.23 -1.74 47.40
C THR E 371 -11.45 -0.44 46.66
N TYR E 372 -12.27 0.44 47.24
CA TYR E 372 -12.55 1.72 46.62
C TYR E 372 -11.30 2.60 46.60
N GLN E 373 -11.25 3.51 45.63
CA GLN E 373 -10.13 4.43 45.48
C GLN E 373 -10.56 5.83 45.89
N LYS E 374 -9.75 6.46 46.73
CA LYS E 374 -10.08 7.78 47.24
C LYS E 374 -9.94 8.83 46.14
N ILE E 375 -10.79 9.86 46.22
CA ILE E 375 -10.75 10.97 45.28
C ILE E 375 -10.79 12.27 46.09
N MET E 376 -10.35 13.35 45.45
CA MET E 376 -10.30 14.63 46.13
C MET E 376 -11.71 15.11 46.48
N LYS E 377 -11.81 15.84 47.58
CA LYS E 377 -13.13 16.19 48.13
C LYS E 377 -13.95 17.04 47.17
N GLU E 378 -13.29 17.83 46.32
CA GLU E 378 -14.03 18.71 45.41
C GLU E 378 -14.93 17.89 44.48
N VAL E 379 -14.39 16.81 43.92
CA VAL E 379 -15.20 15.96 43.04
C VAL E 379 -16.36 15.36 43.82
N ALA E 380 -16.11 14.92 45.04
CA ALA E 380 -17.17 14.30 45.84
C ALA E 380 -18.29 15.30 46.12
N ILE E 381 -17.94 16.54 46.46
CA ILE E 381 -18.96 17.57 46.67
C ILE E 381 -19.74 17.80 45.38
N ASP E 382 -19.02 17.93 44.26
CA ASP E 382 -19.70 18.14 42.99
C ASP E 382 -20.50 16.90 42.59
N ASP E 383 -19.96 15.71 42.82
CA ASP E 383 -20.68 14.49 42.47
C ASP E 383 -21.88 14.30 43.40
N GLU E 384 -23.03 13.99 42.81
CA GLU E 384 -24.26 13.79 43.58
C GLU E 384 -24.52 12.33 43.90
N THR E 385 -24.02 11.41 43.07
CA THR E 385 -24.29 9.99 43.29
C THR E 385 -23.68 9.49 44.59
N MET E 386 -22.63 10.14 45.07
CA MET E 386 -21.94 9.68 46.28
C MET E 386 -22.68 10.17 47.51
N CYS E 387 -23.18 9.24 48.31
CA CYS E 387 -23.92 9.55 49.53
C CYS E 387 -23.41 8.68 50.66
N GLN E 388 -23.58 9.17 51.89
CA GLN E 388 -23.10 8.45 53.06
C GLN E 388 -23.77 7.08 53.15
N GLU E 389 -22.95 6.06 53.40
CA GLU E 389 -23.48 4.71 53.55
C GLU E 389 -24.15 4.55 54.91
N GLU E 390 -25.24 3.80 54.93
CA GLU E 390 -25.97 3.57 56.17
C GLU E 390 -25.15 2.64 57.09
N PRO E 391 -25.42 2.68 58.40
CA PRO E 391 -24.64 1.85 59.32
C PRO E 391 -25.09 0.38 59.30
MG MG F . -14.07 -8.30 -7.78
MG MG G . -21.27 -6.01 -9.58
#